data_8RH1
#
_entry.id   8RH1
#
_cell.length_a   1.00
_cell.length_b   1.00
_cell.length_c   1.00
_cell.angle_alpha   90.00
_cell.angle_beta   90.00
_cell.angle_gamma   90.00
#
_symmetry.space_group_name_H-M   'P 1'
#
loop_
_entity.id
_entity.type
_entity.pdbx_description
1 polymer 'Envelope glycoprotein B'
2 polymer 'HDIT101 Fab heavy chain'
3 polymer 'HDIT101 Fab light chain'
#
loop_
_entity_poly.entity_id
_entity_poly.type
_entity_poly.pdbx_seq_one_letter_code
_entity_poly.pdbx_strand_id
1 'polypeptide(L)'
;AAPAAPRASGGVAATVAANGGPASRPPPVPSPATTRARKRKTKKPPERPEATPPPDANATVAAGHATLRAHLREIKVENA
DAQFYVCPPPTGATVVQFEQPRRCPTRPEGQNYTEGIAVVFKENIAPYKFKATMYYKDVTVSQVWFGHRYSQFMGIFEDR
APVPFEEVIDKINAKGVCRSTAKYVRNNMETTAFHRDDHETDMELKPAKVATRTSRGWHTTDLKYNPSRVEAFHRYGTTV
NCIVEEVDARSVYPYDEFVLATGDFVYMSPFYGYREGSHTEHTSYAADRFKQVDGFYARDLTTKARATSPTTRNLLTTPK
FTVAWDWVPKRPAVCTMTKWQEVDEMLRAEYGGSFRFSSDAISTTFTTNLTQYSLSRVDLGDCIGRDAREAIDRMFARKY
NATHIKVGQPQYYLATGGFLIAYQPLLSNTLAELYVREYMREQDRKPRNATPAPLREAPSANASVERIKTTSSIEFARLQ
FTYNHIQRHVNDMLGRIAVAWCELQNHELTLWNEARKLNPNAIASATVGRRASARMLGDVMAVSTCVPVAPDNVIVQNSM
RVSSRPGTCYSRPLVSFRYEDQGPLIEGQLGENNELRLTRDALEPCTVGHRRYFIFGGGYVYFEEYAYSHQLSRADVTTV
STFIDLNITMLEDHEFVPLEVYTRHEIKDSGLLDYTEVQRRNQLHDLRFADIDTVIRADANAA
;
A,B,C
2 'polypeptide(L)'
;TLKESGPALVKPTQTLTLTCTFSGFSLSTSGMSVGWIRQPPGKALEWLAHIWWNNDKYYKPALKSRLTISKDTSKNQVVL
TMTNMDPVDTATYYCARIYYGYRPYAMDYWGQGTLVTVSSASTKGPSVFPLAPSSKSTSGGTAALGCLVKDYFPEPVTVS
WNSGALTSGVHTFPAVLQSSGLYSLSSVVTVPSSSLGTQTYICNVNHKPSNTKVDKKVEPKSCDKTHTCPPCPAPELLGG
PSVFLFPPKPKDTLMISRTPEVTCVVVDVSHEDPEVKFNWYVDGVEVHNAKTKPREEQYNSTYRVVSVLTVLHQDWLNGK
EYKCKVSNKALPAPIEKTISKAKGQPREPQVYTLPPSRDELTKNQVSLTCLVKGFYPSDIAVEWESNGQPENNYKTTPPV
LDSDGSFFLYSKLTVDKSRWQQGNVFSCSVMHEALHNHYTQKSLSLSPGK
;
D,H,F
3 'polypeptide(L)'
;IVMTQTPLSLPVTPGEPASISCRSSQSIVHSNGNTYLEWYLQKPGQSPQLLIYKVSNRFSGVPDRFSGSGSGTDFTLKIS
RVEAEDVGVYYCFQGSHVPWSFGQGTKLEIKRTVAAPSVFIFPPSDEQLKSGTASVVCLLNNFYPREAKVQWKVDNALQS
GNSQESVTEQDSKDSTYSLSSTLTLSKADYEKHKVYACEVTHQGLSSPVTKSFNRGEC
;
E,L,G
#
# COMPACT_ATOMS: atom_id res chain seq x y z
N ALA A 82 7.97 -31.93 -59.60
CA ALA A 82 8.04 -32.91 -60.71
C ALA A 82 7.86 -32.21 -62.06
N GLN A 83 8.79 -31.30 -62.39
CA GLN A 83 8.73 -30.55 -63.63
C GLN A 83 10.10 -30.59 -64.29
N PHE A 84 10.14 -31.01 -65.56
CA PHE A 84 11.38 -31.04 -66.31
C PHE A 84 11.71 -29.66 -66.85
N TYR A 85 12.97 -29.45 -67.21
CA TYR A 85 13.39 -28.18 -67.77
C TYR A 85 14.37 -28.42 -68.91
N VAL A 86 14.18 -27.67 -69.99
CA VAL A 86 15.07 -27.71 -71.13
C VAL A 86 15.86 -26.40 -71.17
N CYS A 87 17.18 -26.53 -71.11
CA CYS A 87 18.05 -25.36 -70.97
C CYS A 87 18.82 -25.13 -72.26
N PRO A 88 18.49 -24.07 -73.02
CA PRO A 88 19.31 -23.70 -74.17
C PRO A 88 20.63 -23.12 -73.69
N PRO A 89 21.69 -23.19 -74.51
CA PRO A 89 22.98 -22.60 -74.14
C PRO A 89 22.84 -21.11 -73.85
N PRO A 90 23.53 -20.60 -72.83
CA PRO A 90 23.43 -19.19 -72.49
C PRO A 90 24.10 -18.30 -73.53
N THR A 91 23.62 -17.05 -73.58
CA THR A 91 24.17 -16.05 -74.46
C THR A 91 24.65 -14.86 -73.64
N GLY A 92 25.45 -14.01 -74.30
CA GLY A 92 26.06 -12.86 -73.67
C GLY A 92 25.07 -11.75 -73.32
N ALA A 93 23.80 -11.89 -73.72
CA ALA A 93 22.83 -10.83 -73.49
C ALA A 93 22.63 -10.59 -71.99
N THR A 94 22.51 -11.67 -71.22
CA THR A 94 22.21 -11.58 -69.80
C THR A 94 23.43 -12.03 -69.00
N VAL A 95 23.97 -11.12 -68.19
CA VAL A 95 25.15 -11.37 -67.39
C VAL A 95 24.86 -10.92 -65.96
N VAL A 96 25.25 -11.76 -64.98
CA VAL A 96 24.94 -11.53 -63.58
C VAL A 96 26.17 -11.82 -62.75
N GLN A 97 26.34 -11.11 -61.63
CA GLN A 97 27.51 -11.25 -60.76
C GLN A 97 27.06 -11.43 -59.31
N PHE A 98 27.97 -11.92 -58.47
CA PHE A 98 27.70 -12.07 -57.06
C PHE A 98 27.92 -10.77 -56.32
N GLU A 99 27.15 -10.56 -55.26
CA GLU A 99 27.30 -9.37 -54.42
C GLU A 99 28.64 -9.42 -53.70
N GLN A 100 29.30 -8.27 -53.59
CA GLN A 100 30.53 -8.18 -52.83
C GLN A 100 30.21 -8.05 -51.34
N PRO A 101 31.15 -8.41 -50.46
CA PRO A 101 30.87 -8.42 -49.03
C PRO A 101 30.38 -7.08 -48.49
N ARG A 102 29.39 -7.13 -47.60
CA ARG A 102 28.91 -5.96 -46.92
C ARG A 102 29.82 -5.59 -45.75
N ARG A 103 29.69 -4.34 -45.30
CA ARG A 103 30.34 -3.89 -44.09
C ARG A 103 29.59 -4.44 -42.89
N CYS A 104 30.23 -5.38 -42.19
CA CYS A 104 29.58 -6.03 -41.06
C CYS A 104 29.42 -5.06 -39.91
N PRO A 105 28.25 -5.03 -39.24
CA PRO A 105 28.06 -4.14 -38.11
C PRO A 105 29.03 -4.42 -36.96
N THR A 106 29.05 -3.51 -36.00
CA THR A 106 29.89 -3.64 -34.82
C THR A 106 29.03 -3.70 -33.56
N ARG A 107 29.66 -4.16 -32.46
CA ARG A 107 29.00 -4.16 -31.18
C ARG A 107 28.72 -2.73 -30.74
N PRO A 108 27.67 -2.50 -29.93
CA PRO A 108 27.44 -1.17 -29.38
C PRO A 108 28.61 -0.67 -28.54
N GLU A 109 28.65 0.63 -28.26
CA GLU A 109 29.80 1.20 -27.57
C GLU A 109 29.95 0.61 -26.17
N GLY A 110 28.81 0.28 -25.55
CA GLY A 110 28.82 -0.20 -24.18
C GLY A 110 28.74 0.98 -23.20
N GLN A 111 27.96 0.76 -22.14
CA GLN A 111 27.70 1.81 -21.17
C GLN A 111 28.96 2.07 -20.34
N ASN A 112 29.32 3.35 -20.20
CA ASN A 112 30.44 3.75 -19.37
C ASN A 112 29.95 3.94 -17.94
N TYR A 113 30.23 2.95 -17.09
CA TYR A 113 29.67 2.91 -15.75
C TYR A 113 30.67 3.49 -14.75
N THR A 114 30.15 4.29 -13.82
CA THR A 114 30.95 4.90 -12.78
C THR A 114 30.56 4.32 -11.43
N GLU A 115 31.47 3.58 -10.81
CA GLU A 115 31.22 3.01 -9.50
C GLU A 115 31.13 4.11 -8.45
N GLY A 116 30.36 3.85 -7.39
CA GLY A 116 30.20 4.82 -6.33
C GLY A 116 29.36 4.27 -5.19
N ILE A 117 29.31 5.04 -4.10
CA ILE A 117 28.56 4.68 -2.91
C ILE A 117 27.38 5.63 -2.79
N ALA A 118 26.20 5.09 -2.50
CA ALA A 118 24.99 5.91 -2.55
C ALA A 118 24.19 5.78 -1.25
N VAL A 119 23.52 6.87 -0.90
CA VAL A 119 22.54 6.88 0.17
C VAL A 119 21.25 7.44 -0.39
N VAL A 120 20.16 6.68 -0.24
CA VAL A 120 18.88 7.06 -0.79
C VAL A 120 17.98 7.55 0.32
N PHE A 121 17.48 8.77 0.16
CA PHE A 121 16.60 9.43 1.11
C PHE A 121 15.20 9.53 0.55
N LYS A 122 14.21 9.19 1.39
CA LYS A 122 12.80 9.32 1.05
C LYS A 122 12.17 10.39 1.94
N GLU A 123 10.96 10.82 1.57
CA GLU A 123 10.23 11.81 2.34
C GLU A 123 9.92 11.26 3.74
N ASN A 124 10.16 12.07 4.77
CA ASN A 124 9.95 11.65 6.14
C ASN A 124 8.52 11.96 6.52
N ILE A 125 7.77 10.92 6.90
CA ILE A 125 6.41 11.09 7.34
C ILE A 125 6.25 10.76 8.81
N ALA A 126 7.23 10.07 9.41
CA ALA A 126 7.14 9.71 10.81
C ALA A 126 7.25 10.96 11.66
N PRO A 127 6.36 11.16 12.63
CA PRO A 127 6.42 12.36 13.45
C PRO A 127 7.68 12.39 14.31
N TYR A 128 8.11 13.61 14.64
CA TYR A 128 9.14 13.80 15.65
C TYR A 128 8.56 13.49 17.03
N LYS A 129 9.19 12.57 17.73
CA LYS A 129 8.68 12.09 19.01
C LYS A 129 9.63 12.50 20.13
N PHE A 130 9.08 12.84 21.28
CA PHE A 130 9.89 13.14 22.43
C PHE A 130 9.11 12.86 23.71
N LYS A 131 9.84 12.65 24.80
CA LYS A 131 9.21 12.35 26.07
C LYS A 131 8.83 13.65 26.77
N ALA A 132 7.55 13.73 27.17
CA ALA A 132 7.07 14.87 27.92
C ALA A 132 6.50 14.38 29.24
N THR A 133 6.29 15.30 30.17
CA THR A 133 5.80 14.93 31.48
C THR A 133 4.64 15.85 31.86
N MET A 134 3.52 15.25 32.25
CA MET A 134 2.28 15.97 32.43
C MET A 134 1.92 16.00 33.91
N TYR A 135 1.74 17.21 34.44
CA TYR A 135 1.40 17.44 35.84
C TYR A 135 -0.01 18.02 35.84
N TYR A 136 -0.92 17.41 36.56
CA TYR A 136 -2.24 17.97 36.70
C TYR A 136 -2.92 17.46 37.95
N LYS A 137 -4.16 17.87 38.16
CA LYS A 137 -4.87 17.53 39.38
C LYS A 137 -6.31 17.18 39.02
N ASP A 138 -6.69 15.92 39.22
CA ASP A 138 -8.07 15.52 39.07
C ASP A 138 -8.86 16.04 40.25
N VAL A 139 -9.74 16.99 39.99
CA VAL A 139 -10.59 17.55 41.00
C VAL A 139 -12.00 16.98 40.78
N THR A 140 -12.46 16.19 41.72
CA THR A 140 -13.76 15.57 41.63
C THR A 140 -14.60 16.04 42.80
N VAL A 141 -15.65 16.81 42.51
CA VAL A 141 -16.60 17.19 43.53
C VAL A 141 -17.91 16.46 43.29
N SER A 142 -18.34 15.70 44.28
CA SER A 142 -19.50 14.84 44.18
C SER A 142 -20.60 15.33 45.11
N GLN A 143 -21.79 15.50 44.56
CA GLN A 143 -22.96 15.87 45.33
C GLN A 143 -23.80 14.63 45.55
N VAL A 144 -24.06 14.32 46.83
CA VAL A 144 -24.78 13.12 47.21
C VAL A 144 -26.01 13.52 47.99
N TRP A 145 -27.15 12.92 47.62
CA TRP A 145 -28.37 13.05 48.40
C TRP A 145 -28.54 11.78 49.23
N PHE A 146 -28.56 11.93 50.56
CA PHE A 146 -28.68 10.81 51.46
C PHE A 146 -30.16 10.61 51.78
N GLY A 147 -30.72 9.51 51.26
CA GLY A 147 -32.10 9.15 51.50
C GLY A 147 -32.28 8.46 52.85
N HIS A 148 -33.49 7.96 53.08
CA HIS A 148 -33.81 7.34 54.36
C HIS A 148 -33.00 6.06 54.56
N ARG A 149 -32.91 5.25 53.51
CA ARG A 149 -32.25 3.95 53.59
C ARG A 149 -31.06 3.84 52.65
N TYR A 150 -30.77 4.86 51.86
CA TYR A 150 -29.76 4.74 50.82
C TYR A 150 -29.13 6.10 50.56
N SER A 151 -28.14 6.10 49.68
CA SER A 151 -27.45 7.29 49.23
C SER A 151 -27.35 7.24 47.71
N GLN A 152 -27.47 8.40 47.07
CA GLN A 152 -27.53 8.48 45.62
C GLN A 152 -26.62 9.60 45.14
N PHE A 153 -25.92 9.36 44.04
CA PHE A 153 -25.14 10.41 43.42
C PHE A 153 -26.03 11.33 42.60
N MET A 154 -25.98 12.62 42.92
CA MET A 154 -26.77 13.61 42.21
C MET A 154 -25.93 14.48 41.30
N GLY A 155 -24.66 14.12 41.11
CA GLY A 155 -23.82 14.89 40.21
C GLY A 155 -22.35 14.76 40.57
N ILE A 156 -21.50 14.56 39.56
CA ILE A 156 -20.09 14.36 39.81
C ILE A 156 -19.29 15.26 38.86
N PHE A 157 -18.91 16.43 39.34
CA PHE A 157 -18.14 17.36 38.52
C PHE A 157 -16.68 16.96 38.58
N GLU A 158 -16.17 16.44 37.47
CA GLU A 158 -14.79 15.99 37.39
C GLU A 158 -14.05 16.92 36.43
N ASP A 159 -12.97 17.54 36.91
CA ASP A 159 -12.20 18.47 36.12
C ASP A 159 -10.72 18.16 36.27
N ARG A 160 -9.91 18.73 35.37
CA ARG A 160 -8.47 18.57 35.46
C ARG A 160 -7.88 19.96 35.56
N ALA A 161 -7.27 20.27 36.69
CA ALA A 161 -6.67 21.57 36.92
C ALA A 161 -5.16 21.51 36.70
N PRO A 162 -4.55 22.56 36.17
CA PRO A 162 -3.11 22.57 35.99
C PRO A 162 -2.40 22.80 37.31
N VAL A 163 -1.14 22.36 37.34
CA VAL A 163 -0.28 22.56 38.50
C VAL A 163 0.57 23.80 38.24
N PRO A 164 0.54 24.81 39.11
CA PRO A 164 1.32 26.01 38.89
C PRO A 164 2.82 25.72 38.84
N PHE A 165 3.54 26.63 38.18
CA PHE A 165 4.98 26.47 38.04
C PHE A 165 5.66 26.37 39.41
N GLU A 166 5.36 27.31 40.30
CA GLU A 166 6.03 27.35 41.59
C GLU A 166 5.71 26.10 42.39
N GLU A 167 4.59 25.42 42.09
CA GLU A 167 4.28 24.14 42.72
C GLU A 167 5.01 22.98 42.02
N VAL A 168 5.53 23.21 40.81
CA VAL A 168 6.28 22.19 40.11
C VAL A 168 7.73 22.19 40.55
N ILE A 169 8.44 23.31 40.39
CA ILE A 169 9.87 23.32 40.63
C ILE A 169 10.17 23.20 42.12
N ASP A 170 9.44 23.95 42.95
CA ASP A 170 9.74 24.00 44.37
C ASP A 170 9.25 22.75 45.10
N LYS A 171 8.09 22.23 44.72
CA LYS A 171 7.44 21.17 45.48
C LYS A 171 7.68 19.78 44.89
N ILE A 172 7.29 19.57 43.63
CA ILE A 172 7.30 18.23 43.08
C ILE A 172 8.72 17.83 42.68
N ASN A 173 9.41 18.67 41.91
CA ASN A 173 10.73 18.32 41.43
C ASN A 173 11.75 18.33 42.57
N ALA A 174 11.56 19.19 43.57
CA ALA A 174 12.53 19.29 44.65
C ALA A 174 12.19 18.38 45.83
N LYS A 175 11.04 18.59 46.45
CA LYS A 175 10.67 17.86 47.67
C LYS A 175 9.99 16.52 47.37
N GLY A 176 9.55 16.30 46.14
CA GLY A 176 8.85 15.07 45.81
C GLY A 176 7.42 15.02 46.34
N VAL A 177 6.85 16.16 46.71
CA VAL A 177 5.48 16.19 47.21
C VAL A 177 4.67 17.20 46.40
N CYS A 178 3.35 17.13 46.54
CA CYS A 178 2.45 17.99 45.78
C CYS A 178 1.42 18.56 46.75
N ARG A 179 0.97 19.79 46.48
CA ARG A 179 0.00 20.43 47.35
C ARG A 179 -1.34 19.70 47.29
N SER A 180 -2.11 19.80 48.38
CA SER A 180 -3.40 19.15 48.48
C SER A 180 -4.55 20.10 48.10
N THR A 181 -4.24 21.33 47.68
CA THR A 181 -5.26 22.24 47.19
C THR A 181 -4.91 22.66 45.78
N ALA A 182 -5.92 22.63 44.91
CA ALA A 182 -5.75 22.99 43.51
C ALA A 182 -6.34 24.38 43.31
N LYS A 183 -5.47 25.34 42.99
CA LYS A 183 -5.90 26.70 42.73
C LYS A 183 -5.65 26.96 41.24
N TYR A 184 -6.70 27.31 40.51
CA TYR A 184 -6.58 27.41 39.07
C TYR A 184 -7.69 28.30 38.52
N VAL A 185 -7.48 28.78 37.30
CA VAL A 185 -8.45 29.60 36.63
C VAL A 185 -9.26 28.73 35.68
N ARG A 186 -10.59 28.72 35.87
CA ARG A 186 -11.50 27.95 35.05
C ARG A 186 -12.71 28.79 34.76
N ASN A 187 -13.13 28.81 33.47
CA ASN A 187 -14.27 29.60 33.03
C ASN A 187 -14.18 31.04 33.55
N ASN A 188 -12.97 31.62 33.44
CA ASN A 188 -12.75 33.01 33.79
C ASN A 188 -13.19 33.29 35.23
N MET A 189 -12.83 32.39 36.14
CA MET A 189 -12.94 32.65 37.55
C MET A 189 -11.88 31.84 38.28
N GLU A 190 -11.33 32.43 39.34
CA GLU A 190 -10.26 31.82 40.13
C GLU A 190 -10.91 30.90 41.15
N THR A 191 -10.69 29.60 40.98
CA THR A 191 -11.31 28.60 41.83
C THR A 191 -10.27 27.81 42.59
N THR A 192 -10.64 27.45 43.82
CA THR A 192 -9.80 26.67 44.71
C THR A 192 -10.57 25.43 45.15
N ALA A 193 -9.90 24.28 45.06
CA ALA A 193 -10.46 23.02 45.53
C ALA A 193 -9.57 22.50 46.65
N PHE A 194 -10.15 22.31 47.84
CA PHE A 194 -9.43 21.78 48.98
C PHE A 194 -9.73 20.29 49.11
N HIS A 195 -8.68 19.48 49.08
CA HIS A 195 -8.88 18.04 49.14
C HIS A 195 -9.46 17.62 50.47
N ARG A 196 -10.44 16.72 50.45
CA ARG A 196 -11.03 16.23 51.68
C ARG A 196 -11.58 17.36 52.53
N ASP A 197 -12.04 18.43 51.88
CA ASP A 197 -12.59 19.56 52.62
C ASP A 197 -11.76 19.83 53.85
N ASP A 198 -10.46 20.01 53.67
CA ASP A 198 -9.56 20.21 54.80
C ASP A 198 -8.53 21.29 54.46
N HIS A 199 -7.54 21.43 55.35
CA HIS A 199 -6.51 22.43 55.19
C HIS A 199 -5.54 22.03 54.09
N GLU A 200 -4.77 23.01 53.61
CA GLU A 200 -3.73 22.73 52.63
C GLU A 200 -2.64 21.89 53.26
N THR A 201 -2.16 20.89 52.50
CA THR A 201 -1.16 19.96 52.99
C THR A 201 -0.29 19.51 51.83
N ASP A 202 0.93 19.08 52.14
CA ASP A 202 1.82 18.49 51.16
C ASP A 202 1.69 16.97 51.24
N MET A 203 1.42 16.33 50.11
CA MET A 203 1.20 14.89 50.07
C MET A 203 2.23 14.24 49.16
N GLU A 204 2.66 13.04 49.54
CA GLU A 204 3.68 12.31 48.80
C GLU A 204 3.12 11.79 47.48
N LEU A 205 4.00 11.64 46.49
CA LEU A 205 3.62 11.07 45.21
C LEU A 205 4.10 9.63 45.16
N LYS A 206 3.17 8.70 45.29
CA LYS A 206 3.51 7.29 45.26
C LYS A 206 3.21 6.74 43.87
N PRO A 207 3.94 5.72 43.43
CA PRO A 207 3.75 5.19 42.07
C PRO A 207 2.34 4.65 41.87
N ALA A 208 1.84 4.84 40.65
CA ALA A 208 0.53 4.33 40.27
C ALA A 208 0.60 2.83 40.09
N LYS A 209 -0.60 2.21 40.11
CA LYS A 209 -0.69 0.76 39.98
C LYS A 209 -0.22 0.35 38.59
N VAL A 210 0.42 -0.82 38.52
CA VAL A 210 1.10 -1.22 37.30
C VAL A 210 0.08 -1.65 36.26
N ALA A 211 0.28 -1.14 35.03
CA ALA A 211 -0.50 -1.53 33.88
C ALA A 211 0.43 -1.92 32.73
N THR A 212 -0.02 -2.86 31.91
CA THR A 212 0.80 -3.39 30.84
C THR A 212 0.98 -2.33 29.74
N ARG A 213 2.21 -2.24 29.22
CA ARG A 213 2.53 -1.34 28.11
C ARG A 213 2.12 0.10 28.39
N THR A 214 2.37 0.56 29.62
CA THR A 214 2.06 1.91 30.03
C THR A 214 3.29 2.57 30.65
N SER A 215 3.36 3.89 30.49
CA SER A 215 4.45 4.66 31.06
C SER A 215 4.24 4.84 32.56
N ARG A 216 5.27 5.39 33.21
CA ARG A 216 5.26 5.56 34.65
C ARG A 216 4.21 6.60 35.04
N GLY A 217 3.70 6.47 36.26
CA GLY A 217 2.72 7.42 36.77
C GLY A 217 2.79 7.52 38.28
N TRP A 218 2.47 8.70 38.80
CA TRP A 218 2.44 8.97 40.22
C TRP A 218 1.17 9.70 40.59
N HIS A 219 0.65 9.44 41.79
CA HIS A 219 -0.53 10.11 42.29
C HIS A 219 -0.46 10.23 43.79
N THR A 220 -1.25 11.15 44.36
CA THR A 220 -1.23 11.41 45.78
C THR A 220 -2.35 10.67 46.51
N THR A 221 -3.58 10.82 46.01
CA THR A 221 -4.73 10.17 46.62
C THR A 221 -5.15 8.97 45.78
N ASP A 222 -5.62 7.93 46.48
CA ASP A 222 -6.05 6.70 45.83
C ASP A 222 -7.54 6.44 46.01
N LEU A 223 -8.24 7.21 46.83
CA LEU A 223 -9.65 7.00 47.08
C LEU A 223 -10.38 8.33 46.88
N LYS A 224 -11.56 8.27 46.25
CA LYS A 224 -12.38 9.47 46.13
C LYS A 224 -13.05 9.74 47.48
N TYR A 225 -13.04 11.01 47.90
CA TYR A 225 -13.69 11.38 49.15
C TYR A 225 -15.15 11.72 48.90
N ASN A 226 -16.03 11.20 49.75
CA ASN A 226 -17.47 11.42 49.64
C ASN A 226 -18.01 11.92 50.97
N PRO A 227 -19.02 12.79 50.97
CA PRO A 227 -19.45 13.43 52.21
C PRO A 227 -20.03 12.42 53.19
N SER A 228 -19.87 12.74 54.48
CA SER A 228 -20.46 11.93 55.54
C SER A 228 -21.99 12.00 55.46
N ARG A 229 -22.63 10.89 55.82
CA ARG A 229 -24.06 10.75 55.62
C ARG A 229 -24.85 11.66 56.57
N VAL A 230 -25.78 12.42 56.00
CA VAL A 230 -26.68 13.27 56.75
C VAL A 230 -28.08 13.08 56.18
N GLU A 231 -29.06 12.85 57.06
CA GLU A 231 -30.39 12.48 56.62
C GLU A 231 -31.05 13.60 55.81
N ALA A 232 -31.46 13.27 54.58
CA ALA A 232 -32.28 14.15 53.75
C ALA A 232 -31.59 15.50 53.49
N PHE A 233 -30.34 15.44 53.04
CA PHE A 233 -29.60 16.64 52.72
C PHE A 233 -28.68 16.40 51.54
N HIS A 234 -28.57 17.39 50.66
CA HIS A 234 -27.60 17.35 49.58
C HIS A 234 -26.26 17.81 50.14
N ARG A 235 -25.24 16.96 50.02
CA ARG A 235 -23.94 17.28 50.57
C ARG A 235 -22.88 17.14 49.50
N TYR A 236 -21.91 18.07 49.54
CA TYR A 236 -20.87 18.13 48.53
C TYR A 236 -19.56 17.68 49.13
N GLY A 237 -18.80 16.88 48.36
CA GLY A 237 -17.51 16.42 48.81
C GLY A 237 -16.45 16.59 47.74
N THR A 238 -15.32 17.19 48.11
CA THR A 238 -14.27 17.51 47.16
C THR A 238 -13.11 16.52 47.29
N THR A 239 -12.51 16.18 46.16
CA THR A 239 -11.36 15.31 46.13
C THR A 239 -10.36 15.85 45.13
N VAL A 240 -9.09 15.99 45.54
CA VAL A 240 -8.03 16.46 44.67
C VAL A 240 -6.94 15.40 44.62
N ASN A 241 -6.72 14.85 43.44
CA ASN A 241 -5.69 13.86 43.22
C ASN A 241 -4.64 14.45 42.29
N CYS A 242 -3.47 14.75 42.82
CA CYS A 242 -2.37 15.31 42.03
C CYS A 242 -1.67 14.19 41.28
N ILE A 243 -1.71 14.25 39.95
CA ILE A 243 -1.23 13.19 39.09
C ILE A 243 -0.07 13.68 38.24
N VAL A 244 0.95 12.83 38.07
CA VAL A 244 2.12 13.11 37.27
C VAL A 244 2.37 11.92 36.37
N GLU A 245 2.40 12.13 35.06
CA GLU A 245 2.49 11.03 34.10
C GLU A 245 3.55 11.33 33.06
N GLU A 246 4.49 10.40 32.85
CA GLU A 246 5.33 10.46 31.67
C GLU A 246 4.52 10.04 30.45
N VAL A 247 4.60 10.83 29.39
CA VAL A 247 3.82 10.59 28.19
C VAL A 247 4.71 10.82 26.98
N ASP A 248 4.22 10.32 25.84
CA ASP A 248 4.88 10.58 24.58
C ASP A 248 4.23 11.78 23.90
N ALA A 249 5.05 12.56 23.21
CA ALA A 249 4.58 13.69 22.45
C ALA A 249 5.05 13.53 21.01
N ARG A 250 4.15 13.82 20.07
CA ARG A 250 4.42 13.67 18.66
C ARG A 250 4.10 14.96 17.95
N SER A 251 4.96 15.33 17.01
CA SER A 251 4.78 16.55 16.23
C SER A 251 5.03 16.23 14.76
N VAL A 252 4.40 17.01 13.89
CA VAL A 252 4.56 16.86 12.46
C VAL A 252 4.85 18.21 11.84
N TYR A 253 5.36 18.19 10.61
CA TYR A 253 5.70 19.43 9.92
C TYR A 253 4.46 20.28 9.77
N PRO A 254 4.55 21.61 9.99
CA PRO A 254 5.78 22.36 10.24
C PRO A 254 6.21 22.47 11.69
N TYR A 255 5.83 21.50 12.53
CA TYR A 255 6.28 21.43 13.91
C TYR A 255 5.92 22.71 14.67
N ASP A 256 4.66 23.13 14.53
CA ASP A 256 4.18 24.32 15.21
C ASP A 256 3.20 23.97 16.33
N GLU A 257 2.90 22.68 16.50
CA GLU A 257 2.06 22.21 17.60
C GLU A 257 2.30 20.71 17.76
N PHE A 258 2.17 20.22 18.99
CA PHE A 258 2.46 18.83 19.26
C PHE A 258 1.35 18.24 20.12
N VAL A 259 1.30 16.90 20.09
CA VAL A 259 0.23 16.16 20.71
C VAL A 259 0.84 15.29 21.79
N LEU A 260 0.04 14.98 22.80
CA LEU A 260 0.46 14.10 23.87
C LEU A 260 -0.18 12.72 23.69
N ALA A 261 0.31 11.76 24.47
CA ALA A 261 -0.18 10.40 24.37
C ALA A 261 -1.63 10.27 24.86
N THR A 262 -2.13 11.29 25.56
CA THR A 262 -3.47 11.25 26.11
C THR A 262 -4.51 11.83 25.17
N GLY A 263 -4.10 12.20 23.96
CA GLY A 263 -5.03 12.75 22.98
C GLY A 263 -5.34 14.23 23.17
N ASP A 264 -4.65 14.89 24.12
CA ASP A 264 -4.75 16.32 24.26
C ASP A 264 -3.70 16.99 23.39
N PHE A 265 -3.98 18.21 22.94
CA PHE A 265 -3.00 18.94 22.18
C PHE A 265 -2.43 20.08 23.00
N VAL A 266 -1.17 20.42 22.66
CA VAL A 266 -0.55 21.64 23.11
C VAL A 266 -0.24 22.48 21.88
N TYR A 267 -0.82 23.69 21.85
CA TYR A 267 -0.75 24.53 20.67
C TYR A 267 0.48 25.42 20.71
N MET A 268 1.62 24.76 20.79
CA MET A 268 2.91 25.42 20.86
C MET A 268 3.90 24.56 20.10
N SER A 269 4.84 25.20 19.44
CA SER A 269 5.88 24.48 18.76
C SER A 269 6.69 23.69 19.79
N PRO A 270 7.15 22.49 19.45
CA PRO A 270 7.92 21.72 20.40
C PRO A 270 9.22 22.39 20.78
N PHE A 271 9.71 23.32 19.96
CA PHE A 271 11.01 23.92 20.11
C PHE A 271 10.94 25.41 20.46
N TYR A 272 9.82 25.86 21.03
CA TYR A 272 9.76 27.21 21.53
C TYR A 272 10.75 27.37 22.67
N GLY A 273 11.49 28.49 22.67
CA GLY A 273 12.51 28.68 23.68
C GLY A 273 12.90 30.13 23.90
N TYR A 274 14.11 30.37 24.38
CA TYR A 274 14.49 31.74 24.71
C TYR A 274 15.76 32.19 24.02
N ARG A 275 16.53 31.24 23.50
CA ARG A 275 17.80 31.61 22.91
C ARG A 275 17.89 31.36 21.42
N GLU A 276 18.43 32.32 20.68
CA GLU A 276 18.65 32.12 19.25
C GLU A 276 17.40 31.92 18.41
N GLY A 277 16.50 32.90 18.39
CA GLY A 277 15.37 32.80 17.49
C GLY A 277 14.43 31.65 17.82
N SER A 278 14.65 30.95 18.94
CA SER A 278 13.74 29.90 19.37
C SER A 278 12.48 30.46 19.99
N HIS A 279 12.30 31.78 19.94
CA HIS A 279 11.11 32.42 20.46
C HIS A 279 10.18 32.92 19.35
N THR A 280 10.57 32.77 18.08
CA THR A 280 9.70 33.12 16.98
C THR A 280 8.83 31.95 16.54
N GLU A 281 9.06 30.75 17.09
CA GLU A 281 8.24 29.60 16.76
C GLU A 281 6.81 29.80 17.26
N HIS A 282 5.88 29.15 16.58
CA HIS A 282 4.47 29.44 16.78
C HIS A 282 4.05 29.17 18.21
N THR A 283 3.22 30.05 18.75
CA THR A 283 2.62 29.86 20.06
C THR A 283 1.21 30.44 20.02
N SER A 284 0.26 29.68 20.58
CA SER A 284 -1.12 30.10 20.63
C SER A 284 -1.57 30.46 22.04
N TYR A 285 -0.67 30.35 23.02
CA TYR A 285 -0.97 30.71 24.40
C TYR A 285 -0.30 32.04 24.73
N ALA A 286 -0.86 32.67 25.78
CA ALA A 286 -0.27 33.90 26.29
C ALA A 286 1.14 33.63 26.81
N ALA A 287 2.02 34.61 26.64
CA ALA A 287 3.43 34.41 26.89
C ALA A 287 3.70 34.11 28.37
N ASP A 288 2.79 34.48 29.28
CA ASP A 288 3.00 34.22 30.69
C ASP A 288 2.69 32.79 31.09
N ARG A 289 2.08 32.01 30.20
CA ARG A 289 1.81 30.60 30.46
C ARG A 289 3.02 29.72 30.21
N PHE A 290 4.11 30.30 29.70
CA PHE A 290 5.31 29.56 29.36
C PHE A 290 6.43 29.93 30.33
N LYS A 291 7.27 28.94 30.64
CA LYS A 291 8.39 29.16 31.54
C LYS A 291 9.48 28.17 31.18
N GLN A 292 10.66 28.70 30.81
CA GLN A 292 11.76 27.83 30.45
C GLN A 292 12.81 27.87 31.54
N VAL A 293 12.83 26.83 32.36
CA VAL A 293 13.84 26.73 33.40
C VAL A 293 15.13 26.22 32.80
N ASP A 294 16.13 27.09 32.72
CA ASP A 294 17.41 26.70 32.16
C ASP A 294 18.27 26.05 33.25
N GLY A 295 18.96 24.98 32.87
CA GLY A 295 19.72 24.21 33.84
C GLY A 295 18.82 23.56 34.88
N PHE A 296 18.02 22.58 34.44
CA PHE A 296 17.03 21.95 35.28
C PHE A 296 17.53 20.56 35.69
N TYR A 297 17.57 20.33 37.00
CA TYR A 297 18.01 19.07 37.56
C TYR A 297 16.78 18.24 37.87
N ALA A 298 16.48 17.29 36.96
CA ALA A 298 15.34 16.42 37.14
C ALA A 298 15.59 15.46 38.31
N ARG A 299 14.59 15.30 39.17
CA ARG A 299 14.66 14.39 40.29
C ARG A 299 13.61 13.30 40.09
N ASP A 300 14.08 12.09 39.80
CA ASP A 300 13.21 10.96 39.58
C ASP A 300 12.32 10.75 40.81
N LEU A 301 11.03 10.56 40.55
CA LEU A 301 10.05 10.49 41.64
C LEU A 301 9.97 9.12 42.29
N THR A 302 10.67 8.12 41.75
CA THR A 302 10.71 6.80 42.36
C THR A 302 12.01 6.61 43.16
N THR A 303 13.15 6.74 42.48
CA THR A 303 14.44 6.55 43.14
C THR A 303 14.81 7.76 44.00
N LYS A 304 14.20 8.91 43.76
CA LYS A 304 14.45 10.13 44.52
C LYS A 304 15.92 10.53 44.45
N ALA A 305 16.53 10.37 43.26
CA ALA A 305 17.90 10.74 43.03
C ALA A 305 17.96 11.85 41.99
N ARG A 306 18.55 12.98 42.37
CA ARG A 306 18.64 14.14 41.48
C ARG A 306 19.64 13.87 40.36
N ALA A 307 19.28 14.28 39.14
CA ALA A 307 20.14 14.13 37.98
C ALA A 307 21.35 15.04 38.10
N THR A 308 22.44 14.64 37.46
CA THR A 308 23.67 15.43 37.48
C THR A 308 23.72 16.44 36.34
N SER A 309 23.47 16.00 35.10
CA SER A 309 23.60 16.88 33.95
C SER A 309 22.38 17.78 33.86
N PRO A 310 22.52 19.11 33.90
CA PRO A 310 21.36 19.98 33.76
C PRO A 310 20.81 19.97 32.33
N THR A 311 19.50 20.21 32.23
CA THR A 311 18.82 20.30 30.96
C THR A 311 17.91 21.50 30.94
N THR A 312 17.61 21.98 29.73
CA THR A 312 16.72 23.11 29.56
C THR A 312 15.29 22.58 29.49
N ARG A 313 14.46 23.00 30.43
CA ARG A 313 13.13 22.44 30.61
C ARG A 313 12.05 23.48 30.29
N ASN A 314 11.32 23.24 29.21
CA ASN A 314 10.14 24.03 28.91
C ASN A 314 8.99 23.55 29.77
N LEU A 315 8.19 24.50 30.26
CA LEU A 315 7.00 24.20 31.02
C LEU A 315 5.89 25.09 30.46
N LEU A 316 4.74 24.49 30.17
CA LEU A 316 3.58 25.21 29.69
C LEU A 316 2.36 24.80 30.51
N THR A 317 1.62 25.78 30.98
CA THR A 317 0.45 25.55 31.82
C THR A 317 -0.81 25.80 30.98
N THR A 318 -1.27 24.76 30.30
CA THR A 318 -2.50 24.82 29.56
C THR A 318 -3.69 24.85 30.51
N PRO A 319 -4.89 25.22 30.05
CA PRO A 319 -6.04 25.31 30.94
C PRO A 319 -6.40 24.03 31.66
N LYS A 320 -5.95 22.86 31.15
CA LYS A 320 -6.30 21.59 31.73
C LYS A 320 -5.16 20.96 32.54
N PHE A 321 -3.92 21.09 32.07
CA PHE A 321 -2.79 20.40 32.67
C PHE A 321 -1.55 21.28 32.52
N THR A 322 -0.39 20.68 32.78
CA THR A 322 0.88 21.36 32.63
C THR A 322 1.90 20.39 32.04
N VAL A 323 2.43 20.73 30.87
CA VAL A 323 3.40 19.88 30.23
C VAL A 323 4.80 20.44 30.51
N ALA A 324 5.77 19.54 30.61
CA ALA A 324 7.16 19.89 30.68
C ALA A 324 7.93 18.99 29.73
N TRP A 325 8.86 19.58 28.98
CA TRP A 325 9.68 18.80 28.08
C TRP A 325 11.02 19.46 27.88
N ASP A 326 12.05 18.65 27.65
CA ASP A 326 13.39 19.16 27.50
C ASP A 326 13.51 19.93 26.19
N TRP A 327 14.08 21.12 26.26
CA TRP A 327 14.21 21.98 25.09
C TRP A 327 15.37 21.53 24.22
N VAL A 328 15.13 21.50 22.91
CA VAL A 328 16.15 21.19 21.94
C VAL A 328 16.01 22.17 20.78
N PRO A 329 17.11 22.50 20.09
CA PRO A 329 17.00 23.38 18.92
C PRO A 329 16.33 22.66 17.77
N LYS A 330 15.52 23.42 17.02
CA LYS A 330 14.70 22.82 15.98
C LYS A 330 15.58 22.35 14.81
N ARG A 331 16.51 23.19 14.38
CA ARG A 331 17.21 22.93 13.13
C ARG A 331 17.97 21.61 13.14
N PRO A 332 18.75 21.24 14.18
CA PRO A 332 19.41 19.94 14.17
C PRO A 332 18.60 18.78 14.75
N ALA A 333 17.30 18.98 14.99
CA ALA A 333 16.45 17.93 15.56
C ALA A 333 15.52 17.28 14.53
N VAL A 334 14.75 18.08 13.79
CA VAL A 334 13.79 17.58 12.82
C VAL A 334 14.42 17.56 11.44
N CYS A 335 13.79 16.82 10.53
CA CYS A 335 14.30 16.75 9.15
C CYS A 335 13.16 16.35 8.23
N THR A 336 13.16 16.88 7.01
CA THR A 336 12.08 16.58 6.07
C THR A 336 12.37 15.37 5.19
N MET A 337 13.55 14.74 5.37
CA MET A 337 13.86 13.52 4.65
C MET A 337 14.52 12.52 5.59
N THR A 338 14.39 11.24 5.28
CA THR A 338 14.89 10.16 6.09
C THR A 338 15.77 9.26 5.24
N LYS A 339 16.94 8.91 5.79
CA LYS A 339 17.82 7.96 5.14
C LYS A 339 17.10 6.62 4.99
N TRP A 340 16.84 6.23 3.75
CA TRP A 340 16.06 5.03 3.48
C TRP A 340 16.92 3.82 3.12
N GLN A 341 17.93 4.02 2.28
CA GLN A 341 18.73 2.89 1.83
C GLN A 341 20.20 3.26 1.72
N GLU A 342 21.07 2.25 1.87
CA GLU A 342 22.50 2.40 1.66
C GLU A 342 22.92 1.40 0.59
N VAL A 343 23.62 1.90 -0.43
CA VAL A 343 24.02 1.09 -1.56
C VAL A 343 25.53 1.11 -1.68
N ASP A 344 26.15 -0.07 -1.59
CA ASP A 344 27.59 -0.19 -1.73
C ASP A 344 28.01 0.01 -3.17
N GLU A 345 27.30 -0.61 -4.10
CA GLU A 345 27.62 -0.54 -5.51
C GLU A 345 26.44 0.04 -6.27
N MET A 346 26.42 1.37 -6.40
CA MET A 346 25.42 2.01 -7.24
C MET A 346 26.12 2.61 -8.44
N LEU A 347 26.02 1.92 -9.57
CA LEU A 347 26.67 2.38 -10.78
C LEU A 347 25.89 3.55 -11.36
N ARG A 348 26.63 4.56 -11.81
CA ARG A 348 26.03 5.74 -12.41
C ARG A 348 26.42 5.78 -13.88
N ALA A 349 25.43 6.03 -14.74
CA ALA A 349 25.66 6.12 -16.16
C ALA A 349 25.02 7.40 -16.68
N GLU A 350 25.63 7.95 -17.73
CA GLU A 350 25.08 9.11 -18.42
C GLU A 350 24.52 8.66 -19.76
N TYR A 351 23.31 9.13 -20.07
CA TYR A 351 22.62 8.71 -21.27
C TYR A 351 21.40 9.59 -21.49
N GLY A 352 21.22 10.05 -22.73
CA GLY A 352 20.06 10.82 -23.10
C GLY A 352 19.85 12.07 -22.26
N GLY A 353 20.96 12.72 -21.90
CA GLY A 353 20.91 13.90 -21.04
C GLY A 353 20.30 13.60 -19.67
N SER A 354 20.59 12.40 -19.14
CA SER A 354 20.10 12.01 -17.83
C SER A 354 21.07 11.03 -17.20
N PHE A 355 20.99 10.90 -15.87
CA PHE A 355 21.84 9.95 -15.17
C PHE A 355 21.02 8.76 -14.71
N ARG A 356 21.59 7.56 -14.82
CA ARG A 356 20.89 6.37 -14.39
C ARG A 356 21.65 5.69 -13.27
N PHE A 357 21.07 5.66 -12.07
CA PHE A 357 21.73 5.03 -10.94
C PHE A 357 21.19 3.64 -10.73
N SER A 358 21.95 2.63 -11.15
CA SER A 358 21.50 1.25 -11.04
C SER A 358 22.20 0.59 -9.85
N SER A 359 21.40 -0.01 -8.97
CA SER A 359 21.88 -0.68 -7.77
C SER A 359 21.44 -2.15 -7.85
N ASP A 360 22.43 -3.03 -8.07
CA ASP A 360 22.13 -4.45 -8.24
C ASP A 360 21.79 -5.13 -6.92
N ALA A 361 22.26 -4.58 -5.80
CA ALA A 361 22.02 -5.17 -4.49
C ALA A 361 20.52 -5.20 -4.18
N ILE A 362 19.82 -4.09 -4.47
CA ILE A 362 18.40 -4.01 -4.26
C ILE A 362 17.62 -4.07 -5.57
N SER A 363 18.33 -4.16 -6.71
CA SER A 363 17.71 -4.26 -8.03
C SER A 363 16.82 -3.06 -8.28
N THR A 364 17.43 -1.88 -8.30
CA THR A 364 16.66 -0.66 -8.41
C THR A 364 17.40 0.34 -9.30
N THR A 365 16.67 0.95 -10.23
CA THR A 365 17.23 1.94 -11.11
C THR A 365 16.47 3.24 -10.95
N PHE A 366 17.20 4.33 -10.73
CA PHE A 366 16.62 5.65 -10.69
C PHE A 366 17.13 6.49 -11.86
N THR A 367 16.26 7.39 -12.34
CA THR A 367 16.63 8.29 -13.41
C THR A 367 16.53 9.73 -12.92
N THR A 368 17.62 10.49 -13.11
CA THR A 368 17.74 11.84 -12.60
C THR A 368 18.18 12.78 -13.70
N ASN A 369 17.88 14.06 -13.53
CA ASN A 369 18.33 15.07 -14.46
C ASN A 369 19.84 15.26 -14.31
N LEU A 370 20.47 15.87 -15.31
CA LEU A 370 21.93 15.97 -15.32
C LEU A 370 22.46 16.82 -14.17
N THR A 371 21.82 17.96 -13.92
CA THR A 371 22.31 18.89 -12.92
C THR A 371 22.06 18.36 -11.52
N GLN A 372 22.91 18.79 -10.58
CA GLN A 372 22.75 18.41 -9.18
C GLN A 372 21.54 19.13 -8.58
N TYR A 373 21.12 18.65 -7.40
CA TYR A 373 19.99 19.24 -6.70
C TYR A 373 20.53 20.13 -5.58
N SER A 374 20.13 21.40 -5.63
CA SER A 374 20.58 22.38 -4.65
C SER A 374 20.09 21.97 -3.26
N LEU A 375 21.04 21.61 -2.38
CA LEU A 375 20.69 21.10 -1.06
C LEU A 375 19.97 22.14 -0.21
N SER A 376 20.22 23.42 -0.47
CA SER A 376 19.55 24.50 0.26
C SER A 376 18.05 24.55 -0.04
N ARG A 377 17.63 23.96 -1.16
CA ARG A 377 16.21 23.99 -1.53
C ARG A 377 15.36 23.11 -0.61
N VAL A 378 15.99 22.12 0.04
CA VAL A 378 15.26 21.23 0.92
C VAL A 378 14.97 21.95 2.23
N ASP A 379 13.70 21.96 2.63
CA ASP A 379 13.30 22.57 3.88
C ASP A 379 13.84 21.77 5.06
N LEU A 380 14.46 22.46 6.01
CA LEU A 380 15.03 21.84 7.20
C LEU A 380 15.98 20.70 6.83
N GLY A 381 16.80 20.97 5.80
CA GLY A 381 17.68 19.96 5.26
C GLY A 381 19.05 19.91 5.94
N ASP A 382 19.07 19.97 7.27
CA ASP A 382 20.33 19.95 7.99
C ASP A 382 20.81 18.53 8.31
N CYS A 383 19.93 17.53 8.17
CA CYS A 383 20.30 16.17 8.55
C CYS A 383 20.87 15.39 7.38
N ILE A 384 20.47 15.78 6.14
CA ILE A 384 20.83 14.98 4.98
C ILE A 384 22.35 14.96 4.81
N GLY A 385 22.99 16.13 4.91
CA GLY A 385 24.43 16.20 4.75
C GLY A 385 25.16 15.31 5.75
N ARG A 386 24.79 15.43 7.02
CA ARG A 386 25.45 14.70 8.09
C ARG A 386 25.25 13.19 7.89
N ASP A 387 24.01 12.76 7.67
CA ASP A 387 23.73 11.35 7.52
C ASP A 387 24.46 10.77 6.32
N ALA A 388 24.41 11.50 5.18
CA ALA A 388 25.07 11.02 3.98
C ALA A 388 26.58 10.88 4.19
N ARG A 389 27.19 11.90 4.82
CA ARG A 389 28.62 11.85 5.03
C ARG A 389 29.00 10.70 5.95
N GLU A 390 28.28 10.52 7.06
CA GLU A 390 28.61 9.45 7.99
C GLU A 390 28.45 8.08 7.33
N ALA A 391 27.33 7.89 6.61
CA ALA A 391 27.06 6.61 5.98
C ALA A 391 28.10 6.30 4.91
N ILE A 392 28.41 7.30 4.07
CA ILE A 392 29.38 7.09 3.01
C ILE A 392 30.76 6.77 3.59
N ASP A 393 31.17 7.48 4.64
CA ASP A 393 32.47 7.20 5.25
C ASP A 393 32.51 5.79 5.82
N ARG A 394 31.45 5.39 6.54
CA ARG A 394 31.42 4.04 7.11
C ARG A 394 31.50 2.98 6.00
N MET A 395 30.71 3.17 4.95
CA MET A 395 30.63 2.20 3.86
C MET A 395 31.96 2.09 3.12
N PHE A 396 32.58 3.24 2.84
CA PHE A 396 33.87 3.27 2.17
C PHE A 396 34.94 2.58 3.01
N ALA A 397 34.97 2.87 4.32
CA ALA A 397 35.93 2.21 5.21
C ALA A 397 35.68 0.71 5.25
N ARG A 398 34.41 0.31 5.17
CA ARG A 398 34.07 -1.10 5.26
C ARG A 398 34.52 -1.86 4.01
N LYS A 399 34.39 -1.25 2.83
CA LYS A 399 34.66 -1.99 1.61
C LYS A 399 35.82 -1.46 0.76
N TYR A 400 35.84 -0.16 0.47
CA TYR A 400 36.62 0.32 -0.65
C TYR A 400 37.93 0.99 -0.26
N ASN A 401 38.40 0.84 0.98
CA ASN A 401 39.61 1.52 1.42
C ASN A 401 40.83 1.04 0.63
N ALA A 402 40.88 -0.26 0.35
CA ALA A 402 42.06 -0.88 -0.23
C ALA A 402 42.04 -0.92 -1.76
N THR A 403 40.95 -0.50 -2.41
CA THR A 403 40.86 -0.67 -3.85
C THR A 403 40.53 0.65 -4.57
N HIS A 404 39.70 1.47 -3.93
CA HIS A 404 39.22 2.69 -4.55
C HIS A 404 39.52 3.89 -3.65
N ILE A 405 39.37 5.08 -4.25
CA ILE A 405 39.48 6.35 -3.54
C ILE A 405 38.29 7.21 -3.93
N LYS A 406 37.88 8.07 -2.99
CA LYS A 406 36.77 8.98 -3.22
C LYS A 406 37.17 10.02 -4.25
N VAL A 407 36.19 10.45 -5.04
CA VAL A 407 36.41 11.44 -6.09
C VAL A 407 35.52 12.64 -5.80
N GLY A 408 36.09 13.63 -5.11
CA GLY A 408 35.39 14.87 -4.81
C GLY A 408 34.38 14.73 -3.69
N GLN A 409 33.71 15.84 -3.40
CA GLN A 409 32.71 15.90 -2.36
C GLN A 409 31.47 15.12 -2.81
N PRO A 410 30.74 14.48 -1.88
CA PRO A 410 29.49 13.83 -2.22
C PRO A 410 28.50 14.76 -2.92
N GLN A 411 27.89 14.24 -3.98
CA GLN A 411 26.93 14.98 -4.79
C GLN A 411 25.50 14.58 -4.42
N TYR A 412 24.54 15.41 -4.80
CA TYR A 412 23.14 15.13 -4.51
C TYR A 412 22.32 15.28 -5.79
N TYR A 413 21.49 14.28 -6.06
CA TYR A 413 20.60 14.30 -7.22
C TYR A 413 19.19 13.94 -6.80
N LEU A 414 18.21 14.49 -7.52
CA LEU A 414 16.81 14.17 -7.31
C LEU A 414 16.37 13.18 -8.38
N ALA A 415 15.78 12.06 -7.93
CA ALA A 415 15.36 10.98 -8.81
C ALA A 415 13.85 10.93 -8.83
N THR A 416 13.32 10.58 -10.00
CA THR A 416 11.90 10.59 -10.27
C THR A 416 11.13 9.83 -9.21
N GLY A 417 9.98 10.38 -8.83
CA GLY A 417 9.24 9.86 -7.71
C GLY A 417 9.60 10.50 -6.37
N GLY A 418 10.65 11.32 -6.35
CA GLY A 418 11.01 12.07 -5.16
C GLY A 418 11.98 11.30 -4.25
N PHE A 419 13.09 10.84 -4.82
CA PHE A 419 14.11 10.17 -4.04
C PHE A 419 15.42 10.95 -4.13
N LEU A 420 16.00 11.31 -2.99
CA LEU A 420 17.21 12.10 -2.98
C LEU A 420 18.41 11.17 -2.83
N ILE A 421 19.21 11.09 -3.88
CA ILE A 421 20.36 10.19 -3.88
C ILE A 421 21.62 11.02 -3.63
N ALA A 422 22.29 10.73 -2.52
CA ALA A 422 23.63 11.23 -2.27
C ALA A 422 24.62 10.23 -2.84
N TYR A 423 25.43 10.69 -3.80
CA TYR A 423 26.32 9.82 -4.54
C TYR A 423 27.76 10.25 -4.32
N GLN A 424 28.60 9.32 -3.89
CA GLN A 424 30.02 9.54 -3.76
C GLN A 424 30.73 8.73 -4.82
N PRO A 425 31.28 9.38 -5.86
CA PRO A 425 31.99 8.65 -6.90
C PRO A 425 33.31 8.06 -6.39
N LEU A 426 33.67 6.91 -6.97
CA LEU A 426 34.90 6.22 -6.62
C LEU A 426 35.75 6.01 -7.86
N LEU A 427 37.07 5.99 -7.65
CA LEU A 427 38.01 5.62 -8.69
C LEU A 427 38.91 4.52 -8.16
N SER A 428 39.10 3.47 -8.96
CA SER A 428 40.04 2.43 -8.62
C SER A 428 41.46 2.99 -8.60
N ASN A 429 42.36 2.28 -7.95
CA ASN A 429 43.74 2.75 -7.83
C ASN A 429 44.40 2.91 -9.20
N THR A 430 43.87 2.19 -10.21
CA THR A 430 44.38 2.33 -11.58
C THR A 430 43.86 3.62 -12.24
N VAL A 465 12.81 26.89 -1.14
CA VAL A 465 12.53 26.07 0.07
C VAL A 465 11.20 25.35 -0.12
N GLU A 466 11.29 24.05 -0.45
CA GLU A 466 10.11 23.25 -0.73
C GLU A 466 10.30 21.87 -0.13
N ARG A 467 9.17 21.20 0.10
CA ARG A 467 9.15 19.85 0.65
C ARG A 467 8.85 18.87 -0.47
N ILE A 468 9.77 17.93 -0.69
CA ILE A 468 9.64 17.00 -1.81
C ILE A 468 8.71 15.84 -1.42
N LYS A 469 7.71 15.59 -2.27
CA LYS A 469 6.76 14.50 -2.05
C LYS A 469 7.27 13.26 -2.76
N THR A 470 7.28 12.13 -2.04
CA THR A 470 7.85 10.90 -2.56
C THR A 470 6.75 9.88 -2.84
N THR A 471 6.83 9.26 -4.02
CA THR A 471 5.89 8.22 -4.39
C THR A 471 6.01 7.02 -3.46
N SER A 472 4.88 6.33 -3.26
CA SER A 472 4.79 5.24 -2.31
C SER A 472 5.14 3.88 -2.91
N SER A 473 5.36 3.81 -4.23
CA SER A 473 5.59 2.53 -4.89
C SER A 473 6.95 2.60 -5.60
N ILE A 474 7.93 1.92 -4.99
CA ILE A 474 9.24 1.79 -5.61
C ILE A 474 9.23 0.82 -6.78
N GLU A 475 8.12 0.08 -6.96
CA GLU A 475 8.05 -1.01 -7.92
C GLU A 475 8.52 -0.60 -9.31
N PHE A 476 8.06 0.57 -9.78
CA PHE A 476 8.40 1.02 -11.12
C PHE A 476 9.91 0.98 -11.32
N ALA A 477 10.67 1.52 -10.37
CA ALA A 477 12.11 1.54 -10.51
C ALA A 477 12.65 0.14 -10.71
N ARG A 478 12.22 -0.80 -9.87
CA ARG A 478 12.62 -2.19 -10.04
C ARG A 478 12.31 -2.67 -11.45
N LEU A 479 11.09 -2.42 -11.92
CA LEU A 479 10.73 -2.77 -13.28
C LEU A 479 11.78 -2.24 -14.23
N GLN A 480 12.06 -0.94 -14.12
CA GLN A 480 13.04 -0.33 -15.02
C GLN A 480 14.33 -1.14 -15.01
N PHE A 481 14.89 -1.37 -13.82
CA PHE A 481 16.11 -2.13 -13.72
C PHE A 481 15.95 -3.48 -14.42
N THR A 482 14.89 -4.20 -14.06
CA THR A 482 14.64 -5.48 -14.69
C THR A 482 14.62 -5.32 -16.21
N TYR A 483 13.78 -4.40 -16.70
CA TYR A 483 13.65 -4.27 -18.12
C TYR A 483 14.98 -3.89 -18.73
N ASN A 484 15.77 -3.07 -18.04
CA ASN A 484 17.08 -2.75 -18.57
C ASN A 484 17.91 -4.01 -18.66
N HIS A 485 18.03 -4.73 -17.54
CA HIS A 485 19.00 -5.82 -17.48
C HIS A 485 18.81 -6.82 -18.63
N ILE A 486 17.66 -7.49 -18.64
CA ILE A 486 17.30 -8.38 -19.75
C ILE A 486 17.62 -7.71 -21.08
N GLN A 487 17.05 -6.51 -21.29
CA GLN A 487 17.22 -5.83 -22.56
C GLN A 487 18.70 -5.74 -22.89
N ARG A 488 19.48 -5.21 -21.94
CA ARG A 488 20.88 -4.98 -22.20
C ARG A 488 21.49 -6.27 -22.72
N HIS A 489 21.27 -7.37 -22.00
CA HIS A 489 21.86 -8.64 -22.41
C HIS A 489 21.51 -8.96 -23.86
N VAL A 490 20.22 -8.97 -24.18
CA VAL A 490 19.86 -9.34 -25.54
C VAL A 490 20.33 -8.25 -26.50
N ASN A 491 20.28 -6.99 -26.06
CA ASN A 491 20.72 -5.92 -26.94
C ASN A 491 22.21 -6.04 -27.19
N ASP A 492 22.87 -6.88 -26.40
CA ASP A 492 24.29 -7.12 -26.63
C ASP A 492 24.50 -8.42 -27.40
N MET A 493 23.84 -9.49 -26.99
CA MET A 493 24.05 -10.81 -27.63
C MET A 493 23.50 -10.91 -29.05
N LEU A 494 22.21 -10.60 -29.23
CA LEU A 494 21.63 -10.63 -30.56
C LEU A 494 22.58 -9.92 -31.49
N GLY A 495 23.14 -8.82 -31.02
CA GLY A 495 24.10 -8.08 -31.82
C GLY A 495 25.30 -8.93 -32.20
N ARG A 496 25.87 -9.65 -31.24
CA ARG A 496 26.97 -10.54 -31.56
C ARG A 496 26.57 -11.47 -32.69
N ILE A 497 25.45 -12.16 -32.54
CA ILE A 497 24.98 -13.07 -33.58
C ILE A 497 24.97 -12.34 -34.89
N ALA A 498 24.40 -11.13 -34.91
CA ALA A 498 24.34 -10.33 -36.12
C ALA A 498 25.73 -10.22 -36.74
N VAL A 499 26.71 -9.78 -35.96
CA VAL A 499 28.05 -9.68 -36.46
C VAL A 499 28.51 -11.06 -36.94
N ALA A 500 28.35 -12.06 -36.09
CA ALA A 500 28.77 -13.40 -36.45
C ALA A 500 28.05 -13.87 -37.70
N TRP A 501 26.79 -13.48 -37.86
CA TRP A 501 26.06 -13.83 -39.06
C TRP A 501 26.72 -13.16 -40.25
N CYS A 502 26.92 -11.85 -40.17
CA CYS A 502 27.42 -11.09 -41.30
C CYS A 502 28.70 -11.71 -41.84
N GLU A 503 29.75 -11.73 -41.01
CA GLU A 503 31.02 -12.27 -41.45
C GLU A 503 30.85 -13.66 -42.07
N LEU A 504 29.95 -14.46 -41.53
CA LEU A 504 29.72 -15.79 -42.06
C LEU A 504 29.46 -15.72 -43.55
N GLN A 505 28.49 -14.91 -43.97
CA GLN A 505 28.24 -14.77 -45.39
C GLN A 505 29.49 -14.28 -46.12
N ASN A 506 30.15 -13.27 -45.59
CA ASN A 506 31.35 -12.78 -46.23
C ASN A 506 32.35 -13.92 -46.42
N HIS A 507 32.39 -14.87 -45.48
CA HIS A 507 33.24 -16.02 -45.63
C HIS A 507 32.72 -16.96 -46.71
N GLU A 508 31.42 -17.25 -46.68
CA GLU A 508 30.84 -18.24 -47.59
C GLU A 508 31.07 -17.88 -49.04
N LEU A 509 31.13 -16.58 -49.34
CA LEU A 509 31.33 -16.12 -50.71
C LEU A 509 32.55 -16.79 -51.33
N THR A 510 33.61 -16.99 -50.52
CA THR A 510 34.83 -17.54 -51.07
C THR A 510 34.57 -18.95 -51.61
N LEU A 511 33.74 -19.73 -50.92
CA LEU A 511 33.36 -21.04 -51.45
C LEU A 511 32.53 -20.87 -52.71
N TRP A 512 31.58 -19.93 -52.71
CA TRP A 512 30.68 -19.78 -53.84
C TRP A 512 31.44 -19.42 -55.11
N ASN A 513 32.44 -18.53 -55.01
CA ASN A 513 33.24 -18.18 -56.17
C ASN A 513 33.90 -19.40 -56.79
N GLU A 514 34.10 -20.46 -56.01
CA GLU A 514 34.60 -21.71 -56.57
C GLU A 514 33.48 -22.57 -57.10
N ALA A 515 32.35 -22.61 -56.40
CA ALA A 515 31.25 -23.49 -56.80
C ALA A 515 30.71 -23.10 -58.17
N ARG A 516 30.58 -21.80 -58.44
CA ARG A 516 30.14 -21.34 -59.75
C ARG A 516 31.04 -21.89 -60.87
N LYS A 517 32.32 -22.08 -60.57
CA LYS A 517 33.23 -22.63 -61.56
C LYS A 517 33.01 -24.13 -61.73
N LEU A 518 32.67 -24.84 -60.65
CA LEU A 518 32.51 -26.28 -60.71
C LEU A 518 31.26 -26.65 -61.52
N ASN A 519 30.13 -26.02 -61.21
CA ASN A 519 28.86 -26.34 -61.84
C ASN A 519 28.03 -25.07 -61.94
N PRO A 520 28.23 -24.28 -63.02
CA PRO A 520 27.55 -23.00 -63.12
C PRO A 520 26.03 -23.10 -63.14
N ASN A 521 25.49 -24.19 -63.67
CA ASN A 521 24.06 -24.34 -63.80
C ASN A 521 23.39 -24.36 -62.44
N ALA A 522 23.86 -25.25 -61.55
CA ALA A 522 23.26 -25.41 -60.24
C ALA A 522 23.42 -24.12 -59.42
N ILE A 523 24.62 -23.52 -59.49
CA ILE A 523 24.88 -22.30 -58.72
C ILE A 523 23.97 -21.17 -59.17
N ALA A 524 23.83 -21.01 -60.50
CA ALA A 524 22.93 -19.98 -61.02
C ALA A 524 21.49 -20.26 -60.60
N SER A 525 21.07 -21.53 -60.66
CA SER A 525 19.71 -21.88 -60.30
C SER A 525 19.43 -21.52 -58.85
N ALA A 526 20.39 -21.80 -57.96
CA ALA A 526 20.21 -21.53 -56.55
C ALA A 526 20.24 -20.02 -56.27
N THR A 527 21.17 -19.31 -56.94
CA THR A 527 21.42 -17.92 -56.62
C THR A 527 20.35 -17.00 -57.21
N VAL A 528 20.10 -17.11 -58.52
CA VAL A 528 19.22 -16.18 -59.22
C VAL A 528 17.77 -16.36 -58.78
N GLY A 529 17.36 -17.62 -58.53
CA GLY A 529 16.01 -17.90 -58.06
C GLY A 529 15.15 -18.63 -59.08
N ARG A 530 15.63 -18.79 -60.31
CA ARG A 530 14.90 -19.49 -61.35
C ARG A 530 15.79 -20.57 -61.96
N ARG A 531 15.17 -21.63 -62.46
CA ARG A 531 15.91 -22.67 -63.15
C ARG A 531 16.49 -22.12 -64.46
N ALA A 532 17.79 -21.83 -64.45
CA ALA A 532 18.45 -21.22 -65.60
C ALA A 532 19.71 -22.01 -65.92
N SER A 533 20.17 -21.85 -67.16
CA SER A 533 21.44 -22.40 -67.60
C SER A 533 22.47 -21.29 -67.63
N ALA A 534 23.64 -21.57 -67.08
CA ALA A 534 24.70 -20.57 -67.00
C ALA A 534 26.00 -21.17 -67.49
N ARG A 535 26.88 -20.28 -67.97
CA ARG A 535 28.23 -20.66 -68.33
C ARG A 535 29.17 -19.56 -67.88
N MET A 536 30.41 -19.96 -67.59
CA MET A 536 31.41 -19.01 -67.16
C MET A 536 32.04 -18.34 -68.37
N LEU A 537 32.16 -17.01 -68.30
CA LEU A 537 32.70 -16.21 -69.41
C LEU A 537 33.84 -15.33 -68.91
N GLY A 538 34.78 -15.96 -68.19
CA GLY A 538 35.89 -15.23 -67.60
C GLY A 538 35.74 -15.14 -66.09
N ASP A 539 35.35 -13.96 -65.58
CA ASP A 539 35.15 -13.76 -64.17
C ASP A 539 33.69 -13.45 -63.83
N VAL A 540 32.78 -13.60 -64.80
CA VAL A 540 31.36 -13.41 -64.55
C VAL A 540 30.59 -14.37 -65.45
N MET A 541 29.38 -14.70 -65.00
CA MET A 541 28.63 -15.83 -65.53
C MET A 541 27.43 -15.34 -66.33
N ALA A 542 27.24 -15.95 -67.52
CA ALA A 542 26.12 -15.62 -68.37
C ALA A 542 25.01 -16.66 -68.18
N VAL A 543 23.76 -16.20 -68.09
CA VAL A 543 22.64 -17.07 -67.79
C VAL A 543 21.56 -16.89 -68.86
N SER A 544 20.68 -17.89 -68.92
CA SER A 544 19.54 -17.89 -69.83
C SER A 544 18.47 -18.79 -69.24
N THR A 545 17.22 -18.33 -69.29
CA THR A 545 16.13 -19.06 -68.66
C THR A 545 15.85 -20.35 -69.44
N CYS A 546 15.50 -21.41 -68.70
CA CYS A 546 15.14 -22.68 -69.29
C CYS A 546 13.61 -22.81 -69.37
N VAL A 547 13.14 -23.54 -70.38
CA VAL A 547 11.73 -23.67 -70.65
C VAL A 547 11.19 -24.88 -69.88
N PRO A 548 10.04 -24.76 -69.21
CA PRO A 548 9.46 -25.92 -68.53
C PRO A 548 8.99 -27.00 -69.51
N VAL A 549 8.98 -28.24 -69.03
CA VAL A 549 8.54 -29.39 -69.80
C VAL A 549 7.78 -30.34 -68.88
N ALA A 550 6.59 -30.76 -69.30
CA ALA A 550 5.77 -31.65 -68.50
C ALA A 550 6.44 -33.01 -68.40
N PRO A 551 6.23 -33.76 -67.29
CA PRO A 551 6.90 -35.04 -67.14
C PRO A 551 6.29 -36.16 -67.97
N ASP A 552 5.07 -35.96 -68.48
CA ASP A 552 4.42 -36.99 -69.29
C ASP A 552 4.91 -36.99 -70.74
N ASN A 553 5.59 -35.93 -71.17
CA ASN A 553 6.03 -35.79 -72.55
C ASN A 553 7.47 -36.27 -72.75
N VAL A 554 7.96 -37.16 -71.88
CA VAL A 554 9.32 -37.66 -71.98
C VAL A 554 9.29 -39.18 -71.93
N ILE A 555 10.18 -39.80 -72.71
CA ILE A 555 10.36 -41.25 -72.73
C ILE A 555 11.85 -41.52 -72.64
N VAL A 556 12.22 -42.59 -71.93
CA VAL A 556 13.61 -42.96 -71.74
C VAL A 556 13.91 -44.21 -72.56
N GLN A 557 15.05 -44.19 -73.26
CA GLN A 557 15.47 -45.36 -74.02
C GLN A 557 16.07 -46.40 -73.07
N ASN A 558 15.83 -47.67 -73.38
CA ASN A 558 16.27 -48.76 -72.51
C ASN A 558 17.79 -48.93 -72.53
N SER A 559 18.40 -48.75 -73.69
CA SER A 559 19.81 -49.06 -73.88
C SER A 559 20.67 -47.81 -73.74
N MET A 560 21.79 -47.96 -73.01
CA MET A 560 22.81 -46.92 -72.95
C MET A 560 23.96 -47.21 -73.91
N ARG A 561 24.07 -48.43 -74.42
CA ARG A 561 25.11 -48.74 -75.38
C ARG A 561 24.71 -48.22 -76.75
N VAL A 562 25.72 -48.07 -77.62
CA VAL A 562 25.51 -47.70 -79.01
C VAL A 562 26.04 -48.83 -79.87
N SER A 563 25.23 -49.29 -80.83
CA SER A 563 25.58 -50.40 -81.68
C SER A 563 26.64 -50.06 -82.72
N SER A 564 26.87 -48.78 -82.95
CA SER A 564 27.91 -48.37 -83.89
C SER A 564 29.21 -48.23 -83.15
N ARG A 565 29.13 -47.98 -81.84
CA ARG A 565 30.34 -47.79 -81.05
C ARG A 565 30.49 -48.84 -79.96
N PRO A 566 31.43 -49.78 -80.16
CA PRO A 566 31.70 -50.79 -79.14
C PRO A 566 32.59 -50.20 -78.05
N GLY A 567 32.48 -50.83 -76.75
CA GLY A 567 33.49 -50.39 -75.81
C GLY A 567 33.20 -49.01 -75.21
N THR A 568 32.67 -48.10 -76.03
CA THR A 568 32.26 -46.77 -75.58
C THR A 568 30.75 -46.66 -75.70
N CYS A 569 30.14 -45.85 -74.84
CA CYS A 569 28.69 -45.80 -74.72
C CYS A 569 28.30 -44.65 -73.79
N TYR A 570 27.01 -44.30 -73.82
CA TYR A 570 26.52 -43.12 -73.14
C TYR A 570 26.76 -43.21 -71.63
N SER A 571 27.23 -42.10 -71.05
CA SER A 571 27.36 -42.00 -69.61
C SER A 571 26.02 -41.67 -68.96
N ARG A 572 25.11 -41.05 -69.73
CA ARG A 572 23.83 -40.60 -69.21
C ARG A 572 22.72 -41.09 -70.13
N PRO A 573 21.58 -41.51 -69.56
CA PRO A 573 20.53 -42.12 -70.38
C PRO A 573 20.00 -41.18 -71.48
N LEU A 574 19.58 -41.78 -72.59
CA LEU A 574 18.94 -41.05 -73.68
C LEU A 574 17.47 -40.81 -73.37
N VAL A 575 16.91 -39.79 -74.04
CA VAL A 575 15.53 -39.40 -73.85
C VAL A 575 14.97 -38.92 -75.18
N SER A 576 13.64 -39.05 -75.28
CA SER A 576 12.87 -38.45 -76.36
C SER A 576 11.77 -37.62 -75.73
N PHE A 577 11.73 -36.33 -76.05
CA PHE A 577 10.82 -35.41 -75.38
C PHE A 577 10.06 -34.58 -76.42
N ARG A 578 8.90 -34.09 -76.01
CA ARG A 578 8.05 -33.25 -76.83
C ARG A 578 7.71 -31.99 -76.03
N TYR A 579 7.96 -30.83 -76.64
CA TYR A 579 7.74 -29.56 -75.95
C TYR A 579 6.26 -29.40 -75.58
N GLU A 580 5.37 -29.76 -76.50
CA GLU A 580 3.94 -29.76 -76.23
C GLU A 580 3.38 -31.15 -76.49
N ASP A 581 2.13 -31.35 -76.07
CA ASP A 581 1.48 -32.65 -76.22
C ASP A 581 1.25 -33.02 -77.68
N GLN A 582 1.23 -32.03 -78.58
CA GLN A 582 1.04 -32.27 -80.00
C GLN A 582 2.31 -32.01 -80.81
N GLY A 583 3.45 -31.81 -80.14
CA GLY A 583 4.68 -31.49 -80.84
C GLY A 583 5.37 -32.73 -81.40
N PRO A 584 6.45 -32.51 -82.16
CA PRO A 584 7.23 -33.64 -82.67
C PRO A 584 8.10 -34.24 -81.57
N LEU A 585 8.66 -35.42 -81.87
CA LEU A 585 9.58 -36.06 -80.95
C LEU A 585 11.00 -35.55 -81.20
N ILE A 586 11.64 -35.05 -80.13
CA ILE A 586 12.99 -34.53 -80.20
C ILE A 586 13.89 -35.43 -79.36
N GLU A 587 14.99 -35.87 -79.98
CA GLU A 587 15.94 -36.74 -79.30
C GLU A 587 16.89 -35.91 -78.44
N GLY A 588 17.44 -36.56 -77.41
CA GLY A 588 18.42 -35.91 -76.57
C GLY A 588 18.89 -36.85 -75.49
N GLN A 589 19.57 -36.31 -74.49
CA GLN A 589 20.01 -37.09 -73.35
C GLN A 589 19.74 -36.33 -72.06
N LEU A 590 19.55 -37.08 -70.98
CA LEU A 590 19.26 -36.49 -69.68
C LEU A 590 20.49 -35.75 -69.18
N GLY A 591 20.25 -34.78 -68.29
CA GLY A 591 21.33 -34.05 -67.64
C GLY A 591 21.27 -34.21 -66.12
N GLU A 592 21.74 -33.21 -65.40
CA GLU A 592 21.73 -33.25 -63.94
C GLU A 592 20.52 -32.46 -63.43
N ASN A 593 19.87 -33.00 -62.40
CA ASN A 593 18.73 -32.36 -61.76
C ASN A 593 17.63 -32.06 -62.78
N ASN A 594 17.24 -33.07 -63.55
CA ASN A 594 16.09 -33.01 -64.44
C ASN A 594 16.26 -31.89 -65.47
N GLU A 595 17.40 -31.92 -66.16
CA GLU A 595 17.64 -30.99 -67.26
C GLU A 595 17.92 -31.79 -68.52
N LEU A 596 17.49 -31.24 -69.65
CA LEU A 596 17.46 -31.99 -70.91
C LEU A 596 18.55 -31.44 -71.83
N ARG A 597 19.37 -32.34 -72.38
CA ARG A 597 20.44 -31.98 -73.28
C ARG A 597 20.04 -32.35 -74.70
N LEU A 598 20.19 -31.41 -75.62
CA LEU A 598 19.87 -31.64 -77.02
C LEU A 598 20.92 -32.54 -77.68
N THR A 599 22.19 -32.37 -77.30
CA THR A 599 23.28 -33.10 -77.92
C THR A 599 23.59 -34.35 -77.10
N ARG A 600 23.62 -35.50 -77.78
CA ARG A 600 23.91 -36.78 -77.13
C ARG A 600 25.41 -37.08 -77.26
N ASP A 601 26.21 -36.30 -76.55
CA ASP A 601 27.67 -36.39 -76.63
C ASP A 601 28.31 -36.86 -75.33
N ALA A 602 27.50 -37.19 -74.31
CA ALA A 602 28.02 -37.67 -73.04
C ALA A 602 28.40 -39.14 -73.17
N LEU A 603 29.62 -39.36 -73.69
CA LEU A 603 30.10 -40.71 -73.95
C LEU A 603 31.30 -41.01 -73.05
N GLU A 604 31.34 -42.24 -72.55
CA GLU A 604 32.48 -42.75 -71.81
C GLU A 604 32.71 -44.18 -72.22
N PRO A 605 33.94 -44.72 -72.07
CA PRO A 605 34.15 -46.14 -72.30
C PRO A 605 33.29 -46.98 -71.36
N CYS A 606 32.70 -48.04 -71.91
CA CYS A 606 31.82 -48.89 -71.13
C CYS A 606 32.62 -49.65 -70.08
N THR A 607 32.10 -49.70 -68.86
CA THR A 607 32.80 -50.27 -67.72
C THR A 607 32.00 -51.43 -67.15
N VAL A 608 32.71 -52.48 -66.74
CA VAL A 608 32.09 -53.63 -66.12
C VAL A 608 31.54 -53.22 -64.76
N GLY A 609 30.45 -53.87 -64.35
CA GLY A 609 29.79 -53.56 -63.10
C GLY A 609 29.15 -52.17 -63.13
N HIS A 610 28.47 -51.87 -64.25
CA HIS A 610 27.82 -50.57 -64.45
C HIS A 610 26.44 -50.60 -63.80
N ARG A 611 26.36 -50.09 -62.57
CA ARG A 611 25.10 -49.92 -61.87
C ARG A 611 25.00 -48.45 -61.49
N ARG A 612 23.97 -47.78 -62.02
CA ARG A 612 23.90 -46.34 -61.88
C ARG A 612 22.48 -45.88 -61.56
N TYR A 613 22.41 -44.83 -60.74
CA TYR A 613 21.19 -44.13 -60.41
C TYR A 613 21.17 -42.79 -61.12
N PHE A 614 20.00 -42.39 -61.61
CA PHE A 614 19.87 -41.12 -62.29
C PHE A 614 18.61 -40.42 -61.83
N ILE A 615 18.70 -39.10 -61.62
CA ILE A 615 17.53 -38.33 -61.24
C ILE A 615 16.59 -38.26 -62.43
N PHE A 616 15.34 -38.68 -62.20
CA PHE A 616 14.35 -38.73 -63.26
C PHE A 616 12.99 -38.42 -62.66
N GLY A 617 12.31 -37.42 -63.22
CA GLY A 617 11.04 -36.97 -62.65
C GLY A 617 11.22 -36.57 -61.20
N GLY A 618 10.34 -37.09 -60.34
CA GLY A 618 10.46 -36.87 -58.92
C GLY A 618 11.22 -37.96 -58.18
N GLY A 619 11.81 -38.92 -58.89
CA GLY A 619 12.51 -40.02 -58.25
C GLY A 619 13.82 -40.35 -58.96
N TYR A 620 14.20 -41.63 -58.90
CA TYR A 620 15.39 -42.08 -59.59
C TYR A 620 15.03 -43.18 -60.57
N VAL A 621 15.94 -43.40 -61.52
CA VAL A 621 15.87 -44.50 -62.44
C VAL A 621 17.21 -45.23 -62.37
N TYR A 622 17.14 -46.55 -62.26
CA TYR A 622 18.32 -47.38 -62.03
C TYR A 622 18.59 -48.20 -63.28
N PHE A 623 19.86 -48.16 -63.72
CA PHE A 623 20.34 -48.89 -64.88
C PHE A 623 21.42 -49.87 -64.46
N GLU A 624 21.44 -51.02 -65.13
CA GLU A 624 22.47 -52.04 -64.91
C GLU A 624 23.14 -52.34 -66.24
N GLU A 625 24.49 -52.32 -66.23
CA GLU A 625 25.30 -52.69 -67.38
C GLU A 625 24.86 -51.92 -68.63
N TYR A 626 24.67 -50.62 -68.48
CA TYR A 626 24.28 -49.73 -69.57
C TYR A 626 22.93 -50.14 -70.16
N ALA A 627 22.06 -50.68 -69.32
CA ALA A 627 20.72 -51.06 -69.73
C ALA A 627 19.74 -50.69 -68.64
N TYR A 628 18.52 -50.30 -69.05
CA TYR A 628 17.50 -49.90 -68.11
C TYR A 628 17.15 -51.05 -67.17
N SER A 629 17.00 -50.74 -65.88
CA SER A 629 16.58 -51.72 -64.90
C SER A 629 15.18 -51.40 -64.35
N HIS A 630 15.01 -50.24 -63.70
CA HIS A 630 13.70 -49.92 -63.15
C HIS A 630 13.69 -48.51 -62.55
N GLN A 631 12.48 -47.95 -62.43
CA GLN A 631 12.27 -46.70 -61.72
C GLN A 631 12.10 -46.97 -60.23
N LEU A 632 12.30 -45.92 -59.44
CA LEU A 632 12.14 -45.99 -57.99
C LEU A 632 11.85 -44.60 -57.44
N SER A 633 11.18 -44.57 -56.28
CA SER A 633 10.78 -43.33 -55.65
C SER A 633 11.91 -42.77 -54.80
N ARG A 634 11.72 -41.53 -54.34
CA ARG A 634 12.71 -40.86 -53.52
C ARG A 634 12.89 -41.57 -52.18
N ALA A 635 11.78 -42.05 -51.58
CA ALA A 635 11.82 -42.71 -50.29
C ALA A 635 12.55 -44.06 -50.34
N ASP A 636 12.81 -44.58 -51.54
CA ASP A 636 13.42 -45.89 -51.67
C ASP A 636 14.90 -45.88 -51.27
N VAL A 637 15.52 -44.69 -51.20
CA VAL A 637 16.94 -44.56 -50.89
C VAL A 637 17.08 -43.83 -49.57
N THR A 638 17.93 -44.37 -48.70
CA THR A 638 18.16 -43.78 -47.39
C THR A 638 18.74 -42.38 -47.55
N THR A 639 18.45 -41.53 -46.56
CA THR A 639 18.84 -40.12 -46.62
C THR A 639 19.73 -39.75 -45.45
N VAL A 640 20.85 -39.08 -45.77
CA VAL A 640 21.66 -38.41 -44.78
C VAL A 640 21.49 -36.92 -44.95
N SER A 641 21.32 -36.23 -43.83
CA SER A 641 20.93 -34.83 -43.83
C SER A 641 22.17 -33.95 -43.70
N THR A 642 22.29 -32.96 -44.58
CA THR A 642 23.34 -31.96 -44.51
C THR A 642 22.90 -30.72 -43.73
N PHE A 643 21.71 -30.77 -43.13
CA PHE A 643 21.15 -29.63 -42.44
C PHE A 643 21.44 -29.73 -40.95
N ILE A 644 21.96 -28.64 -40.40
CA ILE A 644 22.19 -28.56 -38.97
C ILE A 644 20.90 -28.14 -38.30
N ASP A 645 20.35 -29.01 -37.46
CA ASP A 645 19.05 -28.77 -36.88
C ASP A 645 19.13 -27.68 -35.82
N LEU A 646 18.17 -26.75 -35.87
CA LEU A 646 18.05 -25.71 -34.85
C LEU A 646 16.57 -25.59 -34.47
N ASN A 647 16.24 -26.10 -33.28
CA ASN A 647 14.88 -26.06 -32.79
C ASN A 647 14.71 -24.82 -31.94
N ILE A 648 14.17 -23.73 -32.52
CA ILE A 648 13.84 -22.54 -31.76
C ILE A 648 12.33 -22.56 -31.51
N THR A 649 11.95 -22.51 -30.24
CA THR A 649 10.55 -22.48 -29.85
C THR A 649 10.19 -21.15 -29.22
N MET A 650 8.93 -20.75 -29.37
CA MET A 650 8.51 -19.41 -28.98
C MET A 650 8.18 -19.35 -27.48
N LEU A 651 8.15 -18.15 -26.94
CA LEU A 651 7.69 -17.96 -25.58
C LEU A 651 6.18 -18.20 -25.50
N GLU A 652 5.77 -18.86 -24.42
CA GLU A 652 4.35 -18.94 -24.13
C GLU A 652 3.86 -17.59 -23.59
N ASP A 653 2.75 -17.12 -24.14
CA ASP A 653 2.11 -15.92 -23.63
C ASP A 653 1.65 -16.19 -22.21
N HIS A 654 1.83 -15.20 -21.33
CA HIS A 654 1.62 -15.42 -19.92
C HIS A 654 0.64 -14.40 -19.34
N GLU A 655 -0.20 -14.88 -18.41
CA GLU A 655 -1.19 -14.04 -17.77
C GLU A 655 -0.84 -13.84 -16.30
N PHE A 656 -0.81 -12.57 -15.88
CA PHE A 656 -0.58 -12.24 -14.48
C PHE A 656 -1.94 -11.85 -13.93
N VAL A 657 -2.48 -12.66 -13.00
CA VAL A 657 -3.69 -12.28 -12.30
C VAL A 657 -3.33 -11.32 -11.18
N PRO A 658 -4.20 -10.37 -10.83
CA PRO A 658 -3.86 -9.39 -9.81
C PRO A 658 -3.73 -10.05 -8.44
N LEU A 659 -2.52 -9.96 -7.86
CA LEU A 659 -2.22 -10.62 -6.61
C LEU A 659 -1.69 -9.62 -5.58
N GLU A 660 -2.28 -9.63 -4.39
CA GLU A 660 -1.92 -8.67 -3.36
C GLU A 660 -2.08 -9.33 -1.99
N VAL A 661 -1.12 -9.07 -1.10
CA VAL A 661 -1.07 -9.79 0.16
C VAL A 661 -2.21 -9.34 1.05
N TYR A 662 -2.38 -8.02 1.18
CA TYR A 662 -3.43 -7.45 2.00
C TYR A 662 -4.17 -6.42 1.16
N THR A 663 -5.50 -6.49 1.20
CA THR A 663 -6.33 -5.51 0.53
C THR A 663 -6.45 -4.25 1.36
N ARG A 664 -7.11 -3.24 0.79
CA ARG A 664 -7.43 -2.05 1.53
C ARG A 664 -8.36 -2.38 2.70
N HIS A 665 -9.33 -3.26 2.45
CA HIS A 665 -10.29 -3.64 3.48
C HIS A 665 -9.58 -4.32 4.64
N GLU A 666 -8.65 -5.22 4.33
CA GLU A 666 -7.93 -5.94 5.37
C GLU A 666 -7.08 -4.98 6.19
N ILE A 667 -6.39 -4.05 5.53
CA ILE A 667 -5.54 -3.11 6.25
C ILE A 667 -6.38 -2.19 7.13
N LYS A 668 -7.50 -1.71 6.59
CA LYS A 668 -8.34 -0.81 7.36
C LYS A 668 -8.98 -1.54 8.55
N ASP A 669 -9.33 -2.81 8.37
CA ASP A 669 -9.92 -3.58 9.46
C ASP A 669 -8.87 -4.09 10.44
N SER A 670 -7.59 -4.08 10.08
CA SER A 670 -6.54 -4.50 11.00
C SER A 670 -6.50 -3.61 12.24
N GLY A 671 -6.97 -2.36 12.08
CA GLY A 671 -7.10 -1.43 13.20
C GLY A 671 -8.05 -1.95 14.26
N LEU A 672 -7.60 -1.96 15.52
CA LEU A 672 -8.40 -2.56 16.58
C LEU A 672 -9.71 -1.79 16.77
N LEU A 673 -9.65 -0.46 16.71
CA LEU A 673 -10.84 0.38 16.73
C LEU A 673 -10.78 1.37 15.57
N ASP A 674 -11.96 1.75 15.10
CA ASP A 674 -12.11 2.76 14.07
C ASP A 674 -12.96 3.89 14.66
N TYR A 675 -12.40 5.09 14.66
CA TYR A 675 -13.10 6.24 15.26
C TYR A 675 -14.42 6.50 14.57
N THR A 676 -14.45 6.38 13.23
CA THR A 676 -15.66 6.70 12.49
C THR A 676 -16.81 5.78 12.89
N GLU A 677 -16.56 4.47 12.89
CA GLU A 677 -17.61 3.52 13.24
C GLU A 677 -18.05 3.72 14.68
N VAL A 678 -17.09 3.95 15.56
CA VAL A 678 -17.41 4.11 16.97
C VAL A 678 -18.32 5.33 17.16
N GLN A 679 -17.98 6.46 16.57
CA GLN A 679 -18.79 7.66 16.70
C GLN A 679 -20.15 7.46 16.05
N ARG A 680 -20.16 6.79 14.89
CA ARG A 680 -21.41 6.56 14.17
C ARG A 680 -22.38 5.78 15.03
N ARG A 681 -21.89 4.73 15.68
CA ARG A 681 -22.77 3.92 16.51
C ARG A 681 -23.13 4.66 17.78
N ASN A 682 -22.19 5.41 18.34
CA ASN A 682 -22.43 6.06 19.62
C ASN A 682 -23.43 7.20 19.52
N GLN A 683 -23.45 7.92 18.40
CA GLN A 683 -24.34 9.07 18.30
C GLN A 683 -25.75 8.67 17.90
N LEU A 684 -25.94 7.41 17.50
CA LEU A 684 -27.30 6.87 17.29
C LEU A 684 -27.95 6.43 18.60
N HIS A 685 -27.24 6.59 19.72
CA HIS A 685 -27.75 6.10 21.00
C HIS A 685 -29.07 6.78 21.33
N ASP A 686 -29.15 8.09 21.15
CA ASP A 686 -30.39 8.80 21.42
C ASP A 686 -31.50 8.42 20.46
N LEU A 687 -31.17 8.18 19.19
CA LEU A 687 -32.20 7.77 18.23
C LEU A 687 -32.75 6.39 18.55
N ARG A 688 -31.89 5.47 18.99
CA ARG A 688 -32.33 4.10 19.24
C ARG A 688 -32.98 3.96 20.63
N PHE A 689 -32.20 4.20 21.69
CA PHE A 689 -32.65 3.89 23.02
C PHE A 689 -33.25 5.11 23.72
N ALA A 690 -33.76 6.07 22.95
CA ALA A 690 -34.41 7.23 23.52
C ALA A 690 -35.33 7.83 22.47
N ASP A 691 -36.20 8.73 22.95
CA ASP A 691 -37.18 9.37 22.09
C ASP A 691 -36.88 10.85 22.04
N ILE A 692 -36.32 11.32 20.92
CA ILE A 692 -35.86 12.69 20.81
C ILE A 692 -37.04 13.65 20.73
N ASP A 693 -38.06 13.29 19.95
CA ASP A 693 -39.05 14.26 19.50
C ASP A 693 -40.04 14.63 20.62
N THR A 694 -40.37 13.68 21.50
CA THR A 694 -41.45 13.90 22.43
C THR A 694 -41.10 14.99 23.43
N VAL A 695 -42.10 15.82 23.76
CA VAL A 695 -42.01 16.83 24.79
C VAL A 695 -43.13 16.57 25.81
N ILE A 696 -42.75 16.54 27.08
CA ILE A 696 -43.73 16.30 28.14
C ILE A 696 -43.77 17.51 29.07
N ARG A 697 -44.88 18.23 29.06
CA ARG A 697 -44.98 19.43 29.89
C ARG A 697 -46.01 19.26 31.00
N ALA A 698 -45.62 19.63 32.21
CA ALA A 698 -46.53 19.50 33.35
C ALA A 698 -46.06 20.35 34.53
N THR B 1 22.30 52.43 26.97
CA THR B 1 20.90 52.72 26.73
C THR B 1 20.04 52.37 27.94
N LEU B 2 20.70 52.01 29.04
CA LEU B 2 19.97 51.65 30.25
C LEU B 2 20.28 52.63 31.38
N LYS B 3 19.26 53.34 31.84
CA LYS B 3 19.46 54.31 32.91
C LYS B 3 19.39 53.64 34.27
N GLU B 4 19.79 54.35 35.31
CA GLU B 4 19.78 53.78 36.65
C GLU B 4 19.13 54.74 37.64
N SER B 5 18.36 54.22 38.59
CA SER B 5 17.67 55.08 39.54
C SER B 5 17.49 54.39 40.88
N GLY B 6 18.30 54.78 41.87
CA GLY B 6 18.20 54.19 43.18
C GLY B 6 18.73 55.12 44.26
N PRO B 7 18.14 55.07 45.46
CA PRO B 7 18.60 55.91 46.56
C PRO B 7 20.04 55.57 46.92
N ALA B 8 20.86 56.58 47.19
CA ALA B 8 22.26 56.30 47.46
C ALA B 8 22.53 56.09 48.95
N LEU B 9 21.51 56.23 49.80
CA LEU B 9 21.65 56.06 51.23
C LEU B 9 20.35 55.51 51.81
N VAL B 10 20.42 54.29 52.35
CA VAL B 10 19.28 53.67 53.02
C VAL B 10 19.77 53.08 54.34
N LYS B 11 18.90 53.14 55.35
CA LYS B 11 19.19 52.55 56.63
C LYS B 11 19.11 51.03 56.51
N PRO B 12 19.75 50.29 57.43
CA PRO B 12 19.60 48.84 57.44
C PRO B 12 18.15 48.42 57.68
N THR B 13 17.77 47.29 57.07
CA THR B 13 16.45 46.69 57.22
C THR B 13 15.36 47.63 56.69
N GLN B 14 15.49 47.98 55.41
CA GLN B 14 14.40 48.58 54.65
C GLN B 14 14.40 48.00 53.25
N THR B 15 13.26 48.09 52.58
CA THR B 15 13.11 47.53 51.25
C THR B 15 13.73 48.48 50.23
N LEU B 16 14.99 48.21 49.88
CA LEU B 16 15.66 48.98 48.85
C LEU B 16 15.01 48.68 47.51
N THR B 17 14.71 49.74 46.76
CA THR B 17 14.11 49.62 45.44
C THR B 17 14.93 50.42 44.43
N LEU B 18 14.98 49.93 43.19
CA LEU B 18 15.72 50.59 42.13
C LEU B 18 14.85 50.68 40.88
N THR B 19 15.44 51.16 39.79
CA THR B 19 14.71 51.40 38.56
C THR B 19 15.71 51.52 37.42
N CYS B 20 15.36 50.96 36.26
CA CYS B 20 16.22 50.97 35.09
C CYS B 20 15.40 51.37 33.87
N THR B 21 15.71 52.54 33.30
CA THR B 21 15.01 53.03 32.14
C THR B 21 15.76 52.62 30.87
N PHE B 22 15.01 52.29 29.82
CA PHE B 22 15.59 51.78 28.59
C PHE B 22 15.41 52.80 27.48
N SER B 23 16.11 52.52 26.38
CA SER B 23 16.04 53.31 25.16
C SER B 23 16.59 52.47 24.02
N GLY B 24 15.84 52.41 22.91
CA GLY B 24 16.28 51.68 21.74
C GLY B 24 15.78 50.23 21.69
N PHE B 25 15.12 49.79 22.76
CA PHE B 25 14.46 48.49 22.78
C PHE B 25 13.43 48.51 23.91
N SER B 26 12.30 47.84 23.65
CA SER B 26 11.23 47.70 24.63
C SER B 26 11.19 46.26 25.14
N LEU B 27 11.03 46.10 26.45
CA LEU B 27 11.00 44.77 27.04
C LEU B 27 9.61 44.15 26.86
N SER B 28 9.16 44.11 25.60
CA SER B 28 7.97 43.35 25.22
C SER B 28 8.14 42.65 23.88
N THR B 29 9.34 42.63 23.31
CA THR B 29 9.58 41.86 22.10
C THR B 29 9.73 40.39 22.46
N SER B 30 10.06 39.57 21.47
CA SER B 30 10.05 38.13 21.67
C SER B 30 11.35 37.61 22.27
N GLY B 31 12.40 38.44 22.37
CA GLY B 31 13.68 37.91 22.83
C GLY B 31 14.46 38.83 23.76
N MET B 32 13.77 39.69 24.50
CA MET B 32 14.44 40.68 25.33
C MET B 32 14.45 40.22 26.79
N SER B 33 15.58 40.46 27.46
CA SER B 33 15.73 40.19 28.87
C SER B 33 16.67 41.23 29.48
N VAL B 34 16.43 41.54 30.76
CA VAL B 34 17.18 42.57 31.46
C VAL B 34 17.63 42.01 32.80
N GLY B 35 18.91 42.21 33.12
CA GLY B 35 19.49 41.67 34.33
C GLY B 35 19.97 42.76 35.26
N TRP B 36 19.84 42.48 36.57
CA TRP B 36 20.36 43.34 37.63
C TRP B 36 21.59 42.68 38.23
N ILE B 37 22.66 43.47 38.36
CA ILE B 37 23.99 43.00 38.74
C ILE B 37 24.48 43.88 39.87
N ARG B 38 25.29 43.33 40.76
CA ARG B 38 25.88 44.14 41.82
C ARG B 38 27.36 43.80 41.99
N GLN B 39 28.10 44.78 42.48
CA GLN B 39 29.54 44.65 42.71
C GLN B 39 29.93 45.46 43.93
N PRO B 40 30.37 44.83 45.03
CA PRO B 40 30.86 45.59 46.16
C PRO B 40 32.12 46.34 45.77
N PRO B 41 32.40 47.50 46.41
CA PRO B 41 33.57 48.30 46.03
C PRO B 41 34.87 47.52 46.21
N GLY B 42 35.58 47.35 45.09
CA GLY B 42 36.84 46.63 45.07
C GLY B 42 36.71 45.11 44.99
N LYS B 43 35.48 44.59 44.84
CA LYS B 43 35.26 43.15 44.76
C LYS B 43 34.79 42.78 43.36
N ALA B 44 34.51 41.49 43.18
CA ALA B 44 34.14 40.93 41.89
C ALA B 44 32.68 41.25 41.58
N LEU B 45 32.33 41.14 40.29
CA LEU B 45 30.94 41.28 39.88
C LEU B 45 30.12 40.12 40.44
N GLU B 46 28.87 40.42 40.78
CA GLU B 46 27.94 39.42 41.27
C GLU B 46 26.62 39.58 40.52
N TRP B 47 26.24 38.55 39.79
CA TRP B 47 24.95 38.54 39.12
C TRP B 47 23.84 38.37 40.16
N LEU B 48 22.85 39.28 40.16
CA LEU B 48 21.77 39.24 41.12
C LEU B 48 20.53 38.56 40.55
N ALA B 49 19.99 39.08 39.46
CA ALA B 49 18.75 38.54 38.93
C ALA B 49 18.61 38.92 37.46
N HIS B 50 17.62 38.32 36.79
CA HIS B 50 17.30 38.72 35.43
C HIS B 50 15.86 38.33 35.12
N ILE B 51 15.20 39.18 34.35
CA ILE B 51 13.81 38.98 33.95
C ILE B 51 13.74 38.94 32.43
N TRP B 52 12.95 38.00 31.91
CA TRP B 52 12.71 37.92 30.49
C TRP B 52 11.45 38.73 30.15
N TRP B 53 11.16 38.84 28.84
CA TRP B 53 10.01 39.62 28.40
C TRP B 53 8.68 39.05 28.89
N ASN B 54 8.63 37.74 29.15
CA ASN B 54 7.39 37.08 29.50
C ASN B 54 7.31 36.79 31.01
N ASN B 55 7.79 37.71 31.83
CA ASN B 55 7.74 37.59 33.28
C ASN B 55 8.38 36.30 33.77
N ASP B 56 9.41 35.84 33.05
CA ASP B 56 10.18 34.70 33.49
C ASP B 56 11.37 35.22 34.30
N LYS B 57 11.20 35.29 35.61
CA LYS B 57 12.17 35.92 36.49
C LYS B 57 13.05 34.85 37.14
N TYR B 58 14.35 35.15 37.23
CA TYR B 58 15.29 34.27 37.90
C TYR B 58 16.14 35.08 38.87
N TYR B 59 16.32 34.51 40.07
CA TYR B 59 17.01 35.17 41.16
C TYR B 59 18.28 34.39 41.51
N LYS B 60 19.12 35.03 42.32
CA LYS B 60 20.24 34.35 42.92
C LYS B 60 19.72 33.45 44.04
N PRO B 61 20.10 32.16 44.08
CA PRO B 61 19.56 31.26 45.09
C PRO B 61 19.78 31.74 46.52
N ALA B 62 20.94 32.36 46.81
CA ALA B 62 21.21 32.84 48.15
C ALA B 62 20.25 33.99 48.49
N LEU B 63 20.02 34.88 47.51
CA LEU B 63 19.21 36.07 47.73
C LEU B 63 17.80 35.91 47.16
N LYS B 64 17.40 34.68 46.79
CA LYS B 64 16.09 34.46 46.19
C LYS B 64 14.97 34.88 47.15
N SER B 65 15.14 34.56 48.44
CA SER B 65 14.13 34.85 49.44
C SER B 65 13.95 36.36 49.66
N ARG B 66 14.95 37.17 49.32
CA ARG B 66 14.89 38.60 49.61
C ARG B 66 14.77 39.46 48.35
N LEU B 67 15.27 38.99 47.21
CA LEU B 67 15.23 39.77 45.97
C LEU B 67 13.81 39.75 45.41
N THR B 68 13.54 40.74 44.55
CA THR B 68 12.32 40.81 43.78
C THR B 68 12.61 41.63 42.53
N ILE B 69 12.10 41.16 41.39
CA ILE B 69 12.24 41.88 40.14
C ILE B 69 10.88 41.94 39.47
N SER B 70 10.57 43.09 38.86
CA SER B 70 9.32 43.28 38.15
C SER B 70 9.56 44.18 36.95
N LYS B 71 8.67 44.08 35.95
CA LYS B 71 8.79 44.85 34.72
C LYS B 71 7.50 45.63 34.50
N ASP B 72 7.65 46.88 34.04
CA ASP B 72 6.51 47.71 33.65
C ASP B 72 6.85 48.33 32.30
N THR B 73 6.38 47.70 31.22
CA THR B 73 6.66 48.17 29.88
C THR B 73 5.91 49.47 29.54
N SER B 74 4.76 49.70 30.19
CA SER B 74 3.99 50.91 29.96
C SER B 74 4.85 52.16 30.17
N LYS B 75 5.60 52.18 31.26
CA LYS B 75 6.60 53.21 31.50
C LYS B 75 8.00 52.76 31.09
N ASN B 76 8.15 51.54 30.55
CA ASN B 76 9.39 51.05 29.98
C ASN B 76 10.51 51.04 31.02
N GLN B 77 10.29 50.33 32.14
CA GLN B 77 11.27 50.25 33.20
C GLN B 77 11.22 48.86 33.85
N VAL B 78 12.30 48.52 34.57
CA VAL B 78 12.37 47.33 35.39
C VAL B 78 12.71 47.75 36.81
N VAL B 79 11.90 47.31 37.77
CA VAL B 79 12.05 47.66 39.16
C VAL B 79 12.64 46.48 39.91
N LEU B 80 13.79 46.71 40.54
CA LEU B 80 14.42 45.71 41.39
C LEU B 80 14.27 46.14 42.84
N THR B 81 13.65 45.29 43.64
CA THR B 81 13.41 45.54 45.05
C THR B 81 14.19 44.54 45.88
N MET B 82 14.74 44.99 47.00
CA MET B 82 15.51 44.14 47.88
C MET B 82 15.11 44.49 49.32
N THR B 83 14.67 43.48 50.06
CA THR B 83 14.11 43.70 51.39
C THR B 83 15.14 43.36 52.46
N ASN B 84 14.88 43.86 53.68
CA ASN B 84 15.75 43.65 54.83
C ASN B 84 17.18 44.05 54.51
N MET B 85 17.36 45.35 54.27
CA MET B 85 18.59 45.83 53.68
C MET B 85 19.76 45.58 54.63
N ASP B 86 20.87 45.13 54.05
CA ASP B 86 21.98 44.57 54.81
C ASP B 86 23.27 45.30 54.43
N PRO B 87 23.95 45.97 55.38
CA PRO B 87 25.08 46.82 55.01
C PRO B 87 26.30 46.05 54.52
N VAL B 88 26.24 44.72 54.43
CA VAL B 88 27.22 44.01 53.62
C VAL B 88 26.93 44.19 52.13
N ASP B 89 25.69 44.61 51.80
CA ASP B 89 25.25 44.70 50.42
C ASP B 89 25.49 46.08 49.81
N THR B 90 26.14 46.99 50.54
CA THR B 90 26.55 48.25 49.97
C THR B 90 27.44 47.98 48.76
N ALA B 91 27.02 48.48 47.60
CA ALA B 91 27.69 48.11 46.37
C ALA B 91 27.22 49.00 45.22
N THR B 92 27.87 48.83 44.06
CA THR B 92 27.44 49.46 42.83
C THR B 92 26.54 48.49 42.08
N TYR B 93 25.35 48.96 41.70
CA TYR B 93 24.38 48.14 41.01
C TYR B 93 24.28 48.57 39.56
N TYR B 94 24.37 47.60 38.67
CA TYR B 94 24.29 47.82 37.24
C TYR B 94 23.02 47.18 36.68
N CYS B 95 22.47 47.84 35.65
CA CYS B 95 21.38 47.27 34.88
C CYS B 95 21.90 46.94 33.48
N ALA B 96 21.78 45.68 33.07
CA ALA B 96 22.35 45.21 31.82
C ALA B 96 21.27 44.61 30.94
N ARG B 97 21.47 44.68 29.62
CA ARG B 97 20.55 44.09 28.67
C ARG B 97 21.10 42.74 28.21
N ILE B 98 20.50 41.65 28.69
CA ILE B 98 20.94 40.31 28.34
C ILE B 98 20.33 39.95 26.99
N TYR B 99 21.20 39.67 26.02
CA TYR B 99 20.77 39.61 24.62
C TYR B 99 20.80 38.17 24.11
N TYR B 100 20.68 37.18 25.01
CA TYR B 100 20.65 35.79 24.62
C TYR B 100 19.47 35.49 23.69
N GLY B 101 18.43 36.33 23.72
CA GLY B 101 17.27 36.10 22.89
C GLY B 101 17.62 36.03 21.40
N TYR B 102 18.60 36.82 20.97
CA TYR B 102 18.92 36.94 19.56
C TYR B 102 20.31 36.40 19.23
N ARG B 103 21.32 36.78 20.02
CA ARG B 103 22.70 36.41 19.72
C ARG B 103 23.36 35.84 20.95
N PRO B 104 24.40 35.00 20.77
CA PRO B 104 24.94 34.23 21.89
C PRO B 104 25.77 35.02 22.90
N TYR B 105 25.85 36.35 22.77
CA TYR B 105 26.50 37.16 23.77
C TYR B 105 25.46 37.95 24.52
N ALA B 106 25.49 37.81 25.85
CA ALA B 106 24.56 38.53 26.71
C ALA B 106 25.20 39.83 27.20
N MET B 107 24.41 40.65 27.90
CA MET B 107 24.94 41.68 28.77
C MET B 107 25.76 42.69 27.95
N ASP B 108 25.27 42.99 26.75
CA ASP B 108 26.03 43.80 25.80
C ASP B 108 26.12 45.26 26.24
N TYR B 109 24.98 45.86 26.58
CA TYR B 109 24.92 47.28 26.90
C TYR B 109 24.61 47.41 28.39
N TRP B 110 25.59 47.89 29.16
CA TRP B 110 25.38 48.19 30.56
C TRP B 110 24.99 49.65 30.75
N GLY B 111 24.40 49.92 31.90
CA GLY B 111 24.27 51.29 32.35
C GLY B 111 25.50 51.74 33.11
N GLN B 112 25.49 52.99 33.53
CA GLN B 112 26.58 53.49 34.36
C GLN B 112 26.58 52.84 35.74
N GLY B 113 25.41 52.44 36.21
CA GLY B 113 25.32 51.86 37.54
C GLY B 113 25.33 52.92 38.63
N THR B 114 24.67 52.61 39.73
CA THR B 114 24.53 53.55 40.84
C THR B 114 25.09 52.91 42.10
N LEU B 115 25.78 53.71 42.92
CA LEU B 115 26.33 53.23 44.17
C LEU B 115 25.30 53.40 45.28
N VAL B 116 25.07 52.32 46.03
CA VAL B 116 24.15 52.33 47.15
C VAL B 116 24.92 51.96 48.40
N THR B 117 24.79 52.80 49.43
CA THR B 117 25.48 52.62 50.69
C THR B 117 24.45 52.47 51.80
N VAL B 118 24.70 51.53 52.71
CA VAL B 118 23.79 51.25 53.80
C VAL B 118 24.42 51.70 55.11
N SER B 119 23.83 52.73 55.71
CA SER B 119 24.29 53.23 57.00
C SER B 119 23.16 54.01 57.65
N SER B 120 23.35 54.29 58.94
CA SER B 120 22.38 55.08 59.70
C SER B 120 22.75 56.57 59.67
N ILE C 1 27.12 26.32 39.30
CA ILE C 1 28.51 26.09 38.92
C ILE C 1 29.40 27.25 39.33
N VAL C 2 30.31 27.02 40.27
CA VAL C 2 31.20 28.07 40.72
C VAL C 2 32.31 28.31 39.72
N MET C 3 32.62 29.58 39.45
CA MET C 3 33.67 29.91 38.51
C MET C 3 34.89 30.47 39.23
N THR C 4 36.04 29.85 39.02
CA THR C 4 37.26 30.31 39.67
C THR C 4 38.20 30.93 38.65
N GLN C 5 38.59 32.17 38.87
CA GLN C 5 39.45 32.85 37.90
C GLN C 5 40.86 33.02 38.45
N THR C 6 41.85 32.48 37.72
CA THR C 6 43.24 32.59 38.15
C THR C 6 44.12 33.06 37.01
N PRO C 7 45.28 33.66 37.32
CA PRO C 7 45.64 34.13 38.66
C PRO C 7 44.82 35.35 39.05
N LEU C 8 44.86 35.73 40.32
CA LEU C 8 44.15 36.93 40.76
C LEU C 8 44.90 38.16 40.28
N SER C 9 46.22 38.09 40.20
CA SER C 9 46.98 39.21 39.67
C SER C 9 47.94 38.68 38.61
N LEU C 10 48.01 39.38 37.46
CA LEU C 10 48.91 39.00 36.38
C LEU C 10 49.70 40.23 35.95
N PRO C 11 50.76 40.59 36.68
CA PRO C 11 51.58 41.74 36.29
C PRO C 11 52.51 41.39 35.13
N VAL C 12 52.34 42.11 34.02
CA VAL C 12 53.14 41.87 32.82
C VAL C 12 53.53 43.21 32.21
N THR C 13 54.77 43.28 31.74
CA THR C 13 55.22 44.41 30.96
C THR C 13 54.53 44.40 29.61
N PRO C 14 54.30 45.56 29.00
CA PRO C 14 53.67 45.58 27.68
C PRO C 14 54.60 44.98 26.63
N GLY C 15 54.06 44.05 25.83
CA GLY C 15 54.82 43.44 24.75
C GLY C 15 54.70 41.92 24.71
N GLU C 16 54.68 41.27 25.88
CA GLU C 16 54.67 39.82 25.92
C GLU C 16 53.26 39.31 26.22
N PRO C 17 52.91 38.10 25.77
CA PRO C 17 51.56 37.60 25.97
C PRO C 17 51.25 37.32 27.44
N ALA C 18 49.95 37.46 27.78
CA ALA C 18 49.46 37.23 29.13
C ALA C 18 48.28 36.26 29.07
N SER C 19 48.23 35.33 30.02
CA SER C 19 47.23 34.28 30.04
C SER C 19 46.47 34.27 31.36
N ILE C 20 45.13 34.24 31.28
CA ILE C 20 44.25 34.15 32.44
C ILE C 20 43.43 32.88 32.31
N SER C 21 43.38 32.09 33.39
CA SER C 21 42.69 30.81 33.40
C SER C 21 41.46 30.87 34.28
N CYS C 22 40.37 30.29 33.80
CA CYS C 22 39.13 30.25 34.57
C CYS C 22 38.57 28.84 34.55
N ARG C 23 38.20 28.32 35.71
CA ARG C 23 37.68 26.95 35.78
C ARG C 23 36.29 26.90 36.42
N SER C 24 35.55 25.83 36.17
CA SER C 24 34.19 25.72 36.69
C SER C 24 33.97 24.44 37.48
N SER C 25 33.11 24.50 38.49
CA SER C 25 32.81 23.33 39.30
C SER C 25 32.26 22.19 38.44
N GLN C 26 31.32 22.53 37.55
CA GLN C 26 30.71 21.55 36.65
C GLN C 26 30.92 22.03 35.22
N SER C 27 30.62 21.15 34.26
CA SER C 27 30.77 21.50 32.86
C SER C 27 29.82 22.64 32.47
N ILE C 28 30.30 23.54 31.63
CA ILE C 28 29.49 24.64 31.14
C ILE C 28 28.90 24.33 29.78
N VAL C 29 29.08 23.11 29.28
CA VAL C 29 28.45 22.72 28.03
C VAL C 29 26.94 22.70 28.23
N HIS C 30 26.24 23.42 27.36
CA HIS C 30 24.79 23.49 27.41
C HIS C 30 24.18 22.39 26.56
N SER C 31 22.92 22.10 26.83
CA SER C 31 22.17 21.12 26.04
C SER C 31 22.09 21.52 24.57
N ASN C 32 22.24 22.83 24.30
CA ASN C 32 22.33 23.32 22.94
C ASN C 32 23.52 22.70 22.21
N GLY C 33 24.55 22.32 22.97
CA GLY C 33 25.81 21.88 22.39
C GLY C 33 26.87 22.97 22.33
N ASN C 34 26.58 24.17 22.85
CA ASN C 34 27.47 25.30 22.79
C ASN C 34 27.83 25.74 24.21
N THR C 35 29.00 26.36 24.36
CA THR C 35 29.43 26.84 25.66
C THR C 35 29.28 28.36 25.72
N TYR C 36 28.45 28.85 26.63
CA TYR C 36 28.23 30.28 26.77
C TYR C 36 29.13 30.82 27.87
N LEU C 37 30.43 30.87 27.57
CA LEU C 37 31.37 31.50 28.48
C LEU C 37 31.81 32.85 27.92
N GLU C 38 31.85 33.85 28.79
CA GLU C 38 32.06 35.22 28.37
C GLU C 38 33.15 35.86 29.23
N TRP C 39 34.11 36.49 28.56
CA TRP C 39 35.13 37.28 29.22
C TRP C 39 34.80 38.75 29.08
N TYR C 40 34.76 39.43 30.23
CA TYR C 40 34.47 40.85 30.33
C TYR C 40 35.69 41.55 30.90
N LEU C 41 35.82 42.86 30.61
CA LEU C 41 36.90 43.67 31.17
C LEU C 41 36.31 44.97 31.69
N GLN C 42 36.32 45.12 33.01
CA GLN C 42 35.91 46.37 33.64
C GLN C 42 37.14 47.25 33.78
N LYS C 43 37.12 48.37 33.06
CA LYS C 43 38.17 49.34 33.24
C LYS C 43 37.85 50.21 34.45
N PRO C 44 38.89 50.71 35.15
CA PRO C 44 38.64 51.48 36.37
C PRO C 44 37.73 52.68 36.12
N GLY C 45 36.77 52.86 37.03
CA GLY C 45 35.78 53.92 36.91
C GLY C 45 34.94 53.82 35.64
N GLN C 46 34.71 52.60 35.18
CA GLN C 46 33.92 52.37 33.97
C GLN C 46 33.06 51.13 34.16
N SER C 47 31.92 51.11 33.46
CA SER C 47 31.08 49.93 33.40
C SER C 47 31.72 48.88 32.50
N PRO C 48 31.74 47.61 32.92
CA PRO C 48 32.42 46.58 32.13
C PRO C 48 31.79 46.37 30.77
N GLN C 49 32.64 46.04 29.80
CA GLN C 49 32.22 45.72 28.44
C GLN C 49 32.55 44.27 28.14
N LEU C 50 31.76 43.65 27.27
CA LEU C 50 32.03 42.28 26.87
C LEU C 50 33.22 42.25 25.91
N LEU C 51 34.13 41.31 26.15
CA LEU C 51 35.27 41.10 25.26
C LEU C 51 35.11 39.85 24.42
N ILE C 52 34.81 38.72 25.06
CA ILE C 52 34.72 37.45 24.37
C ILE C 52 33.43 36.74 24.75
N TYR C 53 32.75 36.15 23.77
CA TYR C 53 31.59 35.31 23.99
C TYR C 53 31.83 33.97 23.31
N LYS C 54 31.15 32.94 23.81
CA LYS C 54 31.22 31.60 23.25
C LYS C 54 32.67 31.12 23.16
N VAL C 55 33.42 31.37 24.24
CA VAL C 55 34.77 30.86 24.42
C VAL C 55 35.75 31.51 23.43
N SER C 56 35.55 31.28 22.13
CA SER C 56 36.56 31.65 21.14
C SER C 56 35.98 32.57 20.08
N ASN C 57 35.17 33.55 20.49
CA ASN C 57 34.67 34.57 19.57
C ASN C 57 34.91 35.96 20.15
N ARG C 58 35.36 36.86 19.28
CA ARG C 58 35.68 38.22 19.69
C ARG C 58 34.48 39.11 19.42
N PHE C 59 34.12 39.92 20.41
CA PHE C 59 32.99 40.82 20.26
C PHE C 59 33.31 41.92 19.27
N SER C 60 32.27 42.56 18.74
CA SER C 60 32.43 43.70 17.86
C SER C 60 33.17 44.84 18.57
N GLY C 61 34.17 45.40 17.90
CA GLY C 61 34.98 46.47 18.47
C GLY C 61 36.14 45.95 19.33
N VAL C 62 36.44 44.65 19.26
CA VAL C 62 37.49 44.05 20.07
C VAL C 62 38.65 43.72 19.14
N PRO C 63 39.88 44.14 19.48
CA PRO C 63 41.01 43.87 18.61
C PRO C 63 41.42 42.41 18.61
N ASP C 64 42.25 42.05 17.64
CA ASP C 64 42.71 40.68 17.43
C ASP C 64 43.66 40.20 18.52
N ARG C 65 44.12 41.10 19.39
CA ARG C 65 45.07 40.71 20.43
C ARG C 65 44.46 39.68 21.38
N PHE C 66 43.20 39.91 21.80
CA PHE C 66 42.53 38.99 22.69
C PHE C 66 42.13 37.72 21.94
N SER C 67 42.28 36.59 22.61
CA SER C 67 41.93 35.30 22.03
C SER C 67 41.43 34.39 23.16
N GLY C 68 40.44 33.56 22.83
CA GLY C 68 39.89 32.64 23.80
C GLY C 68 40.14 31.20 23.36
N SER C 69 40.29 30.33 24.36
CA SER C 69 40.48 28.91 24.09
C SER C 69 40.01 28.12 25.30
N GLY C 70 40.01 26.81 25.13
CA GLY C 70 39.61 25.90 26.20
C GLY C 70 38.25 25.27 25.95
N SER C 71 37.85 24.43 26.90
CA SER C 71 36.62 23.68 26.80
C SER C 71 36.37 23.01 28.16
N GLY C 72 35.31 22.20 28.21
CA GLY C 72 35.02 21.41 29.40
C GLY C 72 34.86 22.29 30.63
N THR C 73 35.87 22.25 31.52
CA THR C 73 35.85 23.06 32.72
C THR C 73 37.11 23.93 32.85
N ASP C 74 37.91 24.07 31.79
CA ASP C 74 39.08 24.93 31.83
C ASP C 74 39.10 25.82 30.59
N PHE C 75 39.28 27.12 30.80
CA PHE C 75 39.23 28.10 29.72
C PHE C 75 40.34 29.12 29.91
N THR C 76 40.82 29.65 28.79
CA THR C 76 42.00 30.50 28.79
C THR C 76 41.76 31.74 27.92
N LEU C 77 42.04 32.90 28.52
CA LEU C 77 42.09 34.16 27.80
C LEU C 77 43.56 34.54 27.59
N LYS C 78 43.92 34.81 26.34
CA LYS C 78 45.29 35.17 26.00
C LYS C 78 45.29 36.54 25.35
N ILE C 79 46.24 37.38 25.77
CA ILE C 79 46.56 38.62 25.09
C ILE C 79 47.95 38.44 24.47
N SER C 80 48.01 38.40 23.14
CA SER C 80 49.27 38.17 22.44
C SER C 80 50.26 39.30 22.69
N ARG C 81 49.76 40.55 22.64
CA ARG C 81 50.59 41.73 22.80
C ARG C 81 49.92 42.68 23.79
N VAL C 82 50.31 42.58 25.07
CA VAL C 82 49.71 43.43 26.09
C VAL C 82 50.08 44.88 25.82
N GLU C 83 49.11 45.77 25.99
CA GLU C 83 49.30 47.20 25.77
C GLU C 83 48.86 47.97 27.02
N ALA C 84 48.94 49.31 26.92
CA ALA C 84 48.60 50.18 28.03
C ALA C 84 47.11 50.15 28.35
N GLU C 85 46.26 50.05 27.32
CA GLU C 85 44.82 50.12 27.54
C GLU C 85 44.27 48.83 28.16
N ASP C 86 45.09 47.78 28.25
CA ASP C 86 44.64 46.50 28.78
C ASP C 86 44.53 46.50 30.30
N VAL C 87 44.76 47.62 30.96
CA VAL C 87 44.61 47.69 32.41
C VAL C 87 43.14 47.55 32.77
N GLY C 88 42.88 46.81 33.84
CA GLY C 88 41.52 46.64 34.32
C GLY C 88 41.34 45.29 34.99
N VAL C 89 40.08 44.96 35.24
CA VAL C 89 39.72 43.71 35.89
C VAL C 89 39.05 42.80 34.87
N TYR C 90 39.59 41.59 34.71
CA TYR C 90 39.05 40.59 33.80
C TYR C 90 38.14 39.64 34.57
N TYR C 91 36.96 39.37 33.98
CA TYR C 91 35.94 38.55 34.61
C TYR C 91 35.55 37.43 33.65
N CYS C 92 35.48 36.21 34.17
CA CYS C 92 34.95 35.08 33.41
C CYS C 92 33.57 34.74 33.95
N PHE C 93 32.60 34.61 33.04
CA PHE C 93 31.20 34.47 33.41
C PHE C 93 30.57 33.35 32.61
N GLN C 94 29.83 32.49 33.29
CA GLN C 94 29.15 31.36 32.65
C GLN C 94 27.68 31.70 32.53
N GLY C 95 27.12 31.46 31.34
CA GLY C 95 25.74 31.80 31.09
C GLY C 95 24.91 30.60 30.69
N SER C 96 25.57 29.47 30.44
CA SER C 96 24.88 28.29 29.92
C SER C 96 23.83 27.79 30.92
N HIS C 97 24.22 27.72 32.20
CA HIS C 97 23.36 27.12 33.21
C HIS C 97 23.01 28.15 34.28
N VAL C 98 21.70 28.37 34.45
CA VAL C 98 21.19 29.10 35.59
C VAL C 98 21.43 28.29 36.85
N PRO C 99 21.83 28.90 37.98
CA PRO C 99 22.07 30.35 38.15
C PRO C 99 23.42 30.79 37.62
N TRP C 100 23.51 32.07 37.24
CA TRP C 100 24.72 32.63 36.69
C TRP C 100 25.58 33.24 37.80
N SER C 101 26.87 33.33 37.52
CA SER C 101 27.82 33.93 38.46
C SER C 101 29.07 34.32 37.71
N PHE C 102 29.78 35.30 38.29
CA PHE C 102 31.08 35.72 37.79
C PHE C 102 32.20 35.04 38.57
N GLY C 103 33.40 35.06 37.99
CA GLY C 103 34.59 34.69 38.71
C GLY C 103 34.97 35.77 39.73
N GLN C 104 36.07 35.52 40.43
CA GLN C 104 36.55 36.49 41.41
C GLN C 104 37.21 37.68 40.72
N GLY C 105 37.56 37.53 39.44
CA GLY C 105 38.12 38.65 38.68
C GLY C 105 39.61 38.83 38.95
N THR C 106 40.37 39.09 37.89
CA THR C 106 41.82 39.27 38.02
C THR C 106 42.18 40.70 37.59
N LYS C 107 42.98 41.36 38.42
CA LYS C 107 43.41 42.72 38.14
C LYS C 107 44.73 42.65 37.38
N LEU C 108 44.77 43.27 36.19
CA LEU C 108 45.96 43.22 35.37
C LEU C 108 46.87 44.41 35.72
N GLU C 109 48.17 44.10 35.88
CA GLU C 109 49.16 45.10 36.25
C GLU C 109 50.21 45.22 35.16
N ILE C 110 50.68 46.45 34.96
CA ILE C 110 51.70 46.75 33.96
C ILE C 110 52.99 47.13 34.70
N LYS C 111 54.09 46.47 34.33
CA LYS C 111 55.38 46.75 34.94
C LYS C 111 56.20 47.71 34.06
N THR D 1 -59.32 16.51 -6.58
CA THR D 1 -60.10 17.74 -6.50
C THR D 1 -59.79 18.51 -5.23
N LEU D 2 -59.24 19.71 -5.39
CA LEU D 2 -58.94 20.55 -4.25
C LEU D 2 -60.17 21.37 -3.91
N LYS D 3 -61.16 20.74 -3.30
CA LYS D 3 -62.39 21.44 -2.98
C LYS D 3 -62.13 22.67 -2.14
N GLU D 4 -62.86 23.75 -2.39
CA GLU D 4 -62.67 24.98 -1.64
C GLU D 4 -63.79 25.21 -0.65
N SER D 5 -63.48 25.88 0.46
CA SER D 5 -64.51 26.19 1.44
C SER D 5 -64.14 27.44 2.23
N GLY D 6 -64.96 28.48 2.14
CA GLY D 6 -64.68 29.70 2.87
C GLY D 6 -65.84 30.67 2.88
N PRO D 7 -65.77 31.69 3.76
CA PRO D 7 -66.85 32.68 3.86
C PRO D 7 -66.99 33.45 2.56
N ALA D 8 -68.23 33.73 2.16
CA ALA D 8 -68.45 34.49 0.94
C ALA D 8 -68.47 35.98 1.23
N LEU D 9 -68.60 36.34 2.50
CA LEU D 9 -68.64 37.75 2.86
C LEU D 9 -68.02 37.90 4.23
N VAL D 10 -66.97 38.71 4.32
CA VAL D 10 -66.30 38.99 5.58
C VAL D 10 -66.26 40.50 5.82
N LYS D 11 -66.52 40.90 7.05
CA LYS D 11 -66.53 42.31 7.39
C LYS D 11 -65.10 42.85 7.36
N PRO D 12 -64.91 44.13 7.05
CA PRO D 12 -63.56 44.69 6.99
C PRO D 12 -62.82 44.57 8.32
N THR D 13 -61.51 44.31 8.22
CA THR D 13 -60.63 44.21 9.37
C THR D 13 -61.08 43.10 10.33
N GLN D 14 -61.08 41.88 9.81
CA GLN D 14 -61.42 40.71 10.60
C GLN D 14 -60.52 39.54 10.19
N THR D 15 -60.74 38.40 10.83
CA THR D 15 -60.04 37.18 10.51
C THR D 15 -60.84 36.41 9.47
N LEU D 16 -60.15 36.00 8.39
CA LEU D 16 -60.76 35.18 7.36
C LEU D 16 -60.14 33.79 7.40
N THR D 17 -60.99 32.77 7.27
CA THR D 17 -60.54 31.39 7.30
C THR D 17 -61.03 30.67 6.05
N LEU D 18 -60.14 29.95 5.39
CA LEU D 18 -60.50 29.17 4.22
C LEU D 18 -60.20 27.70 4.48
N THR D 19 -60.61 26.86 3.53
CA THR D 19 -60.55 25.43 3.72
C THR D 19 -60.52 24.76 2.36
N CYS D 20 -59.72 23.70 2.24
CA CYS D 20 -59.51 23.03 0.96
C CYS D 20 -59.46 21.53 1.17
N THR D 21 -60.55 20.84 0.83
CA THR D 21 -60.62 19.39 0.94
C THR D 21 -59.81 18.74 -0.18
N PHE D 22 -59.32 17.52 0.10
CA PHE D 22 -58.52 16.78 -0.85
C PHE D 22 -59.34 15.65 -1.46
N SER D 23 -58.80 15.09 -2.53
CA SER D 23 -59.40 13.96 -3.22
C SER D 23 -58.35 13.24 -4.05
N GLY D 24 -58.03 12.00 -3.66
CA GLY D 24 -57.11 11.18 -4.42
C GLY D 24 -55.64 11.37 -4.03
N PHE D 25 -55.37 12.21 -3.04
CA PHE D 25 -54.03 12.33 -2.48
C PHE D 25 -54.15 12.84 -1.06
N SER D 26 -53.22 12.41 -0.21
CA SER D 26 -53.16 12.84 1.18
C SER D 26 -51.88 13.62 1.41
N LEU D 27 -51.99 14.78 2.07
CA LEU D 27 -50.82 15.60 2.30
C LEU D 27 -50.08 15.03 3.50
N SER D 28 -49.64 13.78 3.37
CA SER D 28 -48.78 13.13 4.34
C SER D 28 -47.72 12.26 3.68
N THR D 29 -47.73 12.15 2.35
CA THR D 29 -46.68 11.45 1.63
C THR D 29 -45.42 12.30 1.61
N SER D 30 -44.38 11.78 0.97
CA SER D 30 -43.06 12.37 1.05
C SER D 30 -42.89 13.54 0.08
N GLY D 31 -43.85 13.82 -0.80
CA GLY D 31 -43.61 14.86 -1.80
C GLY D 31 -44.82 15.73 -2.14
N MET D 32 -45.77 15.87 -1.21
CA MET D 32 -46.98 16.60 -1.51
C MET D 32 -46.92 18.01 -0.93
N SER D 33 -47.49 18.96 -1.67
CA SER D 33 -47.60 20.33 -1.21
C SER D 33 -48.88 20.94 -1.77
N VAL D 34 -49.47 21.86 -1.00
CA VAL D 34 -50.69 22.53 -1.40
C VAL D 34 -50.46 24.04 -1.29
N GLY D 35 -50.87 24.77 -2.32
CA GLY D 35 -50.70 26.21 -2.35
C GLY D 35 -52.05 26.92 -2.41
N TRP D 36 -52.12 28.04 -1.70
CA TRP D 36 -53.25 28.95 -1.77
C TRP D 36 -52.89 30.11 -2.67
N ILE D 37 -53.73 30.36 -3.68
CA ILE D 37 -53.52 31.41 -4.67
C ILE D 37 -54.78 32.26 -4.71
N ARG D 38 -54.63 33.53 -5.12
CA ARG D 38 -55.79 34.39 -5.23
C ARG D 38 -55.68 35.25 -6.49
N GLN D 39 -56.85 35.71 -6.95
CA GLN D 39 -56.95 36.57 -8.11
C GLN D 39 -58.04 37.61 -7.86
N PRO D 40 -57.68 38.90 -7.80
CA PRO D 40 -58.72 39.93 -7.71
C PRO D 40 -59.56 39.94 -8.97
N PRO D 41 -60.84 40.32 -8.88
CA PRO D 41 -61.71 40.25 -10.05
C PRO D 41 -61.21 41.10 -11.20
N GLY D 42 -60.88 40.43 -12.30
CA GLY D 42 -60.37 41.06 -13.50
C GLY D 42 -58.87 41.37 -13.48
N LYS D 43 -58.16 40.93 -12.44
CA LYS D 43 -56.74 41.17 -12.33
C LYS D 43 -55.97 39.85 -12.47
N ALA D 44 -54.64 39.96 -12.31
CA ALA D 44 -53.75 38.83 -12.54
C ALA D 44 -53.78 37.88 -11.35
N LEU D 45 -53.34 36.64 -11.60
CA LEU D 45 -53.19 35.67 -10.54
C LEU D 45 -52.10 36.14 -9.56
N GLU D 46 -52.35 35.89 -8.28
CA GLU D 46 -51.40 36.26 -7.24
C GLU D 46 -51.21 35.08 -6.31
N TRP D 47 -50.02 34.50 -6.33
CA TRP D 47 -49.72 33.37 -5.45
C TRP D 47 -49.55 33.86 -4.02
N LEU D 48 -50.31 33.28 -3.10
CA LEU D 48 -50.33 33.75 -1.71
C LEU D 48 -49.36 32.94 -0.84
N ALA D 49 -49.57 31.63 -0.72
CA ALA D 49 -48.76 30.83 0.17
C ALA D 49 -48.76 29.39 -0.29
N HIS D 50 -47.91 28.57 0.32
CA HIS D 50 -47.92 27.14 0.06
C HIS D 50 -47.26 26.41 1.20
N ILE D 51 -47.79 25.23 1.52
CA ILE D 51 -47.31 24.41 2.61
C ILE D 51 -46.95 23.04 2.06
N TRP D 52 -45.80 22.52 2.49
CA TRP D 52 -45.35 21.20 2.08
C TRP D 52 -45.90 20.13 3.02
N TRP D 53 -45.51 18.88 2.80
CA TRP D 53 -46.04 17.79 3.60
C TRP D 53 -45.54 17.82 5.04
N ASN D 54 -44.41 18.49 5.28
CA ASN D 54 -43.79 18.50 6.59
C ASN D 54 -43.94 19.87 7.26
N ASN D 55 -45.09 20.52 7.09
CA ASN D 55 -45.40 21.78 7.75
C ASN D 55 -44.34 22.84 7.48
N ASP D 56 -43.76 22.81 6.28
CA ASP D 56 -42.82 23.83 5.84
C ASP D 56 -43.61 24.87 5.05
N LYS D 57 -44.01 25.93 5.74
CA LYS D 57 -44.90 26.93 5.17
C LYS D 57 -44.09 28.07 4.56
N TYR D 58 -44.52 28.55 3.40
CA TYR D 58 -43.95 29.73 2.78
C TYR D 58 -45.07 30.70 2.42
N TYR D 59 -44.82 31.98 2.72
CA TYR D 59 -45.80 33.02 2.55
C TYR D 59 -45.31 34.04 1.51
N LYS D 60 -46.24 34.86 1.04
CA LYS D 60 -45.90 36.03 0.25
C LYS D 60 -45.25 37.07 1.14
N PRO D 61 -44.06 37.58 0.82
CA PRO D 61 -43.34 38.45 1.74
C PRO D 61 -44.11 39.70 2.17
N ALA D 62 -44.89 40.29 1.25
CA ALA D 62 -45.69 41.45 1.60
C ALA D 62 -46.78 41.05 2.58
N LEU D 63 -47.41 39.89 2.35
CA LEU D 63 -48.51 39.42 3.18
C LEU D 63 -48.05 38.41 4.24
N LYS D 64 -46.75 38.20 4.39
CA LYS D 64 -46.26 37.24 5.36
C LYS D 64 -46.66 37.63 6.78
N SER D 65 -46.74 38.94 7.04
CA SER D 65 -47.12 39.46 8.35
C SER D 65 -48.58 39.14 8.68
N ARG D 66 -49.42 38.82 7.69
CA ARG D 66 -50.83 38.57 7.93
C ARG D 66 -51.23 37.15 7.60
N LEU D 67 -50.62 36.54 6.58
CA LEU D 67 -50.99 35.20 6.13
C LEU D 67 -50.67 34.17 7.21
N THR D 68 -51.48 33.11 7.24
CA THR D 68 -51.19 31.93 8.04
C THR D 68 -51.74 30.72 7.32
N ILE D 69 -50.97 29.63 7.30
CA ILE D 69 -51.40 28.41 6.66
C ILE D 69 -51.17 27.26 7.62
N SER D 70 -52.15 26.37 7.73
CA SER D 70 -52.01 25.20 8.58
C SER D 70 -52.63 24.01 7.86
N LYS D 71 -52.62 22.84 8.50
CA LYS D 71 -53.17 21.65 7.86
C LYS D 71 -53.59 20.59 8.87
N ASP D 72 -54.34 19.59 8.41
CA ASP D 72 -54.76 18.50 9.28
C ASP D 72 -54.92 17.21 8.49
N THR D 73 -53.86 16.42 8.41
CA THR D 73 -53.91 15.20 7.62
C THR D 73 -55.01 14.24 8.07
N SER D 74 -55.40 14.28 9.34
CA SER D 74 -56.52 13.47 9.78
C SER D 74 -57.73 13.77 8.91
N LYS D 75 -58.08 15.05 8.78
CA LYS D 75 -59.22 15.44 7.96
C LYS D 75 -58.76 15.75 6.53
N ASN D 76 -57.46 15.65 6.30
CA ASN D 76 -56.92 15.87 4.95
C ASN D 76 -57.30 17.20 4.32
N GLN D 77 -57.06 18.31 4.99
CA GLN D 77 -57.30 19.60 4.37
C GLN D 77 -56.44 20.69 4.98
N VAL D 78 -56.31 21.77 4.21
CA VAL D 78 -55.43 22.89 4.53
C VAL D 78 -56.29 24.11 4.83
N VAL D 79 -55.96 24.82 5.90
CA VAL D 79 -56.68 26.00 6.32
C VAL D 79 -55.81 27.22 6.07
N LEU D 80 -56.38 28.21 5.39
CA LEU D 80 -55.73 29.48 5.18
C LEU D 80 -56.42 30.54 6.04
N THR D 81 -55.62 31.33 6.75
CA THR D 81 -56.12 32.31 7.70
C THR D 81 -55.51 33.68 7.36
N MET D 82 -56.35 34.69 7.25
CA MET D 82 -55.92 36.04 6.93
C MET D 82 -56.49 36.98 8.00
N THR D 83 -55.60 37.81 8.57
CA THR D 83 -56.03 38.78 9.57
C THR D 83 -56.05 40.18 8.98
N ASN D 84 -56.76 41.08 9.66
CA ASN D 84 -56.92 42.47 9.23
C ASN D 84 -57.42 42.51 7.78
N MET D 85 -58.64 42.03 7.59
CA MET D 85 -59.21 41.93 6.27
C MET D 85 -59.37 43.32 5.66
N ASP D 86 -59.12 43.43 4.35
CA ASP D 86 -59.18 44.69 3.66
C ASP D 86 -59.94 44.53 2.34
N PRO D 87 -60.78 45.51 1.99
CA PRO D 87 -61.55 45.41 0.74
C PRO D 87 -60.74 45.18 -0.52
N VAL D 88 -59.44 45.49 -0.49
CA VAL D 88 -58.57 45.16 -1.61
C VAL D 88 -58.46 43.64 -1.76
N ASP D 89 -58.59 42.91 -0.67
CA ASP D 89 -58.42 41.46 -0.70
C ASP D 89 -59.66 40.72 -1.21
N THR D 90 -60.70 41.45 -1.60
CA THR D 90 -61.83 40.82 -2.26
C THR D 90 -61.34 40.17 -3.54
N ALA D 91 -61.50 38.85 -3.65
CA ALA D 91 -60.92 38.14 -4.76
C ALA D 91 -61.49 36.72 -4.83
N THR D 92 -61.09 36.01 -5.88
CA THR D 92 -61.37 34.60 -6.01
C THR D 92 -60.14 33.83 -5.56
N TYR D 93 -60.32 32.92 -4.61
CA TYR D 93 -59.22 32.15 -4.03
C TYR D 93 -59.31 30.71 -4.52
N TYR D 94 -58.17 30.21 -4.96
CA TYR D 94 -58.06 28.84 -5.45
C TYR D 94 -57.08 28.08 -4.59
N CYS D 95 -57.35 26.78 -4.44
CA CYS D 95 -56.46 25.84 -3.79
C CYS D 95 -55.85 24.94 -4.87
N ALA D 96 -54.52 24.86 -4.90
CA ALA D 96 -53.82 24.16 -5.96
C ALA D 96 -52.92 23.09 -5.35
N ARG D 97 -52.79 21.96 -6.05
CA ARG D 97 -51.94 20.88 -5.63
C ARG D 97 -50.59 21.06 -6.32
N ILE D 98 -49.64 21.66 -5.60
CA ILE D 98 -48.32 21.89 -6.16
C ILE D 98 -47.56 20.57 -6.18
N TYR D 99 -47.18 20.13 -7.37
CA TYR D 99 -46.75 18.75 -7.56
C TYR D 99 -45.27 18.68 -7.90
N TYR D 100 -44.50 19.67 -7.46
CA TYR D 100 -43.07 19.71 -7.69
C TYR D 100 -42.36 18.50 -7.08
N GLY D 101 -42.98 17.86 -6.09
CA GLY D 101 -42.32 16.76 -5.42
C GLY D 101 -42.02 15.59 -6.37
N TYR D 102 -42.86 15.43 -7.40
CA TYR D 102 -42.77 14.28 -8.27
C TYR D 102 -42.46 14.64 -9.70
N ARG D 103 -43.09 15.70 -10.22
CA ARG D 103 -42.85 16.13 -11.58
C ARG D 103 -42.56 17.62 -11.57
N PRO D 104 -41.84 18.14 -12.57
CA PRO D 104 -41.42 19.53 -12.54
C PRO D 104 -42.49 20.58 -12.85
N TYR D 105 -43.75 20.18 -12.86
CA TYR D 105 -44.85 21.11 -13.07
C TYR D 105 -45.68 21.21 -11.79
N ALA D 106 -46.03 22.45 -11.41
CA ALA D 106 -46.78 22.72 -10.18
C ALA D 106 -48.24 23.00 -10.49
N MET D 107 -49.08 22.85 -9.46
CA MET D 107 -50.46 23.32 -9.49
C MET D 107 -51.21 22.69 -10.66
N ASP D 108 -51.21 21.36 -10.67
CA ASP D 108 -51.84 20.59 -11.75
C ASP D 108 -53.36 20.62 -11.60
N TYR D 109 -53.85 20.29 -10.41
CA TYR D 109 -55.29 20.20 -10.18
C TYR D 109 -55.71 21.35 -9.28
N TRP D 110 -56.43 22.30 -9.85
CA TRP D 110 -56.98 23.41 -9.11
C TRP D 110 -58.40 23.09 -8.68
N GLY D 111 -58.82 23.74 -7.60
CA GLY D 111 -60.22 23.73 -7.23
C GLY D 111 -61.02 24.72 -8.06
N GLN D 112 -62.33 24.67 -7.91
CA GLN D 112 -63.19 25.63 -8.60
C GLN D 112 -62.99 27.04 -8.07
N GLY D 113 -62.48 27.18 -6.85
CA GLY D 113 -62.24 28.50 -6.28
C GLY D 113 -63.50 29.06 -5.65
N THR D 114 -63.30 29.96 -4.68
CA THR D 114 -64.41 30.62 -4.00
C THR D 114 -64.20 32.12 -4.03
N LEU D 115 -65.30 32.85 -4.22
CA LEU D 115 -65.25 34.29 -4.29
C LEU D 115 -65.53 34.86 -2.90
N VAL D 116 -64.66 35.77 -2.46
CA VAL D 116 -64.81 36.43 -1.17
C VAL D 116 -64.83 37.93 -1.39
N THR D 117 -65.86 38.60 -0.86
CA THR D 117 -65.98 40.04 -0.93
C THR D 117 -65.89 40.65 0.45
N VAL D 118 -65.08 41.68 0.58
CA VAL D 118 -64.84 42.34 1.86
C VAL D 118 -65.58 43.67 1.84
N SER D 119 -66.67 43.73 2.60
CA SER D 119 -67.48 44.94 2.68
C SER D 119 -68.33 44.88 3.95
N SER D 120 -69.09 45.93 4.19
CA SER D 120 -70.03 45.99 5.30
C SER D 120 -71.48 45.93 4.79
N THR E 1 -6.89 -34.95 52.40
CA THR E 1 -6.46 -33.66 52.91
C THR E 1 -7.66 -32.79 53.26
N LEU E 2 -8.84 -33.20 52.80
CA LEU E 2 -10.05 -32.44 53.08
C LEU E 2 -10.79 -33.00 54.28
N LYS E 3 -10.89 -32.19 55.33
CA LYS E 3 -11.58 -32.63 56.54
C LYS E 3 -13.09 -32.45 56.43
N GLU E 4 -13.84 -33.03 57.36
CA GLU E 4 -15.28 -32.90 57.35
C GLU E 4 -15.75 -32.61 58.76
N SER E 5 -16.48 -31.52 58.94
CA SER E 5 -16.94 -31.15 60.26
C SER E 5 -18.40 -30.70 60.24
N GLY E 6 -19.24 -31.35 61.03
CA GLY E 6 -20.65 -31.00 61.03
C GLY E 6 -21.45 -31.65 62.14
N PRO E 7 -22.51 -30.98 62.59
CA PRO E 7 -23.36 -31.54 63.65
C PRO E 7 -23.87 -32.91 63.26
N ALA E 8 -23.66 -33.90 64.13
CA ALA E 8 -24.12 -35.24 63.84
C ALA E 8 -25.59 -35.37 64.13
N LEU E 9 -26.10 -34.57 65.05
CA LEU E 9 -27.51 -34.62 65.40
C LEU E 9 -28.08 -33.21 65.29
N VAL E 10 -28.98 -33.00 64.33
CA VAL E 10 -29.66 -31.73 64.18
C VAL E 10 -31.17 -31.97 64.17
N LYS E 11 -31.90 -31.14 64.90
CA LYS E 11 -33.33 -31.27 64.98
C LYS E 11 -33.95 -30.78 63.68
N PRO E 12 -35.13 -31.30 63.32
CA PRO E 12 -35.79 -30.87 62.09
C PRO E 12 -36.15 -29.39 62.12
N THR E 13 -36.16 -28.78 60.94
CA THR E 13 -36.49 -27.37 60.75
C THR E 13 -35.52 -26.47 61.52
N GLN E 14 -34.23 -26.71 61.29
CA GLN E 14 -33.18 -25.89 61.86
C GLN E 14 -32.10 -25.71 60.80
N THR E 15 -31.23 -24.73 61.02
CA THR E 15 -30.12 -24.46 60.13
C THR E 15 -28.98 -25.42 60.46
N LEU E 16 -28.28 -25.87 59.41
CA LEU E 16 -27.14 -26.75 59.55
C LEU E 16 -25.92 -26.07 58.93
N THR E 17 -24.78 -26.20 59.59
CA THR E 17 -23.52 -25.70 59.08
C THR E 17 -22.50 -26.83 59.06
N LEU E 18 -21.60 -26.78 58.09
CA LEU E 18 -20.52 -27.75 57.99
C LEU E 18 -19.20 -27.02 57.76
N THR E 19 -18.12 -27.80 57.68
CA THR E 19 -16.80 -27.23 57.52
C THR E 19 -15.89 -28.26 56.88
N CYS E 20 -15.06 -27.80 55.94
CA CYS E 20 -14.10 -28.66 55.27
C CYS E 20 -12.73 -28.00 55.35
N THR E 21 -11.81 -28.62 56.10
CA THR E 21 -10.46 -28.08 56.25
C THR E 21 -9.57 -28.69 55.18
N PHE E 22 -8.72 -27.85 54.59
CA PHE E 22 -7.85 -28.28 53.51
C PHE E 22 -6.47 -28.60 54.05
N SER E 23 -5.66 -29.17 53.17
CA SER E 23 -4.25 -29.43 53.40
C SER E 23 -3.57 -29.63 52.05
N GLY E 24 -2.53 -28.83 51.78
CA GLY E 24 -1.77 -28.98 50.56
C GLY E 24 -2.34 -28.21 49.37
N PHE E 25 -3.41 -27.44 49.60
CA PHE E 25 -3.92 -26.49 48.64
C PHE E 25 -4.70 -25.43 49.40
N SER E 26 -4.75 -24.24 48.81
CA SER E 26 -5.50 -23.12 49.35
C SER E 26 -6.56 -22.69 48.36
N LEU E 27 -7.74 -22.31 48.86
CA LEU E 27 -8.78 -21.80 47.98
C LEU E 27 -8.51 -20.33 47.67
N SER E 28 -7.27 -20.05 47.25
CA SER E 28 -6.86 -18.76 46.77
C SER E 28 -5.95 -18.88 45.55
N THR E 29 -5.58 -20.10 45.18
CA THR E 29 -4.85 -20.33 43.95
C THR E 29 -5.79 -20.11 42.77
N SER E 30 -5.19 -19.83 41.60
CA SER E 30 -5.98 -19.38 40.47
C SER E 30 -6.94 -20.45 39.95
N GLY E 31 -6.79 -21.72 40.36
CA GLY E 31 -7.62 -22.76 39.78
C GLY E 31 -8.18 -23.80 40.76
N MET E 32 -8.40 -23.39 42.00
CA MET E 32 -8.94 -24.30 43.00
C MET E 32 -10.46 -24.15 43.08
N SER E 33 -11.12 -25.29 43.27
CA SER E 33 -12.56 -25.32 43.50
C SER E 33 -12.85 -26.48 44.47
N VAL E 34 -13.85 -26.26 45.33
CA VAL E 34 -14.21 -27.24 46.33
C VAL E 34 -15.71 -27.46 46.30
N GLY E 35 -16.12 -28.72 46.31
CA GLY E 35 -17.52 -29.07 46.19
C GLY E 35 -18.00 -29.86 47.40
N TRP E 36 -19.28 -29.67 47.72
CA TRP E 36 -19.97 -30.40 48.76
C TRP E 36 -20.96 -31.35 48.11
N ILE E 37 -20.90 -32.62 48.55
CA ILE E 37 -21.65 -33.73 47.99
C ILE E 37 -22.41 -34.42 49.12
N ARG E 38 -23.54 -35.04 48.79
CA ARG E 38 -24.35 -35.76 49.76
C ARG E 38 -24.72 -37.13 49.23
N GLN E 39 -24.85 -38.09 50.15
CA GLN E 39 -25.31 -39.43 49.82
C GLN E 39 -26.21 -39.95 50.92
N PRO E 40 -27.51 -40.12 50.65
CA PRO E 40 -28.39 -40.76 51.61
C PRO E 40 -27.97 -42.19 51.84
N PRO E 41 -28.21 -42.75 53.04
CA PRO E 41 -27.78 -44.11 53.33
C PRO E 41 -28.46 -45.12 52.42
N GLY E 42 -27.63 -45.78 51.60
CA GLY E 42 -28.11 -46.78 50.66
C GLY E 42 -28.58 -46.23 49.31
N LYS E 43 -28.48 -44.91 49.10
CA LYS E 43 -28.86 -44.32 47.83
C LYS E 43 -27.66 -43.71 47.13
N ALA E 44 -27.88 -43.23 45.91
CA ALA E 44 -26.80 -42.79 45.03
C ALA E 44 -26.19 -41.48 45.52
N LEU E 45 -24.96 -41.21 45.08
CA LEU E 45 -24.29 -39.95 45.38
C LEU E 45 -25.07 -38.81 44.74
N GLU E 46 -25.13 -37.67 45.44
CA GLU E 46 -25.87 -36.50 44.98
C GLU E 46 -24.97 -35.29 45.13
N TRP E 47 -24.68 -34.64 44.01
CA TRP E 47 -23.90 -33.41 44.04
C TRP E 47 -24.78 -32.26 44.50
N LEU E 48 -24.27 -31.45 45.42
CA LEU E 48 -25.00 -30.32 45.97
C LEU E 48 -24.45 -28.97 45.53
N ALA E 49 -23.18 -28.69 45.80
CA ALA E 49 -22.70 -27.36 45.47
C ALA E 49 -21.21 -27.40 45.24
N HIS E 50 -20.69 -26.32 44.65
CA HIS E 50 -19.26 -26.14 44.57
C HIS E 50 -18.93 -24.68 44.41
N ILE E 51 -17.81 -24.27 45.02
CA ILE E 51 -17.36 -22.89 45.01
C ILE E 51 -15.97 -22.84 44.38
N TRP E 52 -15.74 -21.80 43.59
CA TRP E 52 -14.44 -21.59 42.99
C TRP E 52 -13.61 -20.66 43.88
N TRP E 53 -12.36 -20.42 43.48
CA TRP E 53 -11.47 -19.56 44.26
C TRP E 53 -11.96 -18.11 44.28
N ASN E 54 -12.82 -17.73 43.34
CA ASN E 54 -13.27 -16.35 43.22
C ASN E 54 -14.73 -16.18 43.65
N ASN E 55 -15.14 -16.87 44.69
CA ASN E 55 -16.49 -16.76 45.24
C ASN E 55 -17.57 -16.98 44.19
N ASP E 56 -17.28 -17.79 43.17
CA ASP E 56 -18.27 -18.15 42.17
C ASP E 56 -18.94 -19.44 42.62
N LYS E 57 -20.09 -19.31 43.26
CA LYS E 57 -20.76 -20.47 43.84
C LYS E 57 -21.83 -21.01 42.91
N TYR E 58 -21.89 -22.33 42.79
CA TYR E 58 -22.90 -22.99 41.99
C TYR E 58 -23.60 -24.04 42.83
N TYR E 59 -24.94 -24.00 42.80
CA TYR E 59 -25.78 -24.83 43.63
C TYR E 59 -26.57 -25.81 42.76
N LYS E 60 -27.14 -26.81 43.42
CA LYS E 60 -28.10 -27.67 42.77
C LYS E 60 -29.43 -26.94 42.69
N PRO E 61 -30.05 -26.86 41.49
CA PRO E 61 -31.26 -26.06 41.33
C PRO E 61 -32.40 -26.46 42.25
N ALA E 62 -32.55 -27.77 42.52
CA ALA E 62 -33.62 -28.22 43.42
C ALA E 62 -33.41 -27.66 44.82
N LEU E 63 -32.15 -27.67 45.29
CA LEU E 63 -31.82 -27.19 46.61
C LEU E 63 -31.21 -25.79 46.58
N LYS E 64 -31.40 -25.05 45.50
CA LYS E 64 -30.81 -23.73 45.38
C LYS E 64 -31.30 -22.80 46.48
N SER E 65 -32.60 -22.85 46.75
CA SER E 65 -33.23 -21.93 47.69
C SER E 65 -32.74 -22.12 49.13
N ARG E 66 -32.09 -23.25 49.42
CA ARG E 66 -31.72 -23.58 50.80
C ARG E 66 -30.21 -23.57 51.03
N LEU E 67 -29.43 -24.07 50.07
CA LEU E 67 -27.99 -24.20 50.25
C LEU E 67 -27.33 -22.82 50.24
N THR E 68 -26.20 -22.73 50.93
CA THR E 68 -25.40 -21.52 50.96
C THR E 68 -23.96 -21.92 51.26
N ILE E 69 -23.09 -21.81 50.25
CA ILE E 69 -21.70 -22.20 50.40
C ILE E 69 -20.85 -20.94 50.46
N SER E 70 -19.91 -20.91 51.40
CA SER E 70 -19.05 -19.77 51.60
C SER E 70 -17.62 -20.25 51.85
N LYS E 71 -16.65 -19.36 51.60
CA LYS E 71 -15.26 -19.71 51.71
C LYS E 71 -14.52 -18.69 52.56
N ASP E 72 -13.65 -19.16 53.45
CA ASP E 72 -12.77 -18.30 54.22
C ASP E 72 -11.36 -18.85 54.10
N THR E 73 -10.54 -18.21 53.27
CA THR E 73 -9.17 -18.67 53.03
C THR E 73 -8.24 -18.38 54.21
N SER E 74 -8.56 -17.38 55.03
CA SER E 74 -7.73 -17.08 56.20
C SER E 74 -7.65 -18.30 57.12
N LYS E 75 -8.80 -18.96 57.32
CA LYS E 75 -8.80 -20.21 58.12
C LYS E 75 -8.57 -21.38 57.17
N ASN E 76 -8.67 -21.13 55.85
CA ASN E 76 -8.43 -22.18 54.87
C ASN E 76 -9.56 -23.22 54.87
N GLN E 77 -10.81 -22.75 54.88
CA GLN E 77 -11.96 -23.64 55.03
C GLN E 77 -13.13 -23.18 54.15
N VAL E 78 -14.05 -24.13 53.92
CA VAL E 78 -15.31 -23.86 53.26
C VAL E 78 -16.44 -24.27 54.18
N VAL E 79 -17.42 -23.37 54.34
CA VAL E 79 -18.57 -23.62 55.18
C VAL E 79 -19.78 -23.82 54.29
N LEU E 80 -20.41 -24.98 54.41
CA LEU E 80 -21.65 -25.26 53.71
C LEU E 80 -22.80 -25.17 54.71
N THR E 81 -23.80 -24.35 54.38
CA THR E 81 -24.95 -24.14 55.24
C THR E 81 -26.21 -24.60 54.52
N MET E 82 -27.08 -25.32 55.22
CA MET E 82 -28.29 -25.83 54.62
C MET E 82 -29.44 -25.55 55.58
N THR E 83 -30.22 -24.52 55.30
CA THR E 83 -31.30 -24.12 56.19
C THR E 83 -32.51 -25.04 56.03
N ASN E 84 -33.44 -24.95 56.99
CA ASN E 84 -34.65 -25.74 56.99
C ASN E 84 -34.33 -27.23 56.86
N MET E 85 -33.69 -27.78 57.89
CA MET E 85 -33.29 -29.17 57.85
C MET E 85 -34.53 -30.07 57.81
N ASP E 86 -34.42 -31.18 57.08
CA ASP E 86 -35.53 -32.09 56.84
C ASP E 86 -35.04 -33.51 57.04
N PRO E 87 -35.76 -34.34 57.82
CA PRO E 87 -35.35 -35.73 58.04
C PRO E 87 -35.09 -36.56 56.78
N VAL E 88 -35.56 -36.08 55.63
CA VAL E 88 -35.19 -36.73 54.38
C VAL E 88 -33.71 -36.52 54.07
N ASP E 89 -33.09 -35.49 54.65
CA ASP E 89 -31.71 -35.16 54.34
C ASP E 89 -30.70 -35.87 55.23
N THR E 90 -31.15 -36.78 56.09
CA THR E 90 -30.22 -37.60 56.85
C THR E 90 -29.32 -38.36 55.88
N ALA E 91 -28.03 -38.07 55.91
CA ALA E 91 -27.14 -38.59 54.89
C ALA E 91 -25.69 -38.36 55.29
N THR E 92 -24.79 -38.87 54.46
CA THR E 92 -23.36 -38.66 54.64
C THR E 92 -22.92 -37.57 53.67
N TYR E 93 -22.22 -36.57 54.20
CA TYR E 93 -21.75 -35.44 53.41
C TYR E 93 -20.25 -35.54 53.19
N TYR E 94 -19.84 -35.35 51.94
CA TYR E 94 -18.44 -35.43 51.52
C TYR E 94 -17.98 -34.08 51.02
N CYS E 95 -16.70 -33.79 51.23
CA CYS E 95 -16.05 -32.61 50.69
C CYS E 95 -15.03 -33.05 49.64
N ALA E 96 -15.07 -32.45 48.45
CA ALA E 96 -14.22 -32.86 47.35
C ALA E 96 -13.49 -31.63 46.78
N ARG E 97 -12.34 -31.90 46.17
CA ARG E 97 -11.54 -30.89 45.52
C ARG E 97 -11.49 -31.17 44.02
N ILE E 98 -11.58 -30.11 43.21
CA ILE E 98 -11.75 -30.23 41.76
C ILE E 98 -10.54 -29.64 41.04
N TYR E 99 -9.98 -30.39 40.08
CA TYR E 99 -8.92 -29.91 39.23
C TYR E 99 -9.40 -29.54 37.83
N TYR E 100 -10.68 -29.18 37.64
CA TYR E 100 -11.06 -28.62 36.36
C TYR E 100 -10.23 -27.38 36.01
N GLY E 101 -9.70 -26.69 37.01
CA GLY E 101 -8.75 -25.64 36.74
C GLY E 101 -7.49 -26.13 36.04
N TYR E 102 -7.12 -27.39 36.28
CA TYR E 102 -5.86 -27.93 35.79
C TYR E 102 -6.02 -29.22 34.99
N ARG E 103 -6.94 -30.09 35.40
CA ARG E 103 -7.04 -31.40 34.78
C ARG E 103 -8.50 -31.66 34.42
N PRO E 104 -8.76 -32.51 33.43
CA PRO E 104 -10.14 -32.78 33.04
C PRO E 104 -10.93 -33.67 33.98
N TYR E 105 -10.32 -34.07 35.10
CA TYR E 105 -10.99 -34.90 36.09
C TYR E 105 -11.24 -34.09 37.35
N ALA E 106 -12.48 -34.19 37.87
CA ALA E 106 -12.86 -33.50 39.09
C ALA E 106 -12.92 -34.45 40.28
N MET E 107 -12.89 -33.88 41.49
CA MET E 107 -13.22 -34.61 42.70
C MET E 107 -12.25 -35.79 42.87
N ASP E 108 -10.96 -35.45 42.90
CA ASP E 108 -9.91 -36.44 43.05
C ASP E 108 -9.76 -36.88 44.51
N TYR E 109 -9.61 -35.90 45.40
CA TYR E 109 -9.36 -36.19 46.81
C TYR E 109 -10.64 -35.91 47.58
N TRP E 110 -11.14 -36.92 48.28
CA TRP E 110 -12.33 -36.77 49.09
C TRP E 110 -11.97 -36.88 50.57
N GLY E 111 -12.73 -36.16 51.38
CA GLY E 111 -12.66 -36.39 52.81
C GLY E 111 -13.38 -37.68 53.17
N GLN E 112 -13.15 -38.13 54.40
CA GLN E 112 -13.83 -39.32 54.88
C GLN E 112 -15.35 -39.12 54.96
N GLY E 113 -15.81 -37.88 55.01
CA GLY E 113 -17.23 -37.62 55.07
C GLY E 113 -17.78 -37.73 56.48
N THR E 114 -18.85 -36.99 56.74
CA THR E 114 -19.48 -37.00 58.05
C THR E 114 -20.96 -37.35 57.89
N LEU E 115 -21.44 -38.20 58.80
CA LEU E 115 -22.85 -38.60 58.78
C LEU E 115 -23.66 -37.63 59.63
N VAL E 116 -24.69 -37.04 59.02
CA VAL E 116 -25.57 -36.12 59.70
C VAL E 116 -26.98 -36.70 59.67
N THR E 117 -27.59 -36.78 60.85
CA THR E 117 -28.92 -37.36 61.01
C THR E 117 -29.88 -36.28 61.51
N VAL E 118 -31.05 -36.22 60.89
CA VAL E 118 -32.05 -35.22 61.25
C VAL E 118 -33.14 -35.90 62.06
N SER E 119 -33.12 -35.66 63.36
CA SER E 119 -34.12 -36.21 64.26
C SER E 119 -34.12 -35.40 65.55
N SER E 120 -35.18 -35.56 66.34
CA SER E 120 -35.29 -34.91 67.64
C SER E 120 -34.90 -35.87 68.78
N ILE F 1 -38.31 37.76 -7.67
CA ILE F 1 -38.34 37.99 -9.11
C ILE F 1 -39.71 38.44 -9.58
N VAL F 2 -39.74 39.47 -10.42
CA VAL F 2 -41.01 39.96 -10.95
C VAL F 2 -41.23 39.47 -12.37
N MET F 3 -42.41 38.93 -12.65
CA MET F 3 -42.70 38.43 -13.99
C MET F 3 -43.48 39.46 -14.80
N THR F 4 -42.87 39.93 -15.89
CA THR F 4 -43.54 40.91 -16.74
C THR F 4 -43.99 40.27 -18.04
N GLN F 5 -45.29 40.20 -18.25
CA GLN F 5 -45.82 39.54 -19.44
C GLN F 5 -46.36 40.54 -20.45
N THR F 6 -45.77 40.61 -21.63
CA THR F 6 -46.22 41.56 -22.65
C THR F 6 -46.35 40.89 -24.01
N PRO F 7 -47.24 41.43 -24.87
CA PRO F 7 -48.08 42.59 -24.62
C PRO F 7 -49.27 42.23 -23.75
N LEU F 8 -49.87 43.21 -23.09
CA LEU F 8 -50.96 42.88 -22.18
C LEU F 8 -52.20 42.40 -22.94
N SER F 9 -52.38 42.84 -24.18
CA SER F 9 -53.50 42.43 -25.02
C SER F 9 -52.98 42.03 -26.40
N LEU F 10 -53.48 40.90 -26.92
CA LEU F 10 -52.96 40.34 -28.17
C LEU F 10 -54.12 40.01 -29.10
N PRO F 11 -54.67 41.01 -29.80
CA PRO F 11 -55.77 40.74 -30.74
C PRO F 11 -55.26 40.17 -32.05
N VAL F 12 -55.76 38.99 -32.42
CA VAL F 12 -55.37 38.33 -33.67
C VAL F 12 -56.61 37.71 -34.32
N THR F 13 -56.68 37.78 -35.64
CA THR F 13 -57.61 36.94 -36.37
C THR F 13 -57.23 35.48 -36.16
N PRO F 14 -58.19 34.55 -36.13
CA PRO F 14 -57.86 33.15 -35.94
C PRO F 14 -56.91 32.62 -37.01
N GLY F 15 -55.89 31.90 -36.56
CA GLY F 15 -55.07 31.08 -37.44
C GLY F 15 -53.67 31.60 -37.68
N GLU F 16 -53.40 32.90 -37.56
CA GLU F 16 -52.00 33.28 -37.73
C GLU F 16 -51.30 33.30 -36.38
N PRO F 17 -49.98 33.03 -36.33
CA PRO F 17 -49.33 32.80 -35.04
C PRO F 17 -49.33 34.02 -34.13
N ALA F 18 -49.44 33.75 -32.83
CA ALA F 18 -49.45 34.78 -31.79
C ALA F 18 -48.32 34.51 -30.82
N SER F 19 -47.71 35.61 -30.33
CA SER F 19 -46.52 35.53 -29.49
C SER F 19 -46.71 36.37 -28.24
N ILE F 20 -46.33 35.79 -27.10
CA ILE F 20 -46.37 36.47 -25.80
C ILE F 20 -44.99 36.40 -25.19
N SER F 21 -44.51 37.53 -24.67
CA SER F 21 -43.19 37.62 -24.07
C SER F 21 -43.33 37.86 -22.57
N CYS F 22 -42.50 37.15 -21.80
CA CYS F 22 -42.53 37.31 -20.35
C CYS F 22 -41.09 37.47 -19.86
N ARG F 23 -40.87 38.42 -18.95
CA ARG F 23 -39.52 38.67 -18.46
C ARG F 23 -39.42 38.56 -16.94
N SER F 24 -38.20 38.66 -16.42
CA SER F 24 -37.99 38.55 -14.98
C SER F 24 -36.77 39.35 -14.56
N SER F 25 -36.91 40.14 -13.51
CA SER F 25 -35.79 40.98 -13.07
C SER F 25 -34.49 40.17 -12.98
N GLN F 26 -34.57 38.96 -12.42
CA GLN F 26 -33.40 38.10 -12.27
C GLN F 26 -33.67 36.78 -12.98
N SER F 27 -32.61 35.99 -13.15
CA SER F 27 -32.72 34.74 -13.88
C SER F 27 -33.57 33.74 -13.09
N ILE F 28 -34.38 32.99 -13.82
CA ILE F 28 -35.20 31.94 -13.23
C ILE F 28 -34.45 30.61 -13.15
N VAL F 29 -33.15 30.62 -13.43
CA VAL F 29 -32.36 29.41 -13.40
C VAL F 29 -32.25 28.92 -11.96
N HIS F 30 -32.69 27.67 -11.73
CA HIS F 30 -32.53 27.05 -10.43
C HIS F 30 -31.16 26.36 -10.37
N SER F 31 -30.77 25.95 -9.14
CA SER F 31 -29.48 25.29 -9.00
C SER F 31 -29.46 23.95 -9.73
N ASN F 32 -30.65 23.39 -10.02
CA ASN F 32 -30.70 22.19 -10.84
C ASN F 32 -30.17 22.42 -12.25
N GLY F 33 -30.12 23.69 -12.69
CA GLY F 33 -29.92 24.00 -14.08
C GLY F 33 -31.20 24.01 -14.91
N ASN F 34 -32.34 23.77 -14.25
CA ASN F 34 -33.63 23.79 -14.91
C ASN F 34 -34.40 25.04 -14.49
N THR F 35 -34.99 25.71 -15.48
CA THR F 35 -35.78 26.91 -15.20
C THR F 35 -37.25 26.54 -15.14
N TYR F 36 -37.81 26.53 -13.94
CA TYR F 36 -39.19 26.11 -13.73
C TYR F 36 -40.15 27.24 -14.10
N LEU F 37 -40.33 27.43 -15.41
CA LEU F 37 -41.28 28.40 -15.93
C LEU F 37 -42.52 27.67 -16.41
N GLU F 38 -43.69 28.23 -16.12
CA GLU F 38 -44.95 27.60 -16.44
C GLU F 38 -45.89 28.62 -17.06
N TRP F 39 -46.46 28.26 -18.21
CA TRP F 39 -47.51 29.05 -18.84
C TRP F 39 -48.85 28.39 -18.57
N TYR F 40 -49.74 29.17 -17.97
CA TYR F 40 -51.10 28.75 -17.65
C TYR F 40 -52.08 29.54 -18.52
N LEU F 41 -53.28 28.97 -18.70
CA LEU F 41 -54.33 29.61 -19.46
C LEU F 41 -55.64 29.49 -18.68
N GLN F 42 -56.16 30.63 -18.26
CA GLN F 42 -57.46 30.69 -17.62
C GLN F 42 -58.51 31.03 -18.66
N LYS F 43 -59.41 30.09 -18.89
CA LYS F 43 -60.53 30.34 -19.78
C LYS F 43 -61.61 31.09 -19.01
N PRO F 44 -62.43 31.91 -19.71
CA PRO F 44 -63.50 32.63 -19.04
C PRO F 44 -64.41 31.70 -18.24
N GLY F 45 -64.59 32.04 -16.96
CA GLY F 45 -65.40 31.23 -16.05
C GLY F 45 -64.88 29.82 -15.86
N GLN F 46 -63.55 29.69 -15.76
CA GLN F 46 -62.91 28.41 -15.53
C GLN F 46 -61.67 28.60 -14.68
N SER F 47 -61.28 27.54 -13.96
CA SER F 47 -60.03 27.55 -13.22
C SER F 47 -58.86 27.46 -14.19
N PRO F 48 -57.76 28.20 -13.95
CA PRO F 48 -56.63 28.17 -14.89
C PRO F 48 -56.02 26.78 -15.02
N GLN F 49 -55.57 26.47 -16.22
CA GLN F 49 -55.04 25.15 -16.55
C GLN F 49 -53.61 25.31 -17.05
N LEU F 50 -52.72 24.44 -16.57
CA LEU F 50 -51.32 24.52 -16.96
C LEU F 50 -51.19 24.08 -18.41
N LEU F 51 -50.53 24.92 -19.22
CA LEU F 51 -50.25 24.58 -20.60
C LEU F 51 -48.81 24.09 -20.78
N ILE F 52 -47.86 24.90 -20.33
CA ILE F 52 -46.45 24.58 -20.55
C ILE F 52 -45.69 24.61 -19.24
N TYR F 53 -44.80 23.64 -19.05
CA TYR F 53 -43.94 23.61 -17.89
C TYR F 53 -42.49 23.51 -18.35
N LYS F 54 -41.60 24.10 -17.57
CA LYS F 54 -40.18 24.11 -17.84
C LYS F 54 -39.89 24.62 -19.25
N VAL F 55 -40.55 25.73 -19.59
CA VAL F 55 -40.28 26.52 -20.77
C VAL F 55 -40.67 25.78 -22.05
N SER F 56 -40.02 24.64 -22.32
CA SER F 56 -40.15 23.98 -23.61
C SER F 56 -40.73 22.56 -23.50
N ASN F 57 -41.68 22.37 -22.60
CA ASN F 57 -42.38 21.10 -22.49
C ASN F 57 -43.88 21.34 -22.53
N ARG F 58 -44.59 20.41 -23.15
CA ARG F 58 -46.02 20.54 -23.34
C ARG F 58 -46.75 19.62 -22.38
N PHE F 59 -47.66 20.19 -21.59
CA PHE F 59 -48.39 19.41 -20.61
C PHE F 59 -49.34 18.44 -21.30
N SER F 60 -49.65 17.34 -20.61
CA SER F 60 -50.57 16.34 -21.14
C SER F 60 -51.94 16.95 -21.37
N GLY F 61 -52.54 16.61 -22.51
CA GLY F 61 -53.85 17.13 -22.88
C GLY F 61 -53.80 18.51 -23.54
N VAL F 62 -52.61 18.95 -23.97
CA VAL F 62 -52.44 20.25 -24.57
C VAL F 62 -52.07 20.07 -26.03
N PRO F 63 -52.76 20.71 -26.98
CA PRO F 63 -52.44 20.55 -28.39
C PRO F 63 -51.10 21.17 -28.77
N ASP F 64 -50.55 20.69 -29.88
CA ASP F 64 -49.20 21.03 -30.32
C ASP F 64 -49.06 22.49 -30.72
N ARG F 65 -50.18 23.20 -30.84
CA ARG F 65 -50.16 24.60 -31.27
C ARG F 65 -49.33 25.46 -30.32
N PHE F 66 -49.49 25.24 -29.01
CA PHE F 66 -48.74 26.00 -28.01
C PHE F 66 -47.30 25.48 -27.94
N SER F 67 -46.34 26.40 -27.95
CA SER F 67 -44.93 26.03 -27.88
C SER F 67 -44.16 27.13 -27.15
N GLY F 68 -43.30 26.74 -26.23
CA GLY F 68 -42.54 27.71 -25.47
C GLY F 68 -41.05 27.68 -25.83
N SER F 69 -40.39 28.80 -25.59
CA SER F 69 -38.96 28.90 -25.82
C SER F 69 -38.40 30.04 -25.00
N GLY F 70 -37.09 30.25 -25.12
CA GLY F 70 -36.40 31.33 -24.43
C GLY F 70 -35.52 30.79 -23.32
N SER F 71 -34.88 31.72 -22.61
CA SER F 71 -33.94 31.37 -21.56
C SER F 71 -33.62 32.62 -20.75
N GLY F 72 -32.78 32.43 -19.73
CA GLY F 72 -32.32 33.53 -18.92
C GLY F 72 -33.47 34.29 -18.28
N THR F 73 -33.74 35.50 -18.77
CA THR F 73 -34.82 36.32 -18.25
C THR F 73 -35.95 36.54 -19.27
N ASP F 74 -35.77 36.08 -20.52
CA ASP F 74 -36.75 36.32 -21.56
C ASP F 74 -37.32 34.99 -22.05
N PHE F 75 -38.65 34.88 -22.03
CA PHE F 75 -39.32 33.67 -22.45
C PHE F 75 -40.46 34.02 -23.38
N THR F 76 -40.77 33.09 -24.29
CA THR F 76 -41.74 33.34 -25.35
C THR F 76 -42.70 32.18 -25.48
N LEU F 77 -43.99 32.50 -25.40
CA LEU F 77 -45.05 31.57 -25.78
C LEU F 77 -45.49 31.88 -27.20
N LYS F 78 -45.66 30.82 -28.01
CA LYS F 78 -46.06 30.99 -29.40
C LYS F 78 -47.16 29.99 -29.73
N ILE F 79 -48.23 30.49 -30.34
CA ILE F 79 -49.28 29.64 -30.89
C ILE F 79 -49.27 29.81 -32.40
N SER F 80 -48.90 28.75 -33.12
CA SER F 80 -48.72 28.84 -34.56
C SER F 80 -50.07 29.04 -35.27
N ARG F 81 -51.09 28.30 -34.82
CA ARG F 81 -52.33 28.12 -35.56
C ARG F 81 -53.44 28.52 -34.59
N VAL F 82 -53.74 29.82 -34.50
CA VAL F 82 -54.66 30.31 -33.48
C VAL F 82 -56.07 29.84 -33.77
N GLU F 83 -56.76 29.36 -32.73
CA GLU F 83 -58.14 28.89 -32.88
C GLU F 83 -59.08 29.75 -32.03
N ALA F 84 -60.36 29.39 -32.06
CA ALA F 84 -61.39 30.10 -31.31
C ALA F 84 -61.34 29.78 -29.82
N GLU F 85 -61.02 28.52 -29.48
CA GLU F 85 -61.03 28.09 -28.09
C GLU F 85 -59.85 28.66 -27.30
N ASP F 86 -58.87 29.27 -27.98
CA ASP F 86 -57.69 29.78 -27.31
C ASP F 86 -57.95 31.11 -26.60
N VAL F 87 -59.15 31.68 -26.72
CA VAL F 87 -59.46 32.92 -26.04
C VAL F 87 -59.40 32.71 -24.53
N GLY F 88 -58.83 33.68 -23.83
CA GLY F 88 -58.66 33.60 -22.39
C GLY F 88 -57.47 34.43 -21.96
N VAL F 89 -57.05 34.20 -20.72
CA VAL F 89 -55.96 34.94 -20.12
C VAL F 89 -54.76 34.01 -19.99
N TYR F 90 -53.62 34.44 -20.53
CA TYR F 90 -52.39 33.68 -20.46
C TYR F 90 -51.49 34.24 -19.37
N TYR F 91 -50.96 33.35 -18.52
CA TYR F 91 -50.15 33.74 -17.38
C TYR F 91 -48.80 33.04 -17.48
N CYS F 92 -47.73 33.80 -17.18
CA CYS F 92 -46.41 33.24 -17.04
C CYS F 92 -46.05 33.25 -15.56
N PHE F 93 -45.57 32.10 -15.07
CA PHE F 93 -45.34 31.88 -13.65
C PHE F 93 -43.97 31.27 -13.45
N GLN F 94 -43.29 31.67 -12.39
CA GLN F 94 -41.97 31.12 -12.06
C GLN F 94 -42.10 30.39 -10.73
N GLY F 95 -41.55 29.18 -10.70
CA GLY F 95 -41.60 28.38 -9.48
C GLY F 95 -40.21 28.10 -8.93
N SER F 96 -39.17 28.56 -9.64
CA SER F 96 -37.81 28.24 -9.27
C SER F 96 -37.46 28.81 -7.90
N HIS F 97 -37.76 30.09 -7.72
CA HIS F 97 -37.31 30.82 -6.54
C HIS F 97 -38.51 31.33 -5.74
N VAL F 98 -38.53 30.96 -4.46
CA VAL F 98 -39.45 31.57 -3.52
C VAL F 98 -39.03 33.01 -3.28
N PRO F 99 -39.97 34.00 -3.25
CA PRO F 99 -41.41 33.80 -3.42
C PRO F 99 -41.82 33.65 -4.88
N TRP F 100 -42.94 32.96 -5.11
CA TRP F 100 -43.43 32.73 -6.45
C TRP F 100 -44.35 33.87 -6.87
N SER F 101 -44.44 34.07 -8.19
CA SER F 101 -45.18 35.20 -8.71
C SER F 101 -45.70 34.89 -10.11
N PHE F 102 -46.74 35.62 -10.49
CA PHE F 102 -47.33 35.54 -11.81
C PHE F 102 -47.09 36.83 -12.58
N GLY F 103 -47.18 36.72 -13.90
CA GLY F 103 -47.23 37.86 -14.77
C GLY F 103 -48.60 38.55 -14.66
N GLN F 104 -48.73 39.66 -15.38
CA GLN F 104 -49.97 40.41 -15.34
C GLN F 104 -51.07 39.74 -16.16
N GLY F 105 -50.70 38.77 -17.00
CA GLY F 105 -51.70 38.06 -17.79
C GLY F 105 -52.07 38.82 -19.06
N THR F 106 -52.17 38.10 -20.18
CA THR F 106 -52.49 38.67 -21.46
C THR F 106 -53.83 38.11 -21.93
N LYS F 107 -54.76 38.99 -22.29
CA LYS F 107 -56.03 38.56 -22.84
C LYS F 107 -55.89 38.35 -24.34
N LEU F 108 -56.26 37.16 -24.82
CA LEU F 108 -56.19 36.85 -26.24
C LEU F 108 -57.54 37.18 -26.87
N GLU F 109 -57.50 37.97 -27.95
CA GLU F 109 -58.69 38.39 -28.65
C GLU F 109 -58.72 37.78 -30.05
N ILE F 110 -59.92 37.44 -30.49
CA ILE F 110 -60.14 36.89 -31.82
C ILE F 110 -60.76 37.98 -32.69
N LYS F 111 -60.10 38.28 -33.81
CA LYS F 111 -60.58 39.33 -34.70
C LYS F 111 -61.45 38.75 -35.83
N ILE G 1 -29.04 -32.29 32.08
CA ILE G 1 -28.58 -33.60 31.69
C ILE G 1 -28.73 -34.60 32.83
N VAL G 2 -29.51 -35.66 32.61
CA VAL G 2 -29.70 -36.67 33.64
C VAL G 2 -29.06 -38.00 33.24
N MET G 3 -28.19 -38.52 34.10
CA MET G 3 -27.51 -39.77 33.80
C MET G 3 -28.33 -40.97 34.26
N THR G 4 -28.47 -41.98 33.40
CA THR G 4 -29.23 -43.17 33.75
C THR G 4 -28.35 -44.39 33.71
N GLN G 5 -27.80 -44.79 34.85
CA GLN G 5 -26.88 -45.92 34.89
C GLN G 5 -27.60 -47.26 34.91
N THR G 6 -27.27 -48.14 33.97
CA THR G 6 -27.92 -49.45 33.90
C THR G 6 -26.88 -50.55 33.74
N PRO G 7 -27.20 -51.76 34.22
CA PRO G 7 -28.34 -52.06 35.09
C PRO G 7 -28.07 -51.62 36.52
N LEU G 8 -29.10 -51.66 37.37
CA LEU G 8 -28.91 -51.19 38.74
C LEU G 8 -28.06 -52.16 39.54
N SER G 9 -28.18 -53.47 39.30
CA SER G 9 -27.36 -54.47 39.99
C SER G 9 -26.79 -55.44 38.97
N LEU G 10 -25.48 -55.70 39.06
CA LEU G 10 -24.78 -56.51 38.07
C LEU G 10 -24.04 -57.63 38.77
N PRO G 11 -24.67 -58.80 38.94
CA PRO G 11 -23.97 -59.98 39.45
C PRO G 11 -23.12 -60.62 38.36
N VAL G 12 -21.80 -60.70 38.60
CA VAL G 12 -20.86 -61.22 37.63
C VAL G 12 -19.87 -62.16 38.32
N THR G 13 -19.65 -63.31 37.70
CA THR G 13 -18.65 -64.25 38.19
C THR G 13 -17.26 -63.70 37.93
N PRO G 14 -16.31 -63.91 38.86
CA PRO G 14 -14.96 -63.40 38.68
C PRO G 14 -14.30 -63.99 37.45
N GLY G 15 -13.55 -63.15 36.74
CA GLY G 15 -12.91 -63.54 35.50
C GLY G 15 -13.75 -63.22 34.26
N GLU G 16 -15.05 -62.97 34.46
CA GLU G 16 -15.95 -62.68 33.35
C GLU G 16 -16.10 -61.17 33.19
N PRO G 17 -16.10 -60.67 31.95
CA PRO G 17 -16.26 -59.23 31.73
C PRO G 17 -17.64 -58.73 32.16
N ALA G 18 -17.65 -57.47 32.63
CA ALA G 18 -18.86 -56.82 33.12
C ALA G 18 -19.08 -55.53 32.35
N SER G 19 -20.36 -55.18 32.16
CA SER G 19 -20.75 -54.01 31.39
C SER G 19 -21.68 -53.14 32.23
N ILE G 20 -21.39 -51.83 32.26
CA ILE G 20 -22.28 -50.83 32.84
C ILE G 20 -22.53 -49.78 31.78
N SER G 21 -23.79 -49.38 31.63
CA SER G 21 -24.16 -48.39 30.62
C SER G 21 -24.99 -47.29 31.28
N CYS G 22 -24.68 -46.03 30.94
CA CYS G 22 -25.50 -44.93 31.35
C CYS G 22 -25.76 -43.97 30.19
N ARG G 23 -26.96 -43.39 30.22
CA ARG G 23 -27.44 -42.52 29.16
C ARG G 23 -27.86 -41.18 29.77
N SER G 24 -27.65 -40.11 28.99
CA SER G 24 -28.02 -38.77 29.40
C SER G 24 -29.16 -38.26 28.53
N SER G 25 -29.99 -37.39 29.11
CA SER G 25 -31.09 -36.83 28.34
C SER G 25 -30.59 -35.90 27.25
N GLN G 26 -29.44 -35.28 27.48
CA GLN G 26 -28.87 -34.37 26.50
C GLN G 26 -27.38 -34.60 26.34
N SER G 27 -26.85 -34.32 25.16
CA SER G 27 -25.44 -34.51 24.91
C SER G 27 -24.60 -33.88 26.00
N ILE G 28 -23.58 -34.58 26.46
CA ILE G 28 -22.71 -34.05 27.49
C ILE G 28 -21.52 -33.37 26.82
N VAL G 29 -21.63 -33.14 25.51
CA VAL G 29 -20.55 -32.50 24.79
C VAL G 29 -20.46 -31.03 25.21
N HIS G 30 -19.25 -30.61 25.56
CA HIS G 30 -18.97 -29.24 25.93
C HIS G 30 -18.47 -28.46 24.72
N SER G 31 -18.41 -27.13 24.86
CA SER G 31 -17.91 -26.30 23.77
C SER G 31 -16.43 -26.56 23.53
N ASN G 32 -15.73 -27.14 24.51
CA ASN G 32 -14.36 -27.58 24.27
C ASN G 32 -14.28 -28.66 23.21
N GLY G 33 -15.39 -29.36 22.96
CA GLY G 33 -15.38 -30.56 22.15
C GLY G 33 -15.11 -31.82 22.94
N ASN G 34 -14.97 -31.71 24.26
CA ASN G 34 -14.71 -32.84 25.13
C ASN G 34 -15.97 -33.15 25.94
N THR G 35 -16.18 -34.43 26.25
CA THR G 35 -17.28 -34.82 27.11
C THR G 35 -16.71 -35.20 28.47
N TYR G 36 -17.02 -34.38 29.49
CA TYR G 36 -16.50 -34.58 30.84
C TYR G 36 -17.41 -35.55 31.57
N LEU G 37 -17.43 -36.81 31.08
CA LEU G 37 -18.09 -37.87 31.78
C LEU G 37 -17.05 -38.75 32.45
N GLU G 38 -17.21 -38.91 33.76
CA GLU G 38 -16.22 -39.68 34.55
C GLU G 38 -16.92 -40.73 35.41
N TRP G 39 -16.29 -41.89 35.57
CA TRP G 39 -16.77 -43.00 36.38
C TRP G 39 -16.02 -43.05 37.70
N TYR G 40 -16.81 -43.07 38.77
CA TYR G 40 -16.24 -43.16 40.14
C TYR G 40 -16.70 -44.48 40.76
N LEU G 41 -15.93 -44.99 41.71
CA LEU G 41 -16.23 -46.23 42.43
C LEU G 41 -16.20 -45.94 43.92
N GLN G 42 -17.23 -46.41 44.62
CA GLN G 42 -17.27 -46.35 46.08
C GLN G 42 -17.21 -47.77 46.64
N LYS G 43 -16.18 -48.03 47.45
CA LYS G 43 -16.05 -49.29 48.13
C LYS G 43 -16.82 -49.21 49.44
N PRO G 44 -17.28 -50.39 49.96
CA PRO G 44 -17.99 -50.41 51.24
C PRO G 44 -17.24 -49.70 52.36
N GLY G 45 -17.94 -48.73 52.97
CA GLY G 45 -17.39 -47.94 54.06
C GLY G 45 -16.13 -47.17 53.66
N GLN G 46 -16.17 -46.54 52.48
CA GLN G 46 -15.01 -45.80 51.99
C GLN G 46 -15.48 -44.64 51.14
N SER G 47 -14.69 -43.57 51.15
CA SER G 47 -14.95 -42.42 50.29
C SER G 47 -14.76 -42.81 48.83
N PRO G 48 -15.71 -42.47 47.94
CA PRO G 48 -15.59 -42.86 46.54
C PRO G 48 -14.36 -42.27 45.86
N GLN G 49 -13.79 -43.06 44.95
CA GLN G 49 -12.55 -42.71 44.27
C GLN G 49 -12.79 -42.73 42.76
N LEU G 50 -12.13 -41.82 42.05
CA LEU G 50 -12.33 -41.70 40.62
C LEU G 50 -11.65 -42.84 39.90
N LEU G 51 -12.34 -43.45 38.93
CA LEU G 51 -11.74 -44.48 38.09
C LEU G 51 -11.37 -43.95 36.72
N ILE G 52 -12.36 -43.37 36.02
CA ILE G 52 -12.16 -42.98 34.62
C ILE G 52 -12.61 -41.55 34.44
N TYR G 53 -11.85 -40.79 33.64
CA TYR G 53 -12.22 -39.42 33.31
C TYR G 53 -12.18 -39.24 31.80
N LYS G 54 -13.02 -38.31 31.32
CA LYS G 54 -13.13 -38.00 29.91
C LYS G 54 -13.40 -39.26 29.09
N VAL G 55 -14.34 -40.08 29.59
CA VAL G 55 -14.85 -41.25 28.91
C VAL G 55 -13.79 -42.35 28.78
N SER G 56 -12.70 -42.07 28.06
CA SER G 56 -11.75 -43.11 27.69
C SER G 56 -10.34 -42.86 28.23
N ASN G 57 -10.23 -42.29 29.43
CA ASN G 57 -8.93 -42.11 30.07
C ASN G 57 -9.00 -42.70 31.48
N ARG G 58 -8.03 -43.58 31.79
CA ARG G 58 -7.99 -44.25 33.07
C ARG G 58 -7.18 -43.41 34.05
N PHE G 59 -7.75 -43.17 35.23
CA PHE G 59 -7.09 -42.35 36.24
C PHE G 59 -5.84 -43.05 36.76
N SER G 60 -4.88 -42.24 37.21
CA SER G 60 -3.65 -42.77 37.79
C SER G 60 -3.96 -43.68 38.99
N GLY G 61 -3.34 -44.86 38.98
CA GLY G 61 -3.56 -45.86 40.01
C GLY G 61 -4.72 -46.80 39.70
N VAL G 62 -5.14 -46.88 38.44
CA VAL G 62 -6.26 -47.72 38.04
C VAL G 62 -5.73 -48.77 37.08
N PRO G 63 -6.03 -50.06 37.30
CA PRO G 63 -5.50 -51.10 36.43
C PRO G 63 -6.18 -51.11 35.06
N ASP G 64 -5.60 -51.82 34.10
CA ASP G 64 -6.13 -51.78 32.74
C ASP G 64 -7.48 -52.46 32.54
N ARG G 65 -7.96 -53.16 33.55
CA ARG G 65 -9.22 -53.89 33.42
C ARG G 65 -10.37 -52.93 33.11
N PHE G 66 -10.36 -51.75 33.73
CA PHE G 66 -11.42 -50.78 33.51
C PHE G 66 -11.21 -50.00 32.23
N SER G 67 -12.24 -49.91 31.41
CA SER G 67 -12.14 -49.20 30.13
C SER G 67 -13.47 -48.53 29.84
N GLY G 68 -13.44 -47.23 29.56
CA GLY G 68 -14.65 -46.51 29.21
C GLY G 68 -14.76 -46.25 27.72
N SER G 69 -15.99 -46.12 27.24
CA SER G 69 -16.22 -45.83 25.83
C SER G 69 -17.61 -45.21 25.68
N GLY G 70 -17.91 -44.79 24.46
CA GLY G 70 -19.20 -44.19 24.15
C GLY G 70 -19.04 -42.73 23.73
N SER G 71 -20.18 -42.09 23.46
CA SER G 71 -20.21 -40.71 23.01
C SER G 71 -21.64 -40.22 23.02
N GLY G 72 -21.83 -38.96 22.64
CA GLY G 72 -23.15 -38.37 22.54
C GLY G 72 -23.91 -38.45 23.85
N THR G 73 -24.89 -39.34 23.93
CA THR G 73 -25.67 -39.51 25.15
C THR G 73 -25.48 -40.88 25.79
N ASP G 74 -24.77 -41.80 25.14
CA ASP G 74 -24.61 -43.15 25.64
C ASP G 74 -23.15 -43.39 26.03
N PHE G 75 -22.93 -44.10 27.15
CA PHE G 75 -21.59 -44.38 27.61
C PHE G 75 -21.56 -45.72 28.32
N THR G 76 -20.41 -46.40 28.23
CA THR G 76 -20.28 -47.76 28.72
C THR G 76 -18.93 -47.94 29.41
N LEU G 77 -18.99 -48.38 30.67
CA LEU G 77 -17.83 -48.92 31.37
C LEU G 77 -17.76 -50.43 31.18
N LYS G 78 -16.56 -50.91 30.86
CA LYS G 78 -16.32 -52.32 30.61
C LYS G 78 -15.16 -52.78 31.48
N ILE G 79 -15.38 -53.87 32.21
CA ILE G 79 -14.32 -54.50 32.98
C ILE G 79 -14.04 -55.85 32.32
N SER G 80 -12.84 -55.95 31.71
CA SER G 80 -12.50 -57.14 30.93
C SER G 80 -12.44 -58.39 31.82
N ARG G 81 -11.85 -58.26 33.00
CA ARG G 81 -11.69 -59.37 33.93
C ARG G 81 -11.98 -58.84 35.33
N VAL G 82 -13.21 -59.03 35.80
CA VAL G 82 -13.58 -58.60 37.12
C VAL G 82 -12.80 -59.39 38.16
N GLU G 83 -12.40 -58.71 39.24
CA GLU G 83 -11.67 -59.32 40.33
C GLU G 83 -12.48 -59.24 41.62
N ALA G 84 -11.90 -59.75 42.70
CA ALA G 84 -12.53 -59.72 44.01
C ALA G 84 -12.69 -58.30 44.53
N GLU G 85 -11.68 -57.45 44.28
CA GLU G 85 -11.70 -56.10 44.82
C GLU G 85 -12.58 -55.16 44.01
N ASP G 86 -13.10 -55.62 42.87
CA ASP G 86 -13.98 -54.80 42.05
C ASP G 86 -15.37 -54.62 42.66
N VAL G 87 -15.68 -55.31 43.76
CA VAL G 87 -16.97 -55.17 44.39
C VAL G 87 -17.14 -53.74 44.89
N GLY G 88 -18.33 -53.17 44.66
CA GLY G 88 -18.62 -51.83 45.11
C GLY G 88 -19.73 -51.21 44.29
N VAL G 89 -19.88 -49.89 44.44
CA VAL G 89 -20.89 -49.13 43.72
C VAL G 89 -20.20 -48.29 42.66
N TYR G 90 -20.76 -48.28 41.45
CA TYR G 90 -20.20 -47.54 40.33
C TYR G 90 -21.14 -46.40 39.96
N TYR G 91 -20.55 -45.22 39.70
CA TYR G 91 -21.32 -44.03 39.37
C TYR G 91 -20.74 -43.44 38.09
N CYS G 92 -21.61 -42.94 37.22
CA CYS G 92 -21.16 -42.11 36.10
C CYS G 92 -21.65 -40.69 36.34
N PHE G 93 -20.74 -39.73 36.18
CA PHE G 93 -20.96 -38.36 36.59
C PHE G 93 -20.56 -37.42 35.46
N GLN G 94 -21.44 -36.48 35.15
CA GLN G 94 -21.20 -35.53 34.08
C GLN G 94 -20.87 -34.18 34.70
N GLY G 95 -19.75 -33.61 34.24
CA GLY G 95 -19.30 -32.35 34.79
C GLY G 95 -19.29 -31.25 33.75
N SER G 96 -19.62 -31.59 32.49
CA SER G 96 -19.52 -30.63 31.40
C SER G 96 -20.51 -29.49 31.61
N HIS G 97 -21.76 -29.84 31.94
CA HIS G 97 -22.82 -28.84 32.03
C HIS G 97 -23.35 -28.77 33.46
N VAL G 98 -23.23 -27.58 34.05
CA VAL G 98 -23.91 -27.28 35.30
C VAL G 98 -25.41 -27.25 35.04
N PRO G 99 -26.26 -27.86 35.90
CA PRO G 99 -25.89 -28.52 37.15
C PRO G 99 -25.34 -29.93 36.93
N TRP G 100 -24.46 -30.35 37.84
CA TRP G 100 -23.87 -31.66 37.77
C TRP G 100 -24.77 -32.69 38.45
N SER G 101 -24.58 -33.95 38.09
CA SER G 101 -25.43 -34.99 38.63
C SER G 101 -24.69 -36.32 38.53
N PHE G 102 -25.06 -37.23 39.45
CA PHE G 102 -24.63 -38.61 39.39
C PHE G 102 -25.77 -39.47 38.88
N GLY G 103 -25.38 -40.64 38.34
CA GLY G 103 -26.36 -41.64 38.01
C GLY G 103 -26.91 -42.32 39.27
N GLN G 104 -27.77 -43.29 39.06
CA GLN G 104 -28.31 -44.04 40.20
C GLN G 104 -27.26 -44.99 40.77
N GLY G 105 -26.20 -45.28 40.00
CA GLY G 105 -25.15 -46.17 40.48
C GLY G 105 -25.56 -47.64 40.41
N THR G 106 -24.57 -48.49 40.19
CA THR G 106 -24.80 -49.91 40.08
C THR G 106 -23.95 -50.63 41.11
N LYS G 107 -24.54 -51.65 41.73
CA LYS G 107 -23.85 -52.41 42.77
C LYS G 107 -23.36 -53.73 42.17
N LEU G 108 -22.06 -53.99 42.26
CA LEU G 108 -21.49 -55.21 41.71
C LEU G 108 -21.66 -56.37 42.68
N GLU G 109 -21.99 -57.55 42.13
CA GLU G 109 -22.10 -58.77 42.90
C GLU G 109 -21.20 -59.85 42.29
N ILE G 110 -20.56 -60.64 43.15
CA ILE G 110 -19.61 -61.65 42.70
C ILE G 110 -20.26 -63.02 42.87
N LYS G 111 -20.36 -63.76 41.76
CA LYS G 111 -20.81 -65.14 41.82
C LYS G 111 -19.78 -66.10 41.20
N ALA H 82 44.41 -39.91 -32.92
CA ALA H 82 45.56 -40.79 -33.26
C ALA H 82 45.08 -42.20 -33.58
N GLN H 83 44.20 -42.32 -34.59
CA GLN H 83 43.67 -43.63 -34.96
C GLN H 83 43.39 -43.69 -36.46
N PHE H 84 43.70 -44.81 -37.10
CA PHE H 84 43.64 -44.90 -38.55
C PHE H 84 42.38 -45.62 -39.01
N TYR H 85 42.07 -45.46 -40.30
CA TYR H 85 41.01 -46.19 -40.96
C TYR H 85 41.51 -46.71 -42.30
N VAL H 86 41.14 -47.94 -42.64
CA VAL H 86 41.41 -48.50 -43.96
C VAL H 86 40.07 -48.74 -44.65
N CYS H 87 39.97 -48.24 -45.87
CA CYS H 87 38.69 -48.21 -46.55
C CYS H 87 38.69 -49.13 -47.76
N PRO H 88 37.98 -50.26 -47.70
CA PRO H 88 37.80 -51.08 -48.90
C PRO H 88 36.87 -50.40 -49.88
N PRO H 89 36.99 -50.68 -51.19
CA PRO H 89 36.13 -50.04 -52.17
C PRO H 89 34.66 -50.33 -51.91
N PRO H 90 33.80 -49.30 -52.04
CA PRO H 90 32.38 -49.49 -51.77
C PRO H 90 31.69 -50.30 -52.85
N THR H 91 30.54 -50.86 -52.49
CA THR H 91 29.66 -51.56 -53.41
C THR H 91 28.30 -50.88 -53.45
N GLY H 92 27.49 -51.29 -54.42
CA GLY H 92 26.18 -50.71 -54.64
C GLY H 92 25.14 -51.12 -53.61
N ALA H 93 25.51 -51.97 -52.65
CA ALA H 93 24.54 -52.50 -51.69
C ALA H 93 23.93 -51.37 -50.84
N THR H 94 24.79 -50.47 -50.35
CA THR H 94 24.35 -49.37 -49.51
C THR H 94 24.46 -48.07 -50.30
N VAL H 95 23.30 -47.45 -50.57
CA VAL H 95 23.24 -46.21 -51.32
C VAL H 95 22.48 -45.19 -50.48
N VAL H 96 23.00 -43.96 -50.42
CA VAL H 96 22.47 -42.92 -49.55
C VAL H 96 22.50 -41.59 -50.27
N GLN H 97 21.52 -40.73 -49.98
CA GLN H 97 21.39 -39.44 -50.65
C GLN H 97 21.25 -38.32 -49.61
N PHE H 98 21.27 -37.09 -50.09
CA PHE H 98 21.11 -35.92 -49.22
C PHE H 98 19.64 -35.54 -49.13
N GLU H 99 19.25 -34.96 -48.00
CA GLU H 99 17.88 -34.51 -47.80
C GLU H 99 17.59 -33.34 -48.72
N GLN H 100 16.35 -33.26 -49.19
CA GLN H 100 15.91 -32.12 -49.97
C GLN H 100 15.54 -30.94 -49.08
N PRO H 101 15.60 -29.70 -49.60
CA PRO H 101 15.32 -28.51 -48.78
C PRO H 101 13.93 -28.56 -48.16
N ARG H 102 13.86 -28.14 -46.90
CA ARG H 102 12.61 -28.12 -46.18
C ARG H 102 11.90 -26.79 -46.35
N ARG H 103 10.60 -26.81 -46.00
CA ARG H 103 9.80 -25.62 -45.94
C ARG H 103 10.19 -24.80 -44.72
N CYS H 104 10.89 -23.69 -44.97
CA CYS H 104 11.31 -22.84 -43.88
C CYS H 104 10.11 -22.13 -43.27
N PRO H 105 10.05 -21.99 -41.94
CA PRO H 105 8.91 -21.33 -41.32
C PRO H 105 8.79 -19.87 -41.74
N THR H 106 7.63 -19.28 -41.38
CA THR H 106 7.37 -17.89 -41.73
C THR H 106 7.16 -17.08 -40.46
N ARG H 107 7.20 -15.76 -40.62
CA ARG H 107 6.88 -14.86 -39.52
C ARG H 107 5.40 -15.03 -39.18
N PRO H 108 4.99 -14.81 -37.92
CA PRO H 108 3.57 -14.79 -37.60
C PRO H 108 2.81 -13.71 -38.36
N GLU H 109 1.49 -13.72 -38.28
CA GLU H 109 0.71 -12.72 -39.01
C GLU H 109 1.02 -11.30 -38.52
N GLY H 110 1.36 -11.18 -37.23
CA GLY H 110 1.58 -9.89 -36.63
C GLY H 110 0.26 -9.32 -36.09
N GLN H 111 0.33 -8.77 -34.88
CA GLN H 111 -0.86 -8.33 -34.20
C GLN H 111 -1.47 -7.12 -34.91
N ASN H 112 -2.77 -7.18 -35.17
CA ASN H 112 -3.49 -6.06 -35.75
C ASN H 112 -3.84 -5.07 -34.65
N TYR H 113 -3.09 -3.98 -34.56
CA TYR H 113 -3.22 -3.03 -33.48
C TYR H 113 -4.12 -1.89 -33.92
N THR H 114 -5.07 -1.55 -33.04
CA THR H 114 -6.03 -0.50 -33.32
C THR H 114 -5.71 0.72 -32.46
N GLU H 115 -5.25 1.79 -33.09
CA GLU H 115 -4.97 3.02 -32.36
C GLU H 115 -6.27 3.63 -31.84
N GLY H 116 -6.17 4.27 -30.68
CA GLY H 116 -7.34 4.88 -30.07
C GLY H 116 -6.96 5.68 -28.86
N ILE H 117 -7.96 6.35 -28.28
CA ILE H 117 -7.78 7.20 -27.12
C ILE H 117 -8.54 6.60 -25.95
N ALA H 118 -7.92 6.52 -24.77
CA ALA H 118 -8.51 5.83 -23.65
C ALA H 118 -8.60 6.75 -22.43
N VAL H 119 -9.65 6.52 -21.64
CA VAL H 119 -9.77 7.08 -20.31
C VAL H 119 -10.00 5.94 -19.35
N VAL H 120 -9.10 5.81 -18.36
CA VAL H 120 -9.15 4.71 -17.42
C VAL H 120 -9.72 5.21 -16.11
N PHE H 121 -10.83 4.61 -15.70
CA PHE H 121 -11.54 4.92 -14.47
C PHE H 121 -11.28 3.84 -13.44
N LYS H 122 -11.06 4.25 -12.20
CA LYS H 122 -10.94 3.33 -11.07
C LYS H 122 -12.08 3.58 -10.08
N GLU H 123 -12.23 2.66 -9.14
CA GLU H 123 -13.24 2.76 -8.10
C GLU H 123 -13.00 4.01 -7.24
N ASN H 124 -14.07 4.74 -6.94
CA ASN H 124 -13.97 5.97 -6.18
C ASN H 124 -14.13 5.67 -4.69
N ILE H 125 -13.08 5.95 -3.93
CA ILE H 125 -13.14 5.80 -2.48
C ILE H 125 -13.18 7.15 -1.77
N ALA H 126 -12.82 8.23 -2.46
CA ALA H 126 -12.80 9.54 -1.84
C ALA H 126 -14.22 9.99 -1.53
N PRO H 127 -14.50 10.38 -0.27
CA PRO H 127 -15.86 10.78 0.09
C PRO H 127 -16.29 12.04 -0.64
N TYR H 128 -17.58 12.14 -0.91
CA TYR H 128 -18.15 13.36 -1.41
C TYR H 128 -18.09 14.44 -0.34
N LYS H 129 -17.47 15.58 -0.68
CA LYS H 129 -17.23 16.65 0.27
C LYS H 129 -18.07 17.86 -0.11
N PHE H 130 -18.49 18.62 0.90
CA PHE H 130 -19.14 19.89 0.65
C PHE H 130 -19.02 20.78 1.86
N LYS H 131 -19.44 22.04 1.70
CA LYS H 131 -19.36 23.00 2.78
C LYS H 131 -20.70 23.09 3.49
N ALA H 132 -20.66 23.01 4.83
CA ALA H 132 -21.85 23.12 5.64
C ALA H 132 -21.61 24.19 6.69
N THR H 133 -22.69 24.62 7.34
CA THR H 133 -22.59 25.66 8.34
C THR H 133 -23.37 25.27 9.57
N MET H 134 -22.76 25.43 10.75
CA MET H 134 -23.27 24.90 12.00
C MET H 134 -23.64 26.06 12.90
N TYR H 135 -24.92 26.13 13.28
CA TYR H 135 -25.45 27.15 14.16
C TYR H 135 -25.84 26.47 15.46
N TYR H 136 -25.28 26.92 16.58
CA TYR H 136 -25.68 26.35 17.86
C TYR H 136 -25.41 27.34 18.97
N LYS H 137 -25.63 26.90 20.20
CA LYS H 137 -25.48 27.74 21.37
C LYS H 137 -24.84 26.92 22.48
N ASP H 138 -23.66 27.36 22.94
CA ASP H 138 -23.11 26.80 24.15
C ASP H 138 -23.83 27.40 25.35
N VAL H 139 -24.56 26.57 26.07
CA VAL H 139 -25.18 26.97 27.31
C VAL H 139 -24.35 26.36 28.44
N THR H 140 -23.73 27.23 29.23
CA THR H 140 -22.92 26.81 30.35
C THR H 140 -23.52 27.39 31.61
N VAL H 141 -23.95 26.53 32.51
CA VAL H 141 -24.41 26.97 33.80
C VAL H 141 -23.45 26.46 34.86
N SER H 142 -22.92 27.37 35.66
CA SER H 142 -21.92 27.08 36.67
C SER H 142 -22.49 27.30 38.06
N GLN H 143 -22.29 26.32 38.93
CA GLN H 143 -22.66 26.45 40.31
C GLN H 143 -21.39 26.71 41.10
N VAL H 144 -21.38 27.81 41.86
CA VAL H 144 -20.23 28.20 42.66
C VAL H 144 -20.63 28.23 44.13
N TRP H 145 -19.74 27.74 44.99
CA TRP H 145 -19.88 27.90 46.42
C TRP H 145 -18.87 28.91 46.92
N PHE H 146 -19.37 30.01 47.49
CA PHE H 146 -18.53 31.09 47.96
C PHE H 146 -18.24 30.89 49.44
N GLY H 147 -16.97 30.64 49.77
CA GLY H 147 -16.56 30.43 51.14
C GLY H 147 -16.17 31.73 51.85
N HIS H 148 -15.52 31.57 53.00
CA HIS H 148 -15.08 32.73 53.78
C HIS H 148 -14.04 33.53 53.04
N ARG H 149 -13.15 32.84 52.31
CA ARG H 149 -12.04 33.49 51.62
C ARG H 149 -11.96 33.11 50.15
N TYR H 150 -12.63 32.01 49.76
CA TYR H 150 -12.41 31.44 48.43
C TYR H 150 -13.74 31.14 47.77
N SER H 151 -13.68 30.91 46.47
CA SER H 151 -14.81 30.50 45.66
C SER H 151 -14.41 29.26 44.88
N GLN H 152 -15.32 28.30 44.78
CA GLN H 152 -15.01 27.01 44.20
C GLN H 152 -16.16 26.57 43.30
N PHE H 153 -15.84 26.00 42.14
CA PHE H 153 -16.86 25.42 41.30
C PHE H 153 -17.39 24.14 41.91
N MET H 154 -18.73 24.04 41.97
CA MET H 154 -19.38 22.82 42.42
C MET H 154 -20.10 22.11 41.29
N GLY H 155 -19.89 22.54 40.05
CA GLY H 155 -20.44 21.85 38.89
C GLY H 155 -20.62 22.79 37.71
N ILE H 156 -20.31 22.31 36.52
CA ILE H 156 -20.40 23.15 35.33
C ILE H 156 -21.13 22.37 34.24
N PHE H 157 -22.42 22.58 34.11
CA PHE H 157 -23.20 21.92 33.08
C PHE H 157 -23.01 22.65 31.77
N GLU H 158 -22.32 22.00 30.83
CA GLU H 158 -22.03 22.58 29.53
C GLU H 158 -22.79 21.79 28.47
N ASP H 159 -23.59 22.50 27.67
CA ASP H 159 -24.49 21.86 26.72
C ASP H 159 -24.47 22.63 25.39
N ARG H 160 -24.90 21.93 24.33
CA ARG H 160 -25.00 22.55 23.02
C ARG H 160 -26.43 22.46 22.53
N ALA H 161 -27.08 23.60 22.38
CA ALA H 161 -28.47 23.70 21.94
C ALA H 161 -28.52 24.11 20.47
N PRO H 162 -29.53 23.69 19.71
CA PRO H 162 -29.62 24.11 18.31
C PRO H 162 -30.28 25.46 18.19
N VAL H 163 -30.09 26.08 17.02
CA VAL H 163 -30.67 27.39 16.73
C VAL H 163 -31.95 27.16 15.93
N PRO H 164 -33.12 27.61 16.40
CA PRO H 164 -34.35 27.40 15.67
C PRO H 164 -34.34 28.07 14.31
N PHE H 165 -35.17 27.55 13.40
CA PHE H 165 -35.19 28.06 12.05
C PHE H 165 -35.56 29.55 12.02
N GLU H 166 -36.59 29.92 12.77
CA GLU H 166 -37.01 31.32 12.77
C GLU H 166 -35.91 32.24 13.29
N GLU H 167 -34.93 31.68 14.01
CA GLU H 167 -33.77 32.45 14.46
C GLU H 167 -32.62 32.37 13.46
N VAL H 168 -32.60 31.38 12.59
CA VAL H 168 -31.56 31.27 11.59
C VAL H 168 -31.82 32.22 10.42
N ILE H 169 -33.04 32.22 9.87
CA ILE H 169 -33.30 32.97 8.66
C ILE H 169 -33.62 34.41 8.99
N ASP H 170 -34.41 34.63 10.03
CA ASP H 170 -34.86 35.99 10.35
C ASP H 170 -33.77 36.81 11.01
N LYS H 171 -32.96 36.19 11.87
CA LYS H 171 -32.02 36.92 12.70
C LYS H 171 -30.59 36.86 12.15
N ILE H 172 -30.03 35.66 11.97
CA ILE H 172 -28.62 35.54 11.65
C ILE H 172 -28.38 35.89 10.19
N ASN H 173 -29.10 35.25 9.28
CA ASN H 173 -28.87 35.48 7.86
C ASN H 173 -29.34 36.87 7.43
N ALA H 174 -30.36 37.42 8.10
CA ALA H 174 -30.90 38.70 7.69
C ALA H 174 -30.21 39.89 8.40
N LYS H 175 -30.28 39.93 9.72
CA LYS H 175 -29.81 41.06 10.48
C LYS H 175 -28.38 40.89 11.00
N GLY H 176 -27.83 39.68 10.93
CA GLY H 176 -26.49 39.44 11.42
C GLY H 176 -26.41 39.39 12.95
N VAL H 177 -27.54 39.22 13.63
CA VAL H 177 -27.53 39.11 15.08
C VAL H 177 -28.12 37.78 15.48
N CYS H 178 -27.99 37.44 16.77
CA CYS H 178 -28.48 36.18 17.31
C CYS H 178 -29.14 36.47 18.64
N ARG H 179 -30.20 35.74 18.95
CA ARG H 179 -30.88 35.92 20.23
C ARG H 179 -29.97 35.50 21.38
N SER H 180 -30.17 36.12 22.54
CA SER H 180 -29.35 35.83 23.71
C SER H 180 -29.97 34.78 24.63
N THR H 181 -31.08 34.19 24.21
CA THR H 181 -31.71 33.13 24.99
C THR H 181 -31.87 31.89 24.14
N ALA H 182 -31.61 30.73 24.74
CA ALA H 182 -31.73 29.47 24.05
C ALA H 182 -32.94 28.71 24.59
N LYS H 183 -33.96 28.53 23.75
CA LYS H 183 -35.13 27.73 24.10
C LYS H 183 -35.10 26.46 23.26
N TYR H 184 -34.81 25.33 23.89
CA TYR H 184 -34.61 24.09 23.17
C TYR H 184 -35.10 22.93 24.02
N VAL H 185 -35.48 21.85 23.34
CA VAL H 185 -35.96 20.65 24.02
C VAL H 185 -34.76 19.72 24.29
N ARG H 186 -34.59 19.37 25.57
CA ARG H 186 -33.50 18.52 25.97
C ARG H 186 -34.02 17.50 26.96
N ASN H 187 -33.68 16.22 26.72
CA ASN H 187 -34.14 15.13 27.56
C ASN H 187 -35.65 15.21 27.74
N ASN H 188 -36.35 15.41 26.61
CA ASN H 188 -37.79 15.41 26.56
C ASN H 188 -38.35 16.45 27.51
N MET H 189 -37.73 17.63 27.53
CA MET H 189 -38.26 18.78 28.22
C MET H 189 -37.73 20.05 27.54
N GLU H 190 -38.61 21.05 27.39
CA GLU H 190 -38.27 22.30 26.74
C GLU H 190 -37.70 23.23 27.80
N THR H 191 -36.38 23.42 27.76
CA THR H 191 -35.68 24.29 28.68
C THR H 191 -35.30 25.60 28.00
N THR H 192 -35.31 26.67 28.80
CA THR H 192 -34.91 28.00 28.33
C THR H 192 -33.77 28.49 29.19
N ALA H 193 -32.71 28.95 28.53
CA ALA H 193 -31.54 29.50 29.20
C ALA H 193 -31.39 30.96 28.79
N PHE H 194 -31.31 31.85 29.79
CA PHE H 194 -31.17 33.28 29.54
C PHE H 194 -29.73 33.68 29.81
N HIS H 195 -29.11 34.36 28.84
CA HIS H 195 -27.73 34.78 29.02
C HIS H 195 -27.62 35.79 30.15
N ARG H 196 -26.59 35.63 30.98
CA ARG H 196 -26.31 36.49 32.12
C ARG H 196 -27.49 36.57 33.09
N ASP H 197 -28.43 35.62 33.02
CA ASP H 197 -29.62 35.65 33.85
C ASP H 197 -30.40 36.96 33.67
N ASP H 198 -30.35 37.51 32.46
CA ASP H 198 -31.00 38.76 32.15
C ASP H 198 -32.10 38.56 31.13
N HIS H 199 -32.69 39.66 30.67
CA HIS H 199 -33.74 39.60 29.67
C HIS H 199 -33.21 39.20 28.31
N GLU H 200 -34.12 38.79 27.42
CA GLU H 200 -33.76 38.44 26.06
C GLU H 200 -33.25 39.67 25.32
N THR H 201 -32.19 39.47 24.53
CA THR H 201 -31.55 40.55 23.80
C THR H 201 -30.97 40.01 22.51
N ASP H 202 -30.80 40.90 21.52
CA ASP H 202 -30.19 40.53 20.26
C ASP H 202 -28.73 40.95 20.29
N MET H 203 -27.81 40.00 20.08
CA MET H 203 -26.39 40.24 20.22
C MET H 203 -25.70 40.05 18.89
N GLU H 204 -24.67 40.85 18.63
CA GLU H 204 -23.97 40.81 17.37
C GLU H 204 -23.10 39.56 17.26
N LEU H 205 -22.88 39.10 16.04
CA LEU H 205 -21.94 38.01 15.80
C LEU H 205 -20.64 38.58 15.26
N LYS H 206 -19.61 38.59 16.12
CA LYS H 206 -18.32 39.13 15.75
C LYS H 206 -17.36 37.99 15.45
N PRO H 207 -16.32 38.23 14.62
CA PRO H 207 -15.42 37.14 14.24
C PRO H 207 -14.71 36.55 15.43
N ALA H 208 -14.51 35.22 15.37
CA ALA H 208 -13.80 34.51 16.42
C ALA H 208 -12.30 34.72 16.27
N LYS H 209 -11.58 34.38 17.33
CA LYS H 209 -10.14 34.55 17.34
C LYS H 209 -9.50 33.64 16.28
N VAL H 210 -8.46 34.14 15.63
CA VAL H 210 -7.90 33.42 14.50
C VAL H 210 -7.09 32.22 14.99
N ALA H 211 -7.34 31.07 14.37
CA ALA H 211 -6.59 29.85 14.62
C ALA H 211 -6.10 29.27 13.30
N THR H 212 -4.93 28.62 13.36
CA THR H 212 -4.29 28.10 12.17
C THR H 212 -5.07 26.91 11.61
N ARG H 213 -5.19 26.87 10.28
CA ARG H 213 -5.81 25.75 9.57
C ARG H 213 -7.22 25.46 10.06
N THR H 214 -7.97 26.53 10.35
CA THR H 214 -9.35 26.40 10.80
C THR H 214 -10.23 27.32 9.98
N SER H 215 -11.46 26.87 9.72
CA SER H 215 -12.40 27.66 8.95
C SER H 215 -12.95 28.80 9.79
N ARG H 216 -13.70 29.68 9.13
CA ARG H 216 -14.21 30.88 9.79
C ARG H 216 -15.19 30.50 10.89
N GLY H 217 -15.32 31.38 11.88
CA GLY H 217 -16.23 31.16 12.98
C GLY H 217 -16.64 32.48 13.61
N TRP H 218 -17.87 32.54 14.14
CA TRP H 218 -18.40 33.72 14.78
C TRP H 218 -19.04 33.34 16.10
N HIS H 219 -18.95 34.25 17.07
CA HIS H 219 -19.59 34.05 18.37
C HIS H 219 -20.11 35.38 18.87
N THR H 220 -21.01 35.34 19.85
CA THR H 220 -21.60 36.55 20.39
C THR H 220 -20.94 36.98 21.70
N THR H 221 -20.84 36.05 22.64
CA THR H 221 -20.21 36.31 23.93
C THR H 221 -18.81 35.71 23.96
N ASP H 222 -17.90 36.34 24.70
CA ASP H 222 -16.54 35.86 24.80
C ASP H 222 -16.16 35.43 26.22
N LEU H 223 -16.95 35.81 27.22
CA LEU H 223 -16.64 35.52 28.62
C LEU H 223 -17.80 34.76 29.24
N LYS H 224 -17.45 33.75 30.03
CA LYS H 224 -18.45 33.01 30.78
C LYS H 224 -18.93 33.88 31.93
N TYR H 225 -20.24 33.86 32.18
CA TYR H 225 -20.80 34.63 33.28
C TYR H 225 -20.88 33.76 34.52
N ASN H 226 -20.28 34.24 35.60
CA ASN H 226 -20.29 33.52 36.86
C ASN H 226 -21.05 34.34 37.89
N PRO H 227 -21.73 33.69 38.85
CA PRO H 227 -22.58 34.42 39.76
C PRO H 227 -21.80 35.37 40.65
N SER H 228 -22.48 36.45 41.04
CA SER H 228 -21.92 37.41 41.98
C SER H 228 -21.72 36.74 43.33
N ARG H 229 -20.68 37.18 44.04
CA ARG H 229 -20.29 36.52 45.27
C ARG H 229 -21.28 36.82 46.39
N VAL H 230 -21.83 35.76 46.98
CA VAL H 230 -22.64 35.86 48.18
C VAL H 230 -22.09 34.87 49.19
N GLU H 231 -21.85 35.33 50.41
CA GLU H 231 -21.15 34.53 51.39
C GLU H 231 -21.94 33.28 51.76
N ALA H 232 -21.26 32.12 51.67
CA ALA H 232 -21.79 30.84 52.15
C ALA H 232 -23.12 30.49 51.47
N PHE H 233 -23.15 30.57 50.15
CA PHE H 233 -24.35 30.23 49.40
C PHE H 233 -23.98 29.64 48.06
N HIS H 234 -24.64 28.54 47.71
CA HIS H 234 -24.51 27.97 46.37
C HIS H 234 -25.26 28.86 45.39
N ARG H 235 -24.58 29.27 44.32
CA ARG H 235 -25.19 30.20 43.37
C ARG H 235 -24.95 29.73 41.96
N TYR H 236 -25.99 29.86 41.13
CA TYR H 236 -25.97 29.36 39.77
C TYR H 236 -25.89 30.54 38.80
N GLY H 237 -25.11 30.36 37.73
CA GLY H 237 -24.98 31.39 36.72
C GLY H 237 -24.98 30.83 35.32
N THR H 238 -25.73 31.46 34.44
CA THR H 238 -25.92 30.97 33.08
C THR H 238 -25.07 31.75 32.10
N THR H 239 -24.70 31.12 30.99
CA THR H 239 -23.93 31.77 29.96
C THR H 239 -24.32 31.17 28.62
N VAL H 240 -24.83 32.00 27.71
CA VAL H 240 -25.26 31.56 26.40
C VAL H 240 -24.38 32.20 25.35
N ASN H 241 -23.65 31.35 24.63
CA ASN H 241 -22.77 31.80 23.57
C ASN H 241 -23.27 31.25 22.24
N CYS H 242 -23.83 32.12 21.40
CA CYS H 242 -24.33 31.72 20.09
C CYS H 242 -23.17 31.64 19.10
N ILE H 243 -22.97 30.46 18.52
CA ILE H 243 -21.81 30.17 17.71
C ILE H 243 -22.24 29.75 16.31
N VAL H 244 -21.50 30.23 15.30
CA VAL H 244 -21.66 29.84 13.91
C VAL H 244 -20.31 29.41 13.37
N GLU H 245 -20.22 28.19 12.82
CA GLU H 245 -18.97 27.71 12.27
C GLU H 245 -19.17 27.15 10.87
N GLU H 246 -18.37 27.60 9.91
CA GLU H 246 -18.33 26.96 8.62
C GLU H 246 -17.44 25.73 8.73
N VAL H 247 -17.94 24.57 8.27
CA VAL H 247 -17.26 23.30 8.42
C VAL H 247 -17.31 22.54 7.11
N ASP H 248 -16.48 21.50 7.04
CA ASP H 248 -16.56 20.54 5.95
C ASP H 248 -17.45 19.38 6.34
N ALA H 249 -18.25 18.91 5.38
CA ALA H 249 -19.08 17.75 5.57
C ALA H 249 -18.72 16.71 4.52
N ARG H 250 -18.59 15.46 4.98
CA ARG H 250 -18.17 14.38 4.12
C ARG H 250 -19.19 13.25 4.20
N SER H 251 -19.49 12.66 3.05
CA SER H 251 -20.36 11.50 2.99
C SER H 251 -19.73 10.43 2.10
N VAL H 252 -20.12 9.17 2.34
CA VAL H 252 -19.66 8.06 1.52
C VAL H 252 -20.86 7.27 1.04
N TYR H 253 -20.61 6.34 0.14
CA TYR H 253 -21.69 5.54 -0.45
C TYR H 253 -22.38 4.77 0.65
N PRO H 254 -23.72 4.64 0.64
CA PRO H 254 -24.60 5.17 -0.42
C PRO H 254 -25.13 6.59 -0.18
N TYR H 255 -24.36 7.40 0.55
CA TYR H 255 -24.70 8.80 0.75
C TYR H 255 -26.08 8.95 1.39
N ASP H 256 -26.27 8.24 2.50
CA ASP H 256 -27.49 8.33 3.29
C ASP H 256 -27.24 9.03 4.63
N GLU H 257 -25.98 9.39 4.91
CA GLU H 257 -25.61 10.11 6.12
C GLU H 257 -24.25 10.74 5.90
N PHE H 258 -24.01 11.86 6.59
CA PHE H 258 -22.76 12.58 6.41
C PHE H 258 -22.26 13.09 7.74
N VAL H 259 -20.94 13.31 7.81
CA VAL H 259 -20.27 13.75 9.01
C VAL H 259 -19.80 15.18 8.82
N LEU H 260 -19.64 15.89 9.93
CA LEU H 260 -19.14 17.25 9.92
C LEU H 260 -17.68 17.26 10.38
N ALA H 261 -17.04 18.42 10.24
CA ALA H 261 -15.63 18.53 10.61
C ALA H 261 -15.45 18.36 12.13
N THR H 262 -16.52 18.54 12.90
CA THR H 262 -16.45 18.47 14.35
C THR H 262 -16.64 17.05 14.87
N GLY H 263 -16.66 16.06 13.97
CA GLY H 263 -16.81 14.69 14.38
C GLY H 263 -18.24 14.32 14.72
N ASP H 264 -19.20 15.22 14.44
CA ASP H 264 -20.61 14.94 14.69
C ASP H 264 -21.22 14.31 13.45
N PHE H 265 -22.07 13.31 13.65
CA PHE H 265 -22.73 12.65 12.54
C PHE H 265 -24.09 13.30 12.30
N VAL H 266 -24.48 13.34 11.02
CA VAL H 266 -25.82 13.79 10.65
C VAL H 266 -26.49 12.66 9.90
N TYR H 267 -27.64 12.19 10.42
CA TYR H 267 -28.25 10.95 9.95
C TYR H 267 -29.31 11.24 8.91
N MET H 268 -28.89 11.85 7.81
CA MET H 268 -29.76 12.11 6.69
C MET H 268 -28.90 12.20 5.46
N SER H 269 -29.46 11.78 4.32
CA SER H 269 -28.75 11.88 3.07
C SER H 269 -28.44 13.34 2.77
N PRO H 270 -27.23 13.64 2.26
CA PRO H 270 -26.89 15.02 1.97
C PRO H 270 -27.78 15.62 0.91
N PHE H 271 -28.45 14.79 0.12
CA PHE H 271 -29.24 15.24 -1.01
C PHE H 271 -30.75 15.14 -0.74
N TYR H 272 -31.17 15.13 0.51
CA TYR H 272 -32.58 15.20 0.81
C TYR H 272 -33.12 16.53 0.33
N GLY H 273 -34.28 16.51 -0.33
CA GLY H 273 -34.83 17.73 -0.89
C GLY H 273 -36.35 17.72 -1.01
N TYR H 274 -36.86 18.52 -1.95
CA TYR H 274 -38.29 18.61 -2.19
C TYR H 274 -38.68 18.30 -3.63
N ARG H 275 -37.75 18.32 -4.60
CA ARG H 275 -38.16 18.25 -5.99
C ARG H 275 -37.74 16.93 -6.64
N GLU H 276 -38.72 16.25 -7.26
CA GLU H 276 -38.47 15.13 -8.17
C GLU H 276 -37.68 14.03 -7.46
N GLY H 277 -38.30 13.46 -6.42
CA GLY H 277 -37.76 12.28 -5.77
C GLY H 277 -36.58 12.58 -4.86
N SER H 278 -36.25 13.85 -4.62
CA SER H 278 -35.22 14.22 -3.68
C SER H 278 -35.71 14.12 -2.23
N HIS H 279 -36.93 13.62 -2.04
CA HIS H 279 -37.48 13.46 -0.71
C HIS H 279 -37.55 12.00 -0.28
N THR H 280 -37.28 11.06 -1.18
CA THR H 280 -37.23 9.66 -0.80
C THR H 280 -35.86 9.25 -0.27
N GLU H 281 -34.87 10.14 -0.35
CA GLU H 281 -33.55 9.84 0.21
C GLU H 281 -33.63 9.67 1.73
N HIS H 282 -32.71 8.86 2.25
CA HIS H 282 -32.81 8.42 3.63
C HIS H 282 -32.77 9.60 4.60
N THR H 283 -33.66 9.56 5.59
CA THR H 283 -33.63 10.50 6.69
C THR H 283 -34.02 9.75 7.96
N SER H 284 -33.25 9.98 9.02
CA SER H 284 -33.48 9.31 10.29
C SER H 284 -34.15 10.21 11.31
N TYR H 285 -34.40 11.48 10.96
CA TYR H 285 -35.02 12.40 11.88
C TYR H 285 -36.48 12.64 11.49
N ALA H 286 -37.21 13.26 12.41
CA ALA H 286 -38.59 13.63 12.15
C ALA H 286 -38.65 14.63 11.00
N ALA H 287 -39.73 14.58 10.22
CA ALA H 287 -39.83 15.40 9.03
C ALA H 287 -39.94 16.88 9.39
N ASP H 288 -40.32 17.22 10.62
CA ASP H 288 -40.45 18.61 11.01
C ASP H 288 -39.12 19.24 11.44
N ARG H 289 -38.05 18.45 11.49
CA ARG H 289 -36.74 18.97 11.79
C ARG H 289 -35.98 19.39 10.54
N PHE H 290 -36.52 19.16 9.34
CA PHE H 290 -35.88 19.53 8.09
C PHE H 290 -36.65 20.69 7.46
N LYS H 291 -35.92 21.62 6.86
CA LYS H 291 -36.52 22.77 6.20
C LYS H 291 -35.67 23.18 5.03
N GLN H 292 -36.24 23.19 3.81
CA GLN H 292 -35.49 23.55 2.62
C GLN H 292 -35.95 24.91 2.14
N VAL H 293 -35.16 25.95 2.39
CA VAL H 293 -35.49 27.27 1.90
C VAL H 293 -35.04 27.38 0.45
N ASP H 294 -36.00 27.53 -0.46
CA ASP H 294 -35.67 27.72 -1.86
C ASP H 294 -35.42 29.20 -2.12
N GLY H 295 -34.40 29.48 -2.93
CA GLY H 295 -34.00 30.86 -3.14
C GLY H 295 -33.51 31.53 -1.85
N PHE H 296 -32.37 31.06 -1.35
CA PHE H 296 -31.79 31.58 -0.12
C PHE H 296 -30.63 32.51 -0.46
N TYR H 297 -30.71 33.74 0.05
CA TYR H 297 -29.70 34.75 -0.20
C TYR H 297 -28.73 34.78 0.98
N ALA H 298 -27.59 34.12 0.79
CA ALA H 298 -26.61 34.03 1.87
C ALA H 298 -25.96 35.39 2.12
N ARG H 299 -25.94 35.80 3.39
CA ARG H 299 -25.35 37.08 3.78
C ARG H 299 -24.12 36.80 4.64
N ASP H 300 -22.94 37.03 4.06
CA ASP H 300 -21.70 36.83 4.79
C ASP H 300 -21.67 37.67 6.05
N LEU H 301 -21.30 37.04 7.17
CA LEU H 301 -21.35 37.70 8.47
C LEU H 301 -20.13 38.58 8.76
N THR H 302 -19.10 38.53 7.90
CA THR H 302 -17.94 39.41 8.04
C THR H 302 -18.11 40.68 7.21
N THR H 303 -18.25 40.53 5.89
CA THR H 303 -18.41 41.69 5.03
C THR H 303 -19.82 42.29 5.11
N LYS H 304 -20.79 41.51 5.60
CA LYS H 304 -22.17 41.95 5.70
C LYS H 304 -22.74 42.38 4.34
N ALA H 305 -22.39 41.63 3.29
CA ALA H 305 -22.88 41.87 1.95
C ALA H 305 -23.72 40.68 1.50
N ARG H 306 -24.98 40.96 1.14
CA ARG H 306 -25.90 39.90 0.73
C ARG H 306 -25.54 39.40 -0.67
N ALA H 307 -25.49 38.08 -0.84
CA ALA H 307 -25.21 37.48 -2.13
C ALA H 307 -26.37 37.73 -3.10
N THR H 308 -26.04 37.83 -4.38
CA THR H 308 -27.06 38.07 -5.39
C THR H 308 -27.67 36.77 -5.90
N SER H 309 -26.84 35.76 -6.19
CA SER H 309 -27.34 34.53 -6.79
C SER H 309 -28.04 33.69 -5.73
N PRO H 310 -29.33 33.37 -5.89
CA PRO H 310 -30.01 32.55 -4.90
C PRO H 310 -29.53 31.10 -4.93
N THR H 311 -29.62 30.44 -3.77
CA THR H 311 -29.26 29.04 -3.64
C THR H 311 -30.33 28.32 -2.84
N THR H 312 -30.41 27.01 -3.03
CA THR H 312 -31.35 26.19 -2.30
C THR H 312 -30.67 25.70 -1.04
N ARG H 313 -31.22 26.07 0.13
CA ARG H 313 -30.55 25.86 1.39
C ARG H 313 -31.33 24.86 2.25
N ASN H 314 -30.78 23.67 2.44
CA ASN H 314 -31.30 22.73 3.39
C ASN H 314 -30.87 23.14 4.79
N LEU H 315 -31.75 22.93 5.76
CA LEU H 315 -31.46 23.19 7.16
C LEU H 315 -32.01 22.02 7.97
N LEU H 316 -31.18 21.47 8.86
CA LEU H 316 -31.59 20.42 9.77
C LEU H 316 -31.31 20.86 11.19
N THR H 317 -32.27 20.71 12.08
CA THR H 317 -32.11 21.04 13.49
C THR H 317 -31.95 19.74 14.28
N THR H 318 -30.74 19.24 14.35
CA THR H 318 -30.41 18.08 15.16
C THR H 318 -30.52 18.42 16.63
N PRO H 319 -30.61 17.43 17.52
CA PRO H 319 -30.76 17.72 18.94
C PRO H 319 -29.64 18.55 19.56
N LYS H 320 -28.45 18.55 18.94
CA LYS H 320 -27.30 19.27 19.48
C LYS H 320 -27.06 20.59 18.77
N PHE H 321 -27.23 20.64 17.45
CA PHE H 321 -26.85 21.81 16.67
C PHE H 321 -27.82 21.92 15.50
N THR H 322 -27.55 22.89 14.60
CA THR H 322 -28.35 23.08 13.42
C THR H 322 -27.45 23.27 12.22
N VAL H 323 -27.52 22.34 11.27
CA VAL H 323 -26.67 22.40 10.09
C VAL H 323 -27.47 23.03 8.97
N ALA H 324 -26.76 23.64 8.02
CA ALA H 324 -27.34 24.13 6.80
C ALA H 324 -26.34 23.91 5.67
N TRP H 325 -26.85 23.59 4.49
CA TRP H 325 -25.98 23.38 3.35
C TRP H 325 -26.73 23.59 2.04
N ASP H 326 -25.98 23.88 0.98
CA ASP H 326 -26.59 24.15 -0.31
C ASP H 326 -27.03 22.84 -0.95
N TRP H 327 -28.30 22.78 -1.33
CA TRP H 327 -28.87 21.57 -1.90
C TRP H 327 -28.41 21.40 -3.34
N VAL H 328 -28.02 20.16 -3.68
CA VAL H 328 -27.68 19.82 -5.04
C VAL H 328 -28.32 18.47 -5.34
N PRO H 329 -28.67 18.19 -6.61
CA PRO H 329 -29.19 16.88 -6.96
C PRO H 329 -28.14 15.79 -6.76
N LYS H 330 -28.61 14.61 -6.36
CA LYS H 330 -27.70 13.52 -6.04
C LYS H 330 -27.05 12.96 -7.29
N ARG H 331 -27.86 12.70 -8.33
CA ARG H 331 -27.40 11.94 -9.47
C ARG H 331 -26.18 12.57 -10.17
N PRO H 332 -26.18 13.87 -10.53
CA PRO H 332 -25.03 14.42 -11.25
C PRO H 332 -23.89 14.94 -10.36
N ALA H 333 -23.94 14.69 -9.05
CA ALA H 333 -22.93 15.18 -8.13
C ALA H 333 -21.96 14.08 -7.68
N VAL H 334 -22.48 12.89 -7.39
CA VAL H 334 -21.66 11.79 -6.91
C VAL H 334 -21.45 10.80 -8.04
N CYS H 335 -20.53 9.86 -7.81
CA CYS H 335 -20.26 8.80 -8.75
C CYS H 335 -19.51 7.67 -8.06
N THR H 336 -19.66 6.45 -8.57
CA THR H 336 -18.92 5.32 -8.04
C THR H 336 -17.62 5.07 -8.78
N MET H 337 -17.28 5.92 -9.76
CA MET H 337 -16.03 5.77 -10.50
C MET H 337 -15.35 7.13 -10.64
N THR H 338 -14.03 7.11 -10.74
CA THR H 338 -13.24 8.32 -10.85
C THR H 338 -12.26 8.17 -12.00
N LYS H 339 -12.14 9.22 -12.83
CA LYS H 339 -11.16 9.22 -13.89
C LYS H 339 -9.77 9.14 -13.27
N TRP H 340 -8.99 8.12 -13.69
CA TRP H 340 -7.65 7.91 -13.14
C TRP H 340 -6.56 8.27 -14.15
N GLN H 341 -6.70 7.83 -15.40
CA GLN H 341 -5.64 8.07 -16.37
C GLN H 341 -6.23 8.47 -17.72
N GLU H 342 -5.46 9.28 -18.45
CA GLU H 342 -5.77 9.65 -19.83
C GLU H 342 -4.63 9.15 -20.71
N VAL H 343 -4.97 8.34 -21.72
CA VAL H 343 -3.98 7.76 -22.60
C VAL H 343 -4.26 8.24 -24.01
N ASP H 344 -3.30 8.97 -24.59
CA ASP H 344 -3.42 9.46 -25.95
C ASP H 344 -3.51 8.31 -26.95
N GLU H 345 -2.58 7.35 -26.80
CA GLU H 345 -2.44 6.25 -27.74
C GLU H 345 -2.45 4.94 -26.96
N MET H 346 -3.64 4.38 -26.80
CA MET H 346 -3.81 3.09 -26.14
C MET H 346 -4.15 2.07 -27.22
N LEU H 347 -3.17 1.28 -27.60
CA LEU H 347 -3.35 0.32 -28.69
C LEU H 347 -4.21 -0.85 -28.22
N ARG H 348 -5.23 -1.17 -29.01
CA ARG H 348 -6.14 -2.26 -28.70
C ARG H 348 -5.89 -3.42 -29.65
N ALA H 349 -5.81 -4.62 -29.10
CA ALA H 349 -5.58 -5.81 -29.90
C ALA H 349 -6.60 -6.87 -29.51
N GLU H 350 -6.93 -7.72 -30.47
CA GLU H 350 -7.79 -8.88 -30.24
C GLU H 350 -6.90 -10.12 -30.28
N TYR H 351 -7.08 -10.98 -29.27
CA TYR H 351 -6.16 -12.08 -29.08
C TYR H 351 -6.75 -13.04 -28.07
N GLY H 352 -6.77 -14.33 -28.43
CA GLY H 352 -7.24 -15.38 -27.54
C GLY H 352 -8.65 -15.15 -27.02
N GLY H 353 -9.52 -14.60 -27.88
CA GLY H 353 -10.88 -14.28 -27.48
C GLY H 353 -10.93 -13.25 -26.35
N SER H 354 -10.03 -12.27 -26.39
CA SER H 354 -10.00 -11.21 -25.40
C SER H 354 -9.38 -9.96 -26.03
N PHE H 355 -9.63 -8.82 -25.40
CA PHE H 355 -9.03 -7.57 -25.81
C PHE H 355 -7.85 -7.26 -24.91
N ARG H 356 -6.73 -6.86 -25.50
CA ARG H 356 -5.59 -6.38 -24.76
C ARG H 356 -5.38 -4.91 -25.09
N PHE H 357 -5.52 -4.05 -24.09
CA PHE H 357 -5.29 -2.62 -24.23
C PHE H 357 -3.92 -2.31 -23.65
N SER H 358 -2.97 -1.99 -24.52
CA SER H 358 -1.60 -1.73 -24.12
C SER H 358 -1.27 -0.26 -24.35
N SER H 359 -0.77 0.40 -23.31
CA SER H 359 -0.40 1.81 -23.36
C SER H 359 1.08 1.92 -23.04
N ASP H 360 1.85 2.43 -24.00
CA ASP H 360 3.28 2.60 -23.85
C ASP H 360 3.61 3.79 -22.97
N ALA H 361 2.73 4.80 -22.92
CA ALA H 361 3.03 6.01 -22.17
C ALA H 361 3.16 5.69 -20.68
N ILE H 362 2.23 4.89 -20.15
CA ILE H 362 2.27 4.49 -18.75
C ILE H 362 2.76 3.05 -18.57
N SER H 363 3.04 2.35 -19.68
CA SER H 363 3.56 0.99 -19.64
C SER H 363 2.58 0.07 -18.92
N THR H 364 1.35 0.01 -19.41
CA THR H 364 0.31 -0.73 -18.74
C THR H 364 -0.53 -1.50 -19.75
N THR H 365 -0.78 -2.77 -19.45
CA THR H 365 -1.57 -3.61 -20.32
C THR H 365 -2.74 -4.20 -19.54
N PHE H 366 -3.94 -3.94 -20.02
CA PHE H 366 -5.17 -4.48 -19.44
C PHE H 366 -5.74 -5.56 -20.34
N THR H 367 -6.41 -6.53 -19.72
CA THR H 367 -7.07 -7.59 -20.45
C THR H 367 -8.56 -7.58 -20.14
N THR H 368 -9.38 -7.56 -21.19
CA THR H 368 -10.83 -7.44 -21.05
C THR H 368 -11.51 -8.52 -21.87
N ASN H 369 -12.74 -8.86 -21.47
CA ASN H 369 -13.53 -9.79 -22.25
C ASN H 369 -13.96 -9.12 -23.55
N LEU H 370 -14.40 -9.93 -24.51
CA LEU H 370 -14.72 -9.41 -25.84
C LEU H 370 -15.94 -8.49 -25.79
N THR H 371 -16.93 -8.85 -24.99
CA THR H 371 -18.19 -8.13 -24.94
C THR H 371 -18.00 -6.74 -24.33
N GLN H 372 -18.75 -5.78 -24.86
CA GLN H 372 -18.74 -4.43 -24.33
C GLN H 372 -19.52 -4.37 -23.02
N TYR H 373 -19.05 -3.55 -22.10
CA TYR H 373 -19.61 -3.47 -20.75
C TYR H 373 -20.81 -2.53 -20.75
N SER H 374 -21.93 -3.03 -20.21
CA SER H 374 -23.16 -2.27 -20.13
C SER H 374 -23.00 -1.16 -19.09
N LEU H 375 -23.06 0.10 -19.53
CA LEU H 375 -22.87 1.22 -18.62
C LEU H 375 -24.02 1.36 -17.63
N SER H 376 -25.19 0.82 -17.96
CA SER H 376 -26.36 0.88 -17.08
C SER H 376 -26.15 0.05 -15.81
N ARG H 377 -25.18 -0.88 -15.81
CA ARG H 377 -24.96 -1.73 -14.67
C ARG H 377 -24.29 -0.97 -13.51
N VAL H 378 -23.59 0.13 -13.83
CA VAL H 378 -22.85 0.85 -12.80
C VAL H 378 -23.81 1.69 -11.97
N ASP H 379 -23.72 1.51 -10.64
CA ASP H 379 -24.53 2.30 -9.73
C ASP H 379 -24.07 3.75 -9.74
N LEU H 380 -25.01 4.68 -9.88
CA LEU H 380 -24.72 6.11 -9.91
C LEU H 380 -23.66 6.42 -10.96
N GLY H 381 -23.80 5.78 -12.12
CA GLY H 381 -22.77 5.86 -13.15
C GLY H 381 -23.03 6.93 -14.20
N ASP H 382 -23.49 8.11 -13.78
CA ASP H 382 -23.75 9.18 -14.73
C ASP H 382 -22.52 10.04 -15.01
N CYS H 383 -21.46 9.90 -14.20
CA CYS H 383 -20.27 10.72 -14.39
C CYS H 383 -19.35 10.14 -15.47
N ILE H 384 -19.38 8.82 -15.67
CA ILE H 384 -18.42 8.17 -16.55
C ILE H 384 -18.61 8.67 -17.97
N GLY H 385 -19.86 8.72 -18.43
CA GLY H 385 -20.12 9.17 -19.80
C GLY H 385 -19.60 10.59 -20.04
N ARG H 386 -19.94 11.50 -19.12
CA ARG H 386 -19.53 12.90 -19.26
C ARG H 386 -18.01 13.03 -19.25
N ASP H 387 -17.36 12.41 -18.27
CA ASP H 387 -15.92 12.54 -18.14
C ASP H 387 -15.22 11.94 -19.36
N ALA H 388 -15.66 10.76 -19.78
CA ALA H 388 -15.03 10.10 -20.91
C ALA H 388 -15.19 10.94 -22.19
N ARG H 389 -16.40 11.47 -22.41
CA ARG H 389 -16.63 12.28 -23.60
C ARG H 389 -15.75 13.52 -23.59
N GLU H 390 -15.73 14.25 -22.47
CA GLU H 390 -14.94 15.47 -22.39
C GLU H 390 -13.46 15.18 -22.60
N ALA H 391 -12.94 14.16 -21.92
CA ALA H 391 -11.53 13.83 -22.01
C ALA H 391 -11.15 13.40 -23.43
N ILE H 392 -11.97 12.54 -24.02
CA ILE H 392 -11.67 12.05 -25.37
C ILE H 392 -11.71 13.21 -26.37
N ASP H 393 -12.70 14.08 -26.27
CA ASP H 393 -12.77 15.22 -27.19
C ASP H 393 -11.56 16.11 -27.02
N ARG H 394 -11.18 16.43 -25.78
CA ARG H 394 -10.03 17.28 -25.54
C ARG H 394 -8.76 16.65 -26.13
N MET H 395 -8.56 15.36 -25.88
CA MET H 395 -7.34 14.69 -26.29
C MET H 395 -7.27 14.57 -27.82
N PHE H 396 -8.40 14.22 -28.45
CA PHE H 396 -8.45 14.12 -29.90
C PHE H 396 -8.18 15.47 -30.56
N ALA H 397 -8.80 16.53 -30.03
CA ALA H 397 -8.53 17.87 -30.55
C ALA H 397 -7.07 18.25 -30.34
N ARG H 398 -6.48 17.79 -29.22
CA ARG H 398 -5.12 18.16 -28.89
C ARG H 398 -4.14 17.54 -29.88
N LYS H 399 -4.32 16.25 -30.22
CA LYS H 399 -3.26 15.61 -30.98
C LYS H 399 -3.72 14.98 -32.30
N TYR H 400 -4.93 14.40 -32.35
CA TYR H 400 -5.32 13.58 -33.48
C TYR H 400 -6.26 14.29 -34.45
N ASN H 401 -6.51 15.60 -34.29
CA ASN H 401 -7.53 16.25 -35.10
C ASN H 401 -7.16 16.27 -36.59
N ALA H 402 -5.86 16.42 -36.87
CA ALA H 402 -5.38 16.64 -38.22
C ALA H 402 -4.96 15.35 -38.94
N THR H 403 -4.98 14.20 -38.26
CA THR H 403 -4.41 13.00 -38.86
C THR H 403 -5.38 11.82 -38.81
N HIS H 404 -6.23 11.78 -37.79
CA HIS H 404 -7.14 10.67 -37.59
C HIS H 404 -8.57 11.19 -37.48
N ILE H 405 -9.52 10.25 -37.51
CA ILE H 405 -10.93 10.54 -37.31
C ILE H 405 -11.49 9.51 -36.34
N LYS H 406 -12.46 9.96 -35.55
CA LYS H 406 -13.13 9.09 -34.61
C LYS H 406 -13.92 8.02 -35.36
N VAL H 407 -13.98 6.83 -34.77
CA VAL H 407 -14.69 5.71 -35.37
C VAL H 407 -15.76 5.27 -34.39
N GLY H 408 -16.97 5.80 -34.60
CA GLY H 408 -18.12 5.44 -33.78
C GLY H 408 -18.09 6.13 -32.42
N GLN H 409 -19.10 5.77 -31.63
CA GLN H 409 -19.22 6.28 -30.28
C GLN H 409 -18.22 5.57 -29.37
N PRO H 410 -17.73 6.26 -28.32
CA PRO H 410 -16.84 5.61 -27.36
C PRO H 410 -17.45 4.35 -26.75
N GLN H 411 -16.61 3.32 -26.63
CA GLN H 411 -17.00 2.05 -26.05
C GLN H 411 -16.49 1.94 -24.61
N TYR H 412 -17.11 1.06 -23.83
CA TYR H 412 -16.73 0.87 -22.43
C TYR H 412 -16.45 -0.60 -22.17
N TYR H 413 -15.25 -0.91 -21.64
CA TYR H 413 -14.87 -2.26 -21.30
C TYR H 413 -14.43 -2.34 -19.85
N LEU H 414 -14.56 -3.53 -19.26
CA LEU H 414 -14.13 -3.77 -17.90
C LEU H 414 -12.88 -4.63 -17.92
N ALA H 415 -11.82 -4.14 -17.26
CA ALA H 415 -10.52 -4.78 -17.23
C ALA H 415 -10.29 -5.43 -15.88
N THR H 416 -9.65 -6.60 -15.92
CA THR H 416 -9.45 -7.41 -14.74
C THR H 416 -8.78 -6.60 -13.64
N GLY H 417 -9.22 -6.84 -12.41
CA GLY H 417 -8.79 -6.01 -11.30
C GLY H 417 -9.74 -4.86 -11.01
N GLY H 418 -10.70 -4.62 -11.91
CA GLY H 418 -11.74 -3.64 -11.65
C GLY H 418 -11.43 -2.26 -12.22
N PHE H 419 -11.03 -2.21 -13.48
CA PHE H 419 -10.81 -0.94 -14.15
C PHE H 419 -11.85 -0.75 -15.24
N LEU H 420 -12.27 0.49 -15.48
CA LEU H 420 -13.22 0.76 -16.54
C LEU H 420 -12.55 1.60 -17.61
N ILE H 421 -12.34 0.99 -18.79
CA ILE H 421 -11.65 1.66 -19.88
C ILE H 421 -12.70 2.16 -20.87
N ALA H 422 -12.74 3.49 -21.04
CA ALA H 422 -13.48 4.09 -22.13
C ALA H 422 -12.52 4.23 -23.31
N TYR H 423 -12.84 3.55 -24.41
CA TYR H 423 -11.99 3.50 -25.58
C TYR H 423 -12.69 4.17 -26.75
N GLN H 424 -11.99 5.12 -27.39
CA GLN H 424 -12.47 5.73 -28.60
C GLN H 424 -11.56 5.32 -29.75
N PRO H 425 -12.01 4.46 -30.65
CA PRO H 425 -11.16 4.05 -31.78
C PRO H 425 -10.95 5.18 -32.78
N LEU H 426 -9.77 5.14 -33.41
CA LEU H 426 -9.41 6.14 -34.40
C LEU H 426 -8.96 5.46 -35.68
N LEU H 427 -9.20 6.15 -36.81
CA LEU H 427 -8.71 5.71 -38.10
C LEU H 427 -7.93 6.84 -38.74
N SER H 428 -6.74 6.52 -39.26
CA SER H 428 -5.97 7.51 -39.99
C SER H 428 -6.71 7.90 -41.27
N ASN H 429 -6.39 9.09 -41.80
CA ASN H 429 -7.06 9.58 -42.99
C ASN H 429 -6.87 8.64 -44.18
N THR H 430 -5.77 7.86 -44.16
CA THR H 430 -5.52 6.89 -45.22
C THR H 430 -6.52 5.73 -45.19
N VAL H 465 -27.47 -3.91 -11.05
CA VAL H 465 -26.84 -2.70 -10.44
C VAL H 465 -25.86 -3.14 -9.37
N GLU H 466 -24.57 -3.02 -9.68
CA GLU H 466 -23.52 -3.47 -8.79
C GLU H 466 -22.40 -2.44 -8.76
N ARG H 467 -21.66 -2.46 -7.65
CA ARG H 467 -20.54 -1.55 -7.44
C ARG H 467 -19.24 -2.32 -7.64
N ILE H 468 -18.41 -1.83 -8.56
CA ILE H 468 -17.21 -2.56 -8.96
C ILE H 468 -16.07 -2.26 -7.98
N LYS H 469 -15.42 -3.33 -7.50
CA LYS H 469 -14.28 -3.22 -6.60
C LYS H 469 -13.00 -3.29 -7.42
N THR H 470 -12.09 -2.35 -7.16
CA THR H 470 -10.86 -2.22 -7.91
C THR H 470 -9.66 -2.60 -7.04
N THR H 471 -8.76 -3.38 -7.60
CA THR H 471 -7.52 -3.73 -6.93
C THR H 471 -6.67 -2.48 -6.67
N SER H 472 -5.89 -2.55 -5.60
CA SER H 472 -5.07 -1.42 -5.17
C SER H 472 -3.67 -1.41 -5.79
N SER H 473 -3.31 -2.47 -6.52
CA SER H 473 -1.97 -2.60 -7.08
C SER H 473 -2.09 -2.75 -8.59
N ILE H 474 -1.61 -1.75 -9.33
CA ILE H 474 -1.59 -1.81 -10.78
C ILE H 474 -0.43 -2.65 -11.28
N GLU H 475 0.51 -3.02 -10.40
CA GLU H 475 1.78 -3.61 -10.80
C GLU H 475 1.60 -4.80 -11.73
N PHE H 476 0.66 -5.69 -11.43
CA PHE H 476 0.45 -6.85 -12.27
C PHE H 476 0.30 -6.45 -13.73
N ALA H 477 -0.56 -5.48 -14.01
CA ALA H 477 -0.77 -5.05 -15.37
C ALA H 477 0.55 -4.57 -15.98
N ARG H 478 1.27 -3.73 -15.25
CA ARG H 478 2.57 -3.28 -15.71
C ARG H 478 3.46 -4.46 -16.01
N LEU H 479 3.53 -5.42 -15.10
CA LEU H 479 4.30 -6.63 -15.34
C LEU H 479 3.90 -7.22 -16.66
N GLN H 480 2.60 -7.42 -16.87
CA GLN H 480 2.11 -8.00 -18.11
C GLN H 480 2.73 -7.26 -19.30
N PHE H 481 2.58 -5.93 -19.30
CA PHE H 481 3.12 -5.14 -20.40
C PHE H 481 4.59 -5.46 -20.60
N THR H 482 5.39 -5.39 -19.53
CA THR H 482 6.79 -5.74 -19.64
C THR H 482 6.95 -7.13 -20.22
N TYR H 483 6.29 -8.12 -19.63
CA TYR H 483 6.47 -9.47 -20.11
C TYR H 483 5.98 -9.58 -21.56
N ASN H 484 4.93 -8.84 -21.91
CA ASN H 484 4.52 -8.83 -23.30
C ASN H 484 5.65 -8.29 -24.16
N HIS H 485 6.12 -7.09 -23.82
CA HIS H 485 7.02 -6.36 -24.70
C HIS H 485 8.24 -7.20 -25.07
N ILE H 486 9.08 -7.54 -24.08
CA ILE H 486 10.21 -8.41 -24.31
C ILE H 486 9.79 -9.63 -25.13
N GLN H 487 8.76 -10.32 -24.66
CA GLN H 487 8.36 -11.55 -25.31
C GLN H 487 8.13 -11.29 -26.79
N ARG H 488 7.29 -10.30 -27.09
CA ARG H 488 6.96 -10.02 -28.47
C ARG H 488 8.25 -9.89 -29.26
N HIS H 489 9.16 -9.02 -28.79
CA HIS H 489 10.40 -8.82 -29.50
C HIS H 489 11.10 -10.13 -29.79
N VAL H 490 11.37 -10.91 -28.74
CA VAL H 490 12.13 -12.13 -28.96
C VAL H 490 11.31 -13.12 -29.77
N ASN H 491 10.00 -13.16 -29.56
CA ASN H 491 9.17 -14.06 -30.35
C ASN H 491 9.19 -13.66 -31.82
N ASP H 492 9.44 -12.38 -32.07
CA ASP H 492 9.57 -11.92 -33.45
C ASP H 492 11.00 -12.05 -33.92
N MET H 493 11.96 -11.67 -33.08
CA MET H 493 13.37 -11.69 -33.49
C MET H 493 13.96 -13.09 -33.62
N LEU H 494 13.80 -13.91 -32.59
CA LEU H 494 14.28 -15.29 -32.68
C LEU H 494 13.71 -15.93 -33.92
N GLY H 495 12.42 -15.74 -34.13
CA GLY H 495 11.78 -16.29 -35.31
C GLY H 495 12.55 -15.97 -36.58
N ARG H 496 12.94 -14.72 -36.76
CA ARG H 496 13.73 -14.35 -37.93
C ARG H 496 14.96 -15.24 -38.02
N ILE H 497 15.70 -15.38 -36.92
CA ILE H 497 16.88 -16.20 -36.92
C ILE H 497 16.53 -17.58 -37.43
N ALA H 498 15.45 -18.18 -36.91
CA ALA H 498 15.03 -19.49 -37.35
C ALA H 498 14.89 -19.51 -38.87
N VAL H 499 14.12 -18.58 -39.40
CA VAL H 499 13.97 -18.51 -40.84
C VAL H 499 15.33 -18.33 -41.48
N ALA H 500 16.07 -17.35 -41.01
CA ALA H 500 17.39 -17.08 -41.56
C ALA H 500 18.27 -18.30 -41.41
N TRP H 501 18.11 -19.07 -40.34
CA TRP H 501 18.86 -20.29 -40.20
C TRP H 501 18.44 -21.29 -41.28
N CYS H 502 17.13 -21.54 -41.36
CA CYS H 502 16.63 -22.59 -42.25
C CYS H 502 17.09 -22.33 -43.68
N GLU H 503 16.74 -21.17 -44.22
CA GLU H 503 17.13 -20.81 -45.56
C GLU H 503 18.61 -21.06 -45.78
N LEU H 504 19.42 -20.74 -44.76
CA LEU H 504 20.86 -20.90 -44.89
C LEU H 504 21.19 -22.31 -45.33
N GLN H 505 20.68 -23.31 -44.60
CA GLN H 505 20.93 -24.68 -45.00
C GLN H 505 20.42 -24.97 -46.42
N ASN H 506 19.21 -24.52 -46.73
CA ASN H 506 18.69 -24.74 -48.07
C ASN H 506 19.65 -24.17 -49.10
N HIS H 507 20.31 -23.06 -48.76
CA HIS H 507 21.31 -22.50 -49.65
C HIS H 507 22.59 -23.35 -49.63
N GLU H 508 23.04 -23.71 -48.42
CA GLU H 508 24.31 -24.40 -48.26
C GLU H 508 24.35 -25.69 -49.09
N LEU H 509 23.19 -26.36 -49.20
CA LEU H 509 23.13 -27.63 -49.91
C LEU H 509 23.72 -27.51 -51.31
N THR H 510 23.57 -26.35 -51.94
CA THR H 510 24.02 -26.21 -53.31
C THR H 510 25.53 -26.44 -53.40
N LEU H 511 26.27 -26.01 -52.39
CA LEU H 511 27.70 -26.32 -52.35
C LEU H 511 27.94 -27.81 -52.16
N TRP H 512 27.17 -28.44 -51.26
CA TRP H 512 27.40 -29.84 -50.94
C TRP H 512 27.21 -30.74 -52.15
N ASN H 513 26.16 -30.51 -52.95
CA ASN H 513 25.93 -31.30 -54.14
C ASN H 513 27.12 -31.22 -55.09
N GLU H 514 27.93 -30.16 -54.98
CA GLU H 514 29.16 -30.09 -55.74
C GLU H 514 30.32 -30.76 -55.01
N ALA H 515 30.40 -30.56 -53.69
CA ALA H 515 31.52 -31.09 -52.93
C ALA H 515 31.58 -32.62 -53.02
N ARG H 516 30.43 -33.29 -52.98
CA ARG H 516 30.40 -34.74 -53.10
C ARG H 516 30.99 -35.20 -54.43
N LYS H 517 30.90 -34.38 -55.48
CA LYS H 517 31.59 -34.68 -56.72
C LYS H 517 33.11 -34.60 -56.56
N LEU H 518 33.60 -33.61 -55.80
CA LEU H 518 35.02 -33.36 -55.73
C LEU H 518 35.74 -34.45 -54.94
N ASN H 519 35.19 -34.80 -53.76
CA ASN H 519 35.82 -35.77 -52.88
C ASN H 519 34.72 -36.52 -52.14
N PRO H 520 34.19 -37.61 -52.73
CA PRO H 520 33.07 -38.30 -52.11
C PRO H 520 33.36 -38.87 -50.74
N ASN H 521 34.62 -39.29 -50.50
CA ASN H 521 34.95 -39.95 -49.24
C ASN H 521 34.73 -39.00 -48.07
N ALA H 522 35.33 -37.81 -48.12
CA ALA H 522 35.25 -36.87 -47.01
C ALA H 522 33.82 -36.41 -46.81
N ILE H 523 33.13 -36.08 -47.91
CA ILE H 523 31.76 -35.58 -47.81
C ILE H 523 30.85 -36.62 -47.17
N ALA H 524 30.94 -37.87 -47.66
CA ALA H 524 30.10 -38.92 -47.12
C ALA H 524 30.45 -39.21 -45.67
N SER H 525 31.74 -39.21 -45.33
CA SER H 525 32.17 -39.48 -43.97
C SER H 525 31.60 -38.43 -43.01
N ALA H 526 31.66 -37.15 -43.42
CA ALA H 526 31.15 -36.09 -42.58
C ALA H 526 29.62 -36.15 -42.49
N THR H 527 28.97 -36.47 -43.59
CA THR H 527 27.52 -36.43 -43.64
C THR H 527 26.86 -37.58 -42.88
N VAL H 528 27.38 -38.80 -43.07
CA VAL H 528 26.75 -40.00 -42.53
C VAL H 528 26.93 -40.06 -41.01
N GLY H 529 28.13 -39.72 -40.54
CA GLY H 529 28.45 -39.80 -39.13
C GLY H 529 29.49 -40.86 -38.79
N ARG H 530 29.91 -41.69 -39.77
CA ARG H 530 30.95 -42.67 -39.54
C ARG H 530 32.01 -42.51 -40.60
N ARG H 531 33.25 -42.90 -40.27
CA ARG H 531 34.31 -42.91 -41.27
C ARG H 531 34.02 -43.98 -42.30
N ALA H 532 33.57 -43.55 -43.49
CA ALA H 532 33.17 -44.46 -44.55
C ALA H 532 33.87 -44.07 -45.84
N SER H 533 33.92 -45.03 -46.75
CA SER H 533 34.40 -44.81 -48.10
C SER H 533 33.20 -44.76 -49.04
N ALA H 534 33.23 -43.82 -49.99
CA ALA H 534 32.14 -43.66 -50.92
C ALA H 534 32.67 -43.48 -52.33
N ARG H 535 31.80 -43.80 -53.31
CA ARG H 535 32.09 -43.51 -54.69
C ARG H 535 30.81 -43.09 -55.38
N MET H 536 30.94 -42.18 -56.34
CA MET H 536 29.79 -41.69 -57.08
C MET H 536 29.32 -42.75 -58.08
N LEU H 537 28.00 -42.95 -58.15
CA LEU H 537 27.38 -43.84 -59.13
C LEU H 537 26.30 -43.09 -59.90
N GLY H 538 26.66 -41.90 -60.39
CA GLY H 538 25.72 -41.07 -61.11
C GLY H 538 25.34 -39.84 -60.28
N ASP H 539 24.10 -39.81 -59.81
CA ASP H 539 23.62 -38.69 -58.99
C ASP H 539 23.52 -39.08 -57.53
N VAL H 540 24.28 -40.10 -57.12
CA VAL H 540 24.26 -40.59 -55.74
C VAL H 540 25.54 -41.36 -55.50
N MET H 541 25.94 -41.47 -54.23
CA MET H 541 27.18 -42.16 -53.88
C MET H 541 26.85 -43.41 -53.06
N ALA H 542 27.60 -44.48 -53.32
CA ALA H 542 27.54 -45.68 -52.52
C ALA H 542 28.63 -45.64 -51.44
N VAL H 543 28.30 -46.16 -50.27
CA VAL H 543 29.16 -46.07 -49.10
C VAL H 543 29.44 -47.46 -48.56
N SER H 544 30.53 -47.55 -47.79
CA SER H 544 30.95 -48.79 -47.14
C SER H 544 31.80 -48.41 -45.93
N THR H 545 31.53 -49.06 -44.79
CA THR H 545 32.25 -48.74 -43.57
C THR H 545 33.71 -49.14 -43.70
N CYS H 546 34.60 -48.31 -43.15
CA CYS H 546 36.03 -48.58 -43.17
C CYS H 546 36.44 -49.25 -41.85
N VAL H 547 37.40 -50.18 -41.97
CA VAL H 547 37.88 -50.94 -40.83
C VAL H 547 38.84 -50.08 -40.03
N PRO H 548 38.64 -49.95 -38.71
CA PRO H 548 39.61 -49.22 -37.89
C PRO H 548 40.95 -49.94 -37.83
N VAL H 549 42.02 -49.15 -37.70
CA VAL H 549 43.38 -49.66 -37.65
C VAL H 549 44.17 -48.89 -36.59
N ALA H 550 44.84 -49.64 -35.72
CA ALA H 550 45.66 -49.04 -34.68
C ALA H 550 46.90 -48.39 -35.30
N PRO H 551 47.46 -47.36 -34.66
CA PRO H 551 48.59 -46.66 -35.25
C PRO H 551 49.93 -47.39 -35.07
N ASP H 552 50.02 -48.29 -34.08
CA ASP H 552 51.27 -49.01 -33.85
C ASP H 552 51.55 -50.03 -34.94
N ASN H 553 50.52 -50.44 -35.69
CA ASN H 553 50.65 -51.48 -36.71
C ASN H 553 50.96 -50.91 -38.09
N VAL H 554 51.36 -49.63 -38.17
CA VAL H 554 51.64 -48.98 -39.43
C VAL H 554 53.06 -48.42 -39.38
N ILE H 555 53.84 -48.73 -40.42
CA ILE H 555 55.21 -48.27 -40.55
C ILE H 555 55.34 -47.57 -41.90
N VAL H 556 56.23 -46.58 -41.99
CA VAL H 556 56.36 -45.77 -43.19
C VAL H 556 57.61 -46.18 -43.96
N GLN H 557 57.42 -46.51 -45.24
CA GLN H 557 58.55 -46.79 -46.10
C GLN H 557 59.26 -45.47 -46.44
N ASN H 558 60.57 -45.56 -46.65
CA ASN H 558 61.42 -44.38 -46.65
C ASN H 558 61.28 -43.60 -47.97
N SER H 559 61.72 -44.19 -49.08
CA SER H 559 61.93 -43.47 -50.33
C SER H 559 60.68 -43.53 -51.21
N MET H 560 60.24 -42.36 -51.66
CA MET H 560 59.10 -42.25 -52.57
C MET H 560 59.52 -42.51 -54.01
N ARG H 561 60.82 -42.70 -54.26
CA ARG H 561 61.29 -42.99 -55.61
C ARG H 561 60.84 -44.38 -56.04
N VAL H 562 60.88 -44.60 -57.35
CA VAL H 562 60.62 -45.92 -57.91
C VAL H 562 61.89 -46.38 -58.59
N SER H 563 62.42 -47.52 -58.14
CA SER H 563 63.64 -48.07 -58.71
C SER H 563 63.41 -48.68 -60.09
N SER H 564 62.16 -49.05 -60.41
CA SER H 564 61.85 -49.77 -61.64
C SER H 564 61.50 -48.82 -62.79
N ARG H 565 61.05 -47.59 -62.47
CA ARG H 565 60.70 -46.62 -63.51
C ARG H 565 61.28 -45.27 -63.14
N PRO H 566 62.48 -44.93 -63.64
CA PRO H 566 63.09 -43.65 -63.31
C PRO H 566 62.30 -42.47 -63.86
N GLY H 567 62.36 -41.35 -63.13
CA GLY H 567 61.69 -40.13 -63.56
C GLY H 567 60.25 -40.03 -63.04
N THR H 568 59.57 -41.16 -62.83
CA THR H 568 58.23 -41.17 -62.29
C THR H 568 58.26 -41.89 -60.96
N CYS H 569 57.55 -41.33 -59.97
CA CYS H 569 57.68 -41.76 -58.59
C CYS H 569 56.44 -41.36 -57.80
N TYR H 570 56.30 -41.94 -56.61
CA TYR H 570 55.08 -41.86 -55.84
C TYR H 570 54.82 -40.44 -55.38
N SER H 571 53.55 -40.04 -55.40
CA SER H 571 53.14 -38.72 -54.94
C SER H 571 52.73 -38.74 -53.48
N ARG H 572 52.50 -39.94 -52.92
CA ARG H 572 52.03 -40.06 -51.54
C ARG H 572 52.87 -41.11 -50.83
N PRO H 573 53.14 -40.94 -49.52
CA PRO H 573 54.00 -41.87 -48.81
C PRO H 573 53.51 -43.31 -48.84
N LEU H 574 54.46 -44.24 -48.89
CA LEU H 574 54.16 -45.66 -48.88
C LEU H 574 54.33 -46.20 -47.47
N VAL H 575 53.39 -47.08 -47.08
CA VAL H 575 53.35 -47.62 -45.74
C VAL H 575 53.15 -49.14 -45.80
N SER H 576 53.45 -49.78 -44.68
CA SER H 576 53.14 -51.18 -44.44
C SER H 576 52.31 -51.28 -43.17
N PHE H 577 51.13 -51.89 -43.30
CA PHE H 577 50.20 -51.99 -42.17
C PHE H 577 49.76 -53.44 -42.00
N ARG H 578 49.43 -53.78 -40.75
CA ARG H 578 48.85 -55.07 -40.43
C ARG H 578 47.55 -54.84 -39.67
N TYR H 579 46.52 -55.62 -40.02
CA TYR H 579 45.22 -55.46 -39.40
C TYR H 579 45.29 -55.71 -37.89
N GLU H 580 46.02 -56.76 -37.49
CA GLU H 580 46.19 -57.09 -36.09
C GLU H 580 47.69 -57.11 -35.78
N ASP H 581 48.01 -57.12 -34.48
CA ASP H 581 49.39 -57.12 -34.05
C ASP H 581 50.15 -58.36 -34.53
N GLN H 582 49.44 -59.47 -34.74
CA GLN H 582 50.03 -60.69 -35.27
C GLN H 582 49.71 -60.89 -36.75
N GLY H 583 49.03 -59.93 -37.37
CA GLY H 583 48.63 -60.05 -38.77
C GLY H 583 49.80 -59.88 -39.71
N PRO H 584 49.67 -60.36 -40.96
CA PRO H 584 50.73 -60.20 -41.93
C PRO H 584 50.95 -58.74 -42.29
N LEU H 585 52.18 -58.41 -42.67
CA LEU H 585 52.50 -57.05 -43.11
C LEU H 585 52.06 -56.87 -44.56
N ILE H 586 51.19 -55.89 -44.79
CA ILE H 586 50.59 -55.66 -46.09
C ILE H 586 50.98 -54.26 -46.56
N GLU H 587 51.45 -54.18 -47.80
CA GLU H 587 51.86 -52.91 -48.38
C GLU H 587 50.65 -52.03 -48.70
N GLY H 588 50.92 -50.75 -48.83
CA GLY H 588 49.89 -49.81 -49.24
C GLY H 588 50.47 -48.40 -49.24
N GLN H 589 49.59 -47.41 -49.41
CA GLN H 589 50.01 -46.03 -49.33
C GLN H 589 49.03 -45.23 -48.47
N LEU H 590 49.57 -44.20 -47.82
CA LEU H 590 48.78 -43.29 -47.04
C LEU H 590 47.85 -42.50 -47.95
N GLY H 591 46.76 -41.98 -47.38
CA GLY H 591 45.78 -41.27 -48.19
C GLY H 591 45.36 -39.96 -47.57
N GLU H 592 44.18 -39.48 -47.99
CA GLU H 592 43.66 -38.21 -47.53
C GLU H 592 43.02 -38.38 -46.15
N ASN H 593 43.51 -37.58 -45.20
CA ASN H 593 43.03 -37.59 -43.82
C ASN H 593 43.10 -38.99 -43.21
N ASN H 594 44.30 -39.59 -43.24
CA ASN H 594 44.58 -40.86 -42.60
C ASN H 594 43.65 -41.96 -43.11
N GLU H 595 43.78 -42.25 -44.40
CA GLU H 595 43.10 -43.41 -44.98
C GLU H 595 44.12 -44.23 -45.74
N LEU H 596 43.91 -45.55 -45.74
CA LEU H 596 44.90 -46.49 -46.25
C LEU H 596 44.44 -47.01 -47.61
N ARG H 597 45.32 -46.87 -48.61
CA ARG H 597 45.04 -47.32 -49.96
C ARG H 597 45.83 -48.61 -50.22
N LEU H 598 45.14 -49.62 -50.73
CA LEU H 598 45.79 -50.89 -51.01
C LEU H 598 46.71 -50.80 -52.24
N THR H 599 46.30 -50.03 -53.25
CA THR H 599 47.07 -49.91 -54.48
C THR H 599 47.97 -48.69 -54.41
N ARG H 600 49.27 -48.91 -54.68
CA ARG H 600 50.23 -47.81 -54.69
C ARG H 600 50.30 -47.20 -56.10
N ASP H 601 49.17 -46.62 -56.50
CA ASP H 601 49.00 -46.11 -57.86
C ASP H 601 49.21 -44.60 -57.95
N ALA H 602 49.53 -43.93 -56.82
CA ALA H 602 49.69 -42.48 -56.80
C ALA H 602 51.06 -42.13 -57.37
N LEU H 603 51.18 -42.22 -58.69
CA LEU H 603 52.43 -41.97 -59.39
C LEU H 603 52.33 -40.65 -60.15
N GLU H 604 53.39 -39.84 -60.03
CA GLU H 604 53.52 -38.62 -60.80
C GLU H 604 54.97 -38.51 -61.25
N PRO H 605 55.26 -37.77 -62.33
CA PRO H 605 56.65 -37.53 -62.71
C PRO H 605 57.39 -36.81 -61.59
N CYS H 606 58.61 -37.26 -61.32
CA CYS H 606 59.39 -36.68 -60.23
C CYS H 606 59.74 -35.23 -60.55
N THR H 607 59.66 -34.38 -59.52
CA THR H 607 59.80 -32.95 -59.71
C THR H 607 60.96 -32.43 -58.84
N VAL H 608 61.74 -31.52 -59.43
CA VAL H 608 62.80 -30.86 -58.68
C VAL H 608 62.17 -29.91 -57.66
N GLY H 609 62.69 -29.94 -56.43
CA GLY H 609 62.16 -29.13 -55.35
C GLY H 609 60.91 -29.77 -54.74
N HIS H 610 61.04 -31.04 -54.35
CA HIS H 610 59.94 -31.80 -53.78
C HIS H 610 59.97 -31.67 -52.26
N ARG H 611 59.13 -30.79 -51.74
CA ARG H 611 58.99 -30.59 -50.29
C ARG H 611 57.53 -30.76 -49.95
N ARG H 612 57.19 -31.82 -49.21
CA ARG H 612 55.78 -32.15 -49.01
C ARG H 612 55.49 -32.46 -47.54
N TYR H 613 54.30 -32.06 -47.13
CA TYR H 613 53.75 -32.35 -45.81
C TYR H 613 52.56 -33.29 -45.97
N PHE H 614 52.48 -34.30 -45.12
CA PHE H 614 51.40 -35.27 -45.19
C PHE H 614 50.83 -35.51 -43.81
N ILE H 615 49.51 -35.72 -43.74
CA ILE H 615 48.88 -36.03 -42.48
C ILE H 615 49.25 -37.45 -42.09
N PHE H 616 49.75 -37.60 -40.85
CA PHE H 616 50.16 -38.88 -40.34
C PHE H 616 49.83 -38.93 -38.86
N GLY H 617 49.01 -39.90 -38.46
CA GLY H 617 48.61 -40.01 -37.07
C GLY H 617 47.93 -38.72 -36.60
N GLY H 618 48.41 -38.18 -35.48
CA GLY H 618 47.92 -36.91 -34.98
C GLY H 618 48.73 -35.70 -35.43
N GLY H 619 49.73 -35.91 -36.30
CA GLY H 619 50.59 -34.83 -36.74
C GLY H 619 50.89 -34.91 -38.23
N TYR H 620 52.08 -34.42 -38.61
CA TYR H 620 52.48 -34.43 -40.01
C TYR H 620 53.81 -35.17 -40.15
N VAL H 621 54.04 -35.64 -41.39
CA VAL H 621 55.33 -36.17 -41.79
C VAL H 621 55.80 -35.35 -42.98
N TYR H 622 57.07 -34.99 -42.98
CA TYR H 622 57.64 -34.08 -43.96
C TYR H 622 58.69 -34.81 -44.77
N PHE H 623 58.53 -34.74 -46.10
CA PHE H 623 59.43 -35.39 -47.04
C PHE H 623 60.15 -34.32 -47.88
N GLU H 624 61.42 -34.61 -48.19
CA GLU H 624 62.25 -33.70 -49.01
C GLU H 624 62.84 -34.48 -50.19
N GLU H 625 62.44 -34.15 -51.42
CA GLU H 625 62.92 -34.78 -52.65
C GLU H 625 62.56 -36.27 -52.69
N TYR H 626 61.28 -36.57 -52.44
CA TYR H 626 60.76 -37.93 -52.47
C TYR H 626 61.46 -38.83 -51.45
N ALA H 627 61.97 -38.22 -50.37
CA ALA H 627 62.61 -38.95 -49.30
C ALA H 627 62.12 -38.38 -47.97
N TYR H 628 61.93 -39.27 -47.01
CA TYR H 628 61.50 -38.87 -45.68
C TYR H 628 62.50 -37.89 -45.08
N SER H 629 61.96 -36.86 -44.42
CA SER H 629 62.79 -35.88 -43.72
C SER H 629 62.57 -35.98 -42.20
N HIS H 630 61.34 -35.78 -41.73
CA HIS H 630 61.09 -35.89 -40.30
C HIS H 630 59.60 -35.79 -40.00
N GLN H 631 59.21 -36.35 -38.86
CA GLN H 631 57.86 -36.18 -38.33
C GLN H 631 57.80 -34.92 -37.49
N LEU H 632 56.56 -34.43 -37.29
CA LEU H 632 56.31 -33.26 -36.46
C LEU H 632 54.89 -33.29 -35.94
N SER H 633 54.65 -32.61 -34.83
CA SER H 633 53.33 -32.57 -34.21
C SER H 633 52.46 -31.49 -34.84
N ARG H 634 51.16 -31.53 -34.52
CA ARG H 634 50.21 -30.58 -35.06
C ARG H 634 50.54 -29.15 -34.61
N ALA H 635 50.94 -28.99 -33.34
CA ALA H 635 51.19 -27.66 -32.79
C ALA H 635 52.37 -26.97 -33.49
N ASP H 636 53.19 -27.72 -34.23
CA ASP H 636 54.36 -27.14 -34.87
C ASP H 636 54.01 -26.22 -36.03
N VAL H 637 52.80 -26.36 -36.59
CA VAL H 637 52.36 -25.58 -37.74
C VAL H 637 51.28 -24.61 -37.30
N THR H 638 51.46 -23.34 -37.66
CA THR H 638 50.53 -22.30 -37.26
C THR H 638 49.16 -22.57 -37.86
N THR H 639 48.12 -22.11 -37.14
CA THR H 639 46.74 -22.37 -37.51
C THR H 639 45.98 -21.08 -37.74
N VAL H 640 45.27 -21.03 -38.85
CA VAL H 640 44.29 -20.00 -39.13
C VAL H 640 42.92 -20.64 -39.05
N SER H 641 41.97 -19.93 -38.44
CA SER H 641 40.67 -20.49 -38.10
C SER H 641 39.70 -20.24 -39.26
N THR H 642 39.05 -21.31 -39.72
CA THR H 642 37.95 -21.18 -40.66
C THR H 642 36.61 -20.95 -39.98
N PHE H 643 36.62 -20.91 -38.63
CA PHE H 643 35.41 -20.76 -37.85
C PHE H 643 35.15 -19.29 -37.60
N ILE H 644 33.87 -18.92 -37.59
CA ILE H 644 33.49 -17.57 -37.20
C ILE H 644 33.11 -17.60 -35.73
N ASP H 645 33.84 -16.85 -34.91
CA ASP H 645 33.64 -16.90 -33.47
C ASP H 645 32.31 -16.26 -33.09
N LEU H 646 31.60 -16.90 -32.16
CA LEU H 646 30.36 -16.36 -31.62
C LEU H 646 30.31 -16.63 -30.13
N ASN H 647 30.44 -15.57 -29.33
CA ASN H 647 30.54 -15.69 -27.89
C ASN H 647 29.18 -15.53 -27.25
N ILE H 648 28.71 -16.54 -26.52
CA ILE H 648 27.40 -16.52 -25.92
C ILE H 648 27.57 -16.54 -24.41
N THR H 649 26.98 -15.57 -23.73
CA THR H 649 26.89 -15.57 -22.28
C THR H 649 25.44 -15.55 -21.84
N MET H 650 25.13 -16.39 -20.85
CA MET H 650 23.76 -16.53 -20.37
C MET H 650 23.43 -15.38 -19.41
N LEU H 651 22.14 -15.21 -19.11
CA LEU H 651 21.76 -14.26 -18.09
C LEU H 651 22.20 -14.76 -16.71
N GLU H 652 22.80 -13.85 -15.94
CA GLU H 652 23.14 -14.15 -14.57
C GLU H 652 21.84 -14.33 -13.78
N ASP H 653 21.78 -15.41 -13.00
CA ASP H 653 20.67 -15.63 -12.10
C ASP H 653 20.66 -14.50 -11.06
N HIS H 654 19.49 -13.97 -10.76
CA HIS H 654 19.37 -12.75 -9.98
C HIS H 654 18.42 -12.94 -8.81
N GLU H 655 18.67 -12.25 -7.70
CA GLU H 655 17.80 -12.26 -6.55
C GLU H 655 17.18 -10.90 -6.33
N PHE H 656 15.86 -10.90 -6.14
CA PHE H 656 15.13 -9.67 -5.82
C PHE H 656 14.75 -9.75 -4.34
N VAL H 657 15.37 -8.89 -3.53
CA VAL H 657 15.08 -8.86 -2.12
C VAL H 657 13.76 -8.11 -1.91
N PRO H 658 13.01 -8.40 -0.85
CA PRO H 658 11.81 -7.64 -0.56
C PRO H 658 12.14 -6.19 -0.22
N LEU H 659 11.64 -5.27 -1.07
CA LEU H 659 11.93 -3.85 -0.95
C LEU H 659 10.61 -3.08 -0.92
N GLU H 660 10.55 -2.07 -0.07
CA GLU H 660 9.35 -1.25 0.05
C GLU H 660 9.74 0.10 0.65
N VAL H 661 9.09 1.17 0.20
CA VAL H 661 9.41 2.50 0.68
C VAL H 661 8.95 2.65 2.13
N TYR H 662 7.71 2.27 2.41
CA TYR H 662 7.17 2.38 3.76
C TYR H 662 6.49 1.07 4.14
N THR H 663 6.70 0.64 5.39
CA THR H 663 6.02 -0.52 5.91
C THR H 663 4.63 -0.16 6.40
N ARG H 664 3.88 -1.17 6.82
CA ARG H 664 2.61 -0.93 7.49
C ARG H 664 2.82 -0.17 8.80
N HIS H 665 3.87 -0.50 9.54
CA HIS H 665 4.13 0.16 10.81
C HIS H 665 4.42 1.64 10.59
N GLU H 666 5.21 1.95 9.57
CA GLU H 666 5.54 3.34 9.29
C GLU H 666 4.28 4.11 8.92
N ILE H 667 3.43 3.53 8.07
CA ILE H 667 2.24 4.22 7.62
C ILE H 667 1.28 4.43 8.79
N LYS H 668 1.13 3.40 9.62
CA LYS H 668 0.21 3.49 10.75
C LYS H 668 0.72 4.52 11.78
N ASP H 669 2.04 4.56 11.98
CA ASP H 669 2.61 5.48 12.95
C ASP H 669 2.69 6.91 12.40
N SER H 670 2.63 7.08 11.08
CA SER H 670 2.66 8.42 10.49
C SER H 670 1.46 9.25 10.93
N GLY H 671 0.38 8.57 11.36
CA GLY H 671 -0.75 9.25 11.97
C GLY H 671 -0.34 9.99 13.24
N LEU H 672 -0.71 11.26 13.36
CA LEU H 672 -0.33 12.04 14.53
C LEU H 672 -0.95 11.45 15.80
N LEU H 673 -2.21 10.98 15.72
CA LEU H 673 -2.86 10.32 16.84
C LEU H 673 -3.46 9.00 16.38
N ASP H 674 -3.42 8.02 17.27
CA ASP H 674 -4.13 6.76 17.08
C ASP H 674 -5.27 6.70 18.08
N TYR H 675 -6.50 6.58 17.58
CA TYR H 675 -7.67 6.52 18.46
C TYR H 675 -7.58 5.33 19.40
N THR H 676 -7.13 4.18 18.88
CA THR H 676 -7.06 2.98 19.69
C THR H 676 -6.09 3.17 20.85
N GLU H 677 -4.88 3.67 20.57
CA GLU H 677 -3.88 3.86 21.60
C GLU H 677 -4.35 4.88 22.62
N VAL H 678 -4.95 5.97 22.15
CA VAL H 678 -5.40 7.02 23.04
C VAL H 678 -6.47 6.48 23.98
N GLN H 679 -7.45 5.75 23.45
CA GLN H 679 -8.49 5.20 24.29
C GLN H 679 -7.93 4.16 25.24
N ARG H 680 -6.98 3.36 24.77
CA ARG H 680 -6.40 2.32 25.61
C ARG H 680 -5.71 2.93 26.81
N ARG H 681 -4.98 4.02 26.60
CA ARG H 681 -4.27 4.66 27.70
C ARG H 681 -5.24 5.45 28.57
N ASN H 682 -6.30 6.01 27.99
CA ASN H 682 -7.22 6.84 28.75
C ASN H 682 -8.14 6.02 29.64
N GLN H 683 -8.58 4.84 29.21
CA GLN H 683 -9.54 4.09 30.00
C GLN H 683 -8.87 3.27 31.09
N LEU H 684 -7.53 3.26 31.14
CA LEU H 684 -6.80 2.71 32.27
C LEU H 684 -6.59 3.75 33.38
N HIS H 685 -7.16 4.95 33.22
CA HIS H 685 -7.00 5.99 34.22
C HIS H 685 -7.53 5.53 35.57
N ASP H 686 -8.72 4.94 35.57
CA ASP H 686 -9.30 4.48 36.82
C ASP H 686 -8.52 3.34 37.45
N LEU H 687 -8.06 2.40 36.62
CA LEU H 687 -7.27 1.29 37.16
C LEU H 687 -5.95 1.77 37.74
N ARG H 688 -5.31 2.76 37.11
CA ARG H 688 -4.00 3.19 37.53
C ARG H 688 -4.07 4.16 38.71
N PHE H 689 -4.73 5.30 38.50
CA PHE H 689 -4.69 6.38 39.47
C PHE H 689 -5.91 6.39 40.38
N ALA H 690 -6.58 5.25 40.53
CA ALA H 690 -7.71 5.16 41.43
C ALA H 690 -7.91 3.71 41.81
N ASP H 691 -8.77 3.52 42.82
CA ASP H 691 -9.09 2.20 43.32
C ASP H 691 -10.55 1.93 43.02
N ILE H 692 -10.80 0.97 42.15
CA ILE H 692 -12.16 0.67 41.70
C ILE H 692 -12.96 -0.01 42.81
N ASP H 693 -12.33 -0.95 43.53
CA ASP H 693 -13.06 -1.95 44.29
C ASP H 693 -13.43 -1.50 45.69
N THR H 694 -12.62 -0.64 46.31
CA THR H 694 -12.86 -0.31 47.70
C THR H 694 -14.19 0.43 47.87
N VAL H 695 -14.94 0.03 48.91
CA VAL H 695 -16.19 0.69 49.25
C VAL H 695 -16.07 1.26 50.66
N ILE H 696 -16.21 2.58 50.79
CA ILE H 696 -16.10 3.24 52.07
C ILE H 696 -17.50 3.62 52.53
N ARG H 697 -17.95 3.01 53.63
CA ARG H 697 -19.27 3.30 54.17
C ARG H 697 -19.14 3.63 55.65
N ALA H 698 -19.75 4.75 56.06
CA ALA H 698 -19.58 5.27 57.41
C ALA H 698 -20.84 6.04 57.82
N ALA I 82 40.54 0.14 -54.84
CA ALA I 82 40.79 -0.01 -56.30
C ALA I 82 42.27 -0.26 -56.60
N GLN I 83 42.89 -1.24 -55.92
CA GLN I 83 44.33 -1.38 -55.91
C GLN I 83 44.71 -2.83 -56.15
N PHE I 84 45.81 -3.06 -56.86
CA PHE I 84 46.18 -4.40 -57.30
C PHE I 84 47.16 -5.05 -56.33
N TYR I 85 47.32 -6.36 -56.46
CA TYR I 85 48.29 -7.12 -55.68
C TYR I 85 49.10 -8.03 -56.59
N VAL I 86 50.41 -8.12 -56.35
CA VAL I 86 51.30 -8.96 -57.14
C VAL I 86 52.23 -9.69 -56.19
N CYS I 87 52.52 -10.96 -56.50
CA CYS I 87 53.37 -11.76 -55.61
C CYS I 87 53.80 -13.07 -56.26
N PRO I 88 55.01 -13.57 -55.93
CA PRO I 88 55.52 -14.78 -56.54
C PRO I 88 54.94 -16.02 -55.88
N PRO I 89 55.22 -17.22 -56.42
CA PRO I 89 54.83 -18.45 -55.76
C PRO I 89 55.43 -18.54 -54.36
N PRO I 90 54.70 -19.12 -53.40
CA PRO I 90 55.20 -19.19 -52.03
C PRO I 90 56.29 -20.25 -51.90
N THR I 91 56.97 -20.20 -50.75
CA THR I 91 58.02 -21.14 -50.42
C THR I 91 57.62 -21.97 -49.22
N GLY I 92 58.36 -23.05 -48.98
CA GLY I 92 58.10 -23.96 -47.89
C GLY I 92 58.37 -23.38 -46.51
N ALA I 93 58.97 -22.18 -46.44
CA ALA I 93 59.29 -21.58 -45.15
C ALA I 93 58.00 -21.28 -44.36
N THR I 94 56.99 -20.75 -45.05
CA THR I 94 55.77 -20.28 -44.41
C THR I 94 54.64 -21.27 -44.70
N VAL I 95 54.20 -21.98 -43.66
CA VAL I 95 53.18 -23.01 -43.79
C VAL I 95 52.07 -22.70 -42.79
N VAL I 96 50.82 -22.95 -43.18
CA VAL I 96 49.70 -22.68 -42.29
C VAL I 96 48.62 -23.74 -42.44
N GLN I 97 47.97 -24.09 -41.34
CA GLN I 97 46.94 -25.13 -41.37
C GLN I 97 45.61 -24.62 -40.84
N PHE I 98 44.52 -25.29 -41.22
CA PHE I 98 43.21 -24.89 -40.72
C PHE I 98 42.97 -25.49 -39.34
N GLU I 99 42.06 -24.88 -38.58
CA GLU I 99 41.80 -25.36 -37.23
C GLU I 99 40.90 -26.60 -37.28
N GLN I 100 41.14 -27.53 -36.37
CA GLN I 100 40.29 -28.71 -36.25
C GLN I 100 39.03 -28.39 -35.44
N PRO I 101 37.97 -29.21 -35.61
CA PRO I 101 36.71 -28.92 -34.93
C PRO I 101 36.88 -28.88 -33.40
N ARG I 102 36.18 -27.95 -32.78
CA ARG I 102 36.22 -27.82 -31.34
C ARG I 102 35.17 -28.66 -30.65
N ARG I 103 35.42 -28.96 -29.36
CA ARG I 103 34.44 -29.64 -28.54
C ARG I 103 33.59 -28.57 -27.86
N CYS I 104 32.50 -28.18 -28.51
CA CYS I 104 31.64 -27.14 -28.00
C CYS I 104 30.59 -27.74 -27.06
N PRO I 105 30.01 -26.92 -26.16
CA PRO I 105 29.21 -27.47 -25.08
C PRO I 105 27.87 -27.99 -25.59
N THR I 106 27.15 -28.64 -24.68
CA THR I 106 25.84 -29.20 -24.97
C THR I 106 24.76 -28.40 -24.26
N ARG I 107 23.54 -28.94 -24.33
CA ARG I 107 22.44 -28.35 -23.58
C ARG I 107 22.73 -28.47 -22.08
N PRO I 108 22.24 -27.51 -21.27
CA PRO I 108 22.41 -27.62 -19.82
C PRO I 108 21.75 -28.88 -19.25
N GLU I 109 22.03 -29.19 -17.99
CA GLU I 109 21.49 -30.39 -17.37
C GLU I 109 19.96 -30.34 -17.36
N GLY I 110 19.40 -29.13 -17.27
CA GLY I 110 17.97 -28.96 -17.11
C GLY I 110 17.59 -29.07 -15.63
N GLN I 111 16.78 -28.11 -15.17
CA GLN I 111 16.35 -28.10 -13.78
C GLN I 111 15.44 -29.31 -13.52
N ASN I 112 15.71 -30.00 -12.42
CA ASN I 112 14.85 -31.09 -11.96
C ASN I 112 13.72 -30.50 -11.13
N TYR I 113 12.54 -30.43 -11.74
CA TYR I 113 11.39 -29.77 -11.14
C TYR I 113 10.51 -30.80 -10.45
N THR I 114 10.08 -30.48 -9.23
CA THR I 114 9.27 -31.39 -8.44
C THR I 114 7.85 -30.87 -8.35
N GLU I 115 6.91 -31.58 -8.96
CA GLU I 115 5.51 -31.18 -8.89
C GLU I 115 4.98 -31.43 -7.48
N GLY I 116 3.98 -30.63 -7.11
CA GLY I 116 3.37 -30.77 -5.81
C GLY I 116 2.28 -29.75 -5.58
N ILE I 117 1.67 -29.81 -4.40
CA ILE I 117 0.62 -28.88 -4.00
C ILE I 117 1.17 -27.96 -2.93
N ALA I 118 0.70 -26.71 -2.88
CA ALA I 118 1.20 -25.76 -1.90
C ALA I 118 0.07 -24.97 -1.27
N VAL I 119 0.27 -24.61 0.00
CA VAL I 119 -0.57 -23.65 0.69
C VAL I 119 0.33 -22.55 1.24
N VAL I 120 0.00 -21.30 0.90
CA VAL I 120 0.83 -20.18 1.27
C VAL I 120 0.14 -19.41 2.38
N PHE I 121 0.85 -19.27 3.52
CA PHE I 121 0.37 -18.59 4.70
C PHE I 121 1.12 -17.29 4.88
N LYS I 122 0.38 -16.23 5.21
CA LYS I 122 0.95 -14.94 5.55
C LYS I 122 0.64 -14.62 7.00
N GLU I 123 1.33 -13.60 7.53
CA GLU I 123 1.11 -13.15 8.89
C GLU I 123 -0.33 -12.65 9.05
N ASN I 124 -0.96 -13.00 10.17
CA ASN I 124 -2.33 -12.62 10.43
C ASN I 124 -2.35 -11.31 11.18
N ILE I 125 -2.94 -10.29 10.54
CA ILE I 125 -3.09 -9.00 11.19
C ILE I 125 -4.54 -8.69 11.52
N ALA I 126 -5.48 -9.42 10.91
CA ALA I 126 -6.89 -9.20 11.18
C ALA I 126 -7.23 -9.62 12.61
N PRO I 127 -7.88 -8.76 13.39
CA PRO I 127 -8.18 -9.09 14.78
C PRO I 127 -9.15 -10.25 14.89
N TYR I 128 -9.02 -10.99 16.00
CA TYR I 128 -10.01 -11.99 16.35
C TYR I 128 -11.31 -11.32 16.77
N LYS I 129 -12.40 -11.67 16.10
CA LYS I 129 -13.69 -11.05 16.34
C LYS I 129 -14.65 -12.05 16.95
N PHE I 130 -15.49 -11.58 17.86
CA PHE I 130 -16.52 -12.42 18.43
C PHE I 130 -17.69 -11.59 18.89
N LYS I 131 -18.84 -12.25 19.03
CA LYS I 131 -20.04 -11.55 19.45
C LYS I 131 -20.09 -11.48 20.96
N ALA I 132 -20.21 -10.26 21.49
CA ALA I 132 -20.37 -10.04 22.91
C ALA I 132 -21.70 -9.33 23.13
N THR I 133 -22.10 -9.22 24.39
CA THR I 133 -23.36 -8.61 24.73
C THR I 133 -23.17 -7.71 25.95
N MET I 134 -23.69 -6.48 25.87
CA MET I 134 -23.45 -5.48 26.90
C MET I 134 -24.74 -5.18 27.62
N TYR I 135 -24.72 -5.40 28.94
CA TYR I 135 -25.86 -5.13 29.83
C TYR I 135 -25.48 -3.97 30.72
N TYR I 136 -26.23 -2.87 30.66
CA TYR I 136 -25.92 -1.75 31.53
C TYR I 136 -27.18 -0.94 31.77
N LYS I 137 -27.02 0.15 32.51
CA LYS I 137 -28.15 0.97 32.92
C LYS I 137 -27.77 2.44 32.83
N ASP I 138 -28.45 3.17 31.95
CA ASP I 138 -28.27 4.60 31.85
C ASP I 138 -29.01 5.26 32.99
N VAL I 139 -28.28 5.87 33.91
CA VAL I 139 -28.88 6.61 34.99
C VAL I 139 -28.69 8.09 34.69
N THR I 140 -29.80 8.79 34.43
CA THR I 140 -29.75 10.20 34.15
C THR I 140 -30.52 10.93 35.23
N VAL I 141 -29.81 11.75 36.00
CA VAL I 141 -30.46 12.57 37.00
C VAL I 141 -30.34 14.03 36.59
N SER I 142 -31.47 14.71 36.50
CA SER I 142 -31.51 16.08 36.02
C SER I 142 -32.03 17.01 37.08
N GLN I 143 -31.30 18.10 37.31
CA GLN I 143 -31.71 19.13 38.25
C GLN I 143 -32.29 20.28 37.45
N VAL I 144 -33.56 20.60 37.72
CA VAL I 144 -34.29 21.62 36.99
C VAL I 144 -34.68 22.73 37.95
N TRP I 145 -34.44 23.97 37.53
CA TRP I 145 -34.89 25.14 38.25
C TRP I 145 -36.13 25.70 37.55
N PHE I 146 -37.29 25.57 38.21
CA PHE I 146 -38.54 26.01 37.66
C PHE I 146 -38.75 27.48 37.98
N GLY I 147 -38.54 28.33 36.96
CA GLY I 147 -38.75 29.75 37.11
C GLY I 147 -40.24 30.09 37.07
N HIS I 148 -40.51 31.39 37.06
CA HIS I 148 -41.89 31.86 37.08
C HIS I 148 -42.60 31.44 35.80
N ARG I 149 -41.92 31.60 34.66
CA ARG I 149 -42.53 31.32 33.36
C ARG I 149 -41.88 30.13 32.67
N TYR I 150 -40.65 29.77 33.06
CA TYR I 150 -39.84 28.85 32.31
C TYR I 150 -39.22 27.83 33.25
N SER I 151 -38.65 26.79 32.63
CA SER I 151 -37.88 25.76 33.32
C SER I 151 -36.50 25.69 32.68
N GLN I 152 -35.47 25.54 33.50
CA GLN I 152 -34.10 25.56 33.02
C GLN I 152 -33.36 24.35 33.56
N PHE I 153 -32.55 23.73 32.71
CA PHE I 153 -31.71 22.64 33.13
C PHE I 153 -30.47 23.20 33.81
N MET I 154 -30.29 22.85 35.09
CA MET I 154 -29.16 23.33 35.85
C MET I 154 -28.11 22.25 36.03
N GLY I 155 -28.25 21.12 35.34
CA GLY I 155 -27.24 20.07 35.43
C GLY I 155 -27.86 18.69 35.16
N ILE I 156 -27.17 17.90 34.35
CA ILE I 156 -27.70 16.60 33.96
C ILE I 156 -26.60 15.56 34.10
N PHE I 157 -26.61 14.86 35.23
CA PHE I 157 -25.61 13.84 35.50
C PHE I 157 -26.03 12.55 34.82
N GLU I 158 -25.29 12.18 33.77
CA GLU I 158 -25.59 10.99 33.00
C GLU I 158 -24.48 9.98 33.26
N ASP I 159 -24.86 8.80 33.75
CA ASP I 159 -23.91 7.78 34.15
C ASP I 159 -24.33 6.43 33.56
N ARG I 160 -23.37 5.51 33.47
CA ARG I 160 -23.65 4.16 33.01
C ARG I 160 -23.23 3.18 34.10
N ALA I 161 -24.17 2.35 34.55
CA ALA I 161 -23.85 1.41 35.62
C ALA I 161 -23.97 -0.02 35.15
N PRO I 162 -23.09 -0.92 35.62
CA PRO I 162 -23.19 -2.32 35.26
C PRO I 162 -24.38 -2.98 35.91
N VAL I 163 -24.87 -4.04 35.25
CA VAL I 163 -25.98 -4.84 35.76
C VAL I 163 -25.38 -6.03 36.49
N PRO I 164 -25.73 -6.25 37.78
CA PRO I 164 -25.17 -7.36 38.52
C PRO I 164 -25.50 -8.71 37.89
N PHE I 165 -24.65 -9.70 38.18
CA PHE I 165 -24.82 -11.02 37.61
C PHE I 165 -26.19 -11.59 38.01
N GLU I 166 -26.54 -11.49 39.29
CA GLU I 166 -27.79 -12.07 39.76
C GLU I 166 -29.00 -11.42 39.10
N GLU I 167 -28.83 -10.23 38.53
CA GLU I 167 -29.88 -9.61 37.72
C GLU I 167 -29.79 -10.02 36.25
N VAL I 168 -28.59 -10.33 35.76
CA VAL I 168 -28.43 -10.79 34.40
C VAL I 168 -28.96 -12.20 34.23
N ILE I 169 -28.68 -13.11 35.17
CA ILE I 169 -29.03 -14.51 34.98
C ILE I 169 -30.47 -14.77 35.43
N ASP I 170 -30.83 -14.28 36.60
CA ASP I 170 -32.13 -14.61 37.17
C ASP I 170 -33.26 -13.82 36.50
N LYS I 171 -33.00 -12.56 36.14
CA LYS I 171 -34.04 -11.67 35.65
C LYS I 171 -34.03 -11.55 34.12
N ILE I 172 -32.93 -11.11 33.53
CA ILE I 172 -32.95 -10.76 32.11
C ILE I 172 -32.97 -12.02 31.25
N ASN I 173 -32.09 -12.96 31.53
CA ASN I 173 -31.97 -14.15 30.70
C ASN I 173 -33.15 -15.10 30.97
N ALA I 174 -33.70 -15.10 32.18
CA ALA I 174 -34.77 -16.03 32.50
C ALA I 174 -36.15 -15.43 32.21
N LYS I 175 -36.49 -14.32 32.87
CA LYS I 175 -37.82 -13.75 32.77
C LYS I 175 -37.96 -12.73 31.65
N GLY I 176 -36.84 -12.23 31.12
CA GLY I 176 -36.91 -11.20 30.10
C GLY I 176 -37.22 -9.81 30.66
N VAL I 177 -37.09 -9.63 31.96
CA VAL I 177 -37.32 -8.33 32.56
C VAL I 177 -36.04 -7.86 33.26
N CYS I 178 -36.02 -6.59 33.64
CA CYS I 178 -34.86 -5.99 34.25
C CYS I 178 -35.35 -5.12 35.41
N ARG I 179 -34.57 -5.04 36.47
CA ARG I 179 -34.96 -4.23 37.61
C ARG I 179 -34.97 -2.75 37.23
N SER I 180 -35.87 -2.01 37.89
CA SER I 180 -36.02 -0.58 37.62
C SER I 180 -35.11 0.26 38.49
N THR I 181 -34.29 -0.38 39.34
CA THR I 181 -33.35 0.34 40.18
C THR I 181 -31.96 -0.16 39.89
N ALA I 182 -31.02 0.80 39.80
CA ALA I 182 -29.61 0.49 39.56
C ALA I 182 -28.84 0.68 40.85
N LYS I 183 -28.30 -0.42 41.39
CA LYS I 183 -27.53 -0.36 42.62
C LYS I 183 -26.10 -0.71 42.29
N TYR I 184 -25.19 0.26 42.41
CA TYR I 184 -23.84 0.05 41.92
C TYR I 184 -22.88 0.90 42.72
N VAL I 185 -21.60 0.51 42.67
CA VAL I 185 -20.56 1.26 43.36
C VAL I 185 -19.90 2.22 42.36
N ARG I 186 -19.92 3.51 42.69
CA ARG I 186 -19.31 4.52 41.85
C ARG I 186 -18.51 5.46 42.72
N ASN I 187 -17.26 5.72 42.31
CA ASN I 187 -16.36 6.60 43.05
C ASN I 187 -16.30 6.17 44.51
N ASN I 188 -16.05 4.87 44.71
CA ASN I 188 -15.83 4.32 46.05
C ASN I 188 -17.02 4.64 46.95
N MET I 189 -18.23 4.45 46.41
CA MET I 189 -19.42 4.67 47.19
C MET I 189 -20.56 3.90 46.53
N GLU I 190 -21.35 3.23 47.36
CA GLU I 190 -22.44 2.38 46.88
C GLU I 190 -23.69 3.23 46.75
N THR I 191 -24.01 3.60 45.51
CA THR I 191 -25.17 4.42 45.21
C THR I 191 -26.29 3.56 44.66
N THR I 192 -27.52 4.03 44.85
CA THR I 192 -28.70 3.39 44.30
C THR I 192 -29.54 4.46 43.61
N ALA I 193 -30.05 4.15 42.43
CA ALA I 193 -30.89 5.06 41.67
C ALA I 193 -32.21 4.35 41.37
N PHE I 194 -33.32 4.99 41.74
CA PHE I 194 -34.65 4.45 41.52
C PHE I 194 -35.29 5.14 40.33
N HIS I 195 -35.84 4.34 39.42
CA HIS I 195 -36.52 4.90 38.26
C HIS I 195 -37.73 5.71 38.68
N ARG I 196 -37.85 6.91 38.08
CA ARG I 196 -38.94 7.85 38.35
C ARG I 196 -39.07 8.19 39.83
N ASP I 197 -37.99 8.02 40.62
CA ASP I 197 -38.03 8.24 42.05
C ASP I 197 -39.12 7.42 42.72
N ASP I 198 -39.39 6.24 42.16
CA ASP I 198 -40.47 5.40 42.63
C ASP I 198 -39.92 4.09 43.18
N HIS I 199 -40.83 3.18 43.48
CA HIS I 199 -40.44 1.93 44.12
C HIS I 199 -39.80 0.99 43.10
N GLU I 200 -39.06 -0.01 43.60
CA GLU I 200 -38.41 -0.96 42.72
C GLU I 200 -39.46 -1.78 41.97
N THR I 201 -39.21 -1.99 40.67
CA THR I 201 -40.17 -2.67 39.82
C THR I 201 -39.40 -3.44 38.74
N ASP I 202 -40.04 -4.49 38.22
CA ASP I 202 -39.50 -5.25 37.10
C ASP I 202 -40.11 -4.73 35.81
N MET I 203 -39.27 -4.29 34.87
CA MET I 203 -39.73 -3.67 33.65
C MET I 203 -39.32 -4.53 32.46
N GLU I 204 -40.21 -4.60 31.47
CA GLU I 204 -39.97 -5.44 30.30
C GLU I 204 -38.92 -4.80 29.40
N LEU I 205 -38.17 -5.64 28.70
CA LEU I 205 -37.21 -5.17 27.70
C LEU I 205 -37.82 -5.29 26.31
N LYS I 206 -38.04 -4.15 25.67
CA LYS I 206 -38.65 -4.13 24.36
C LYS I 206 -37.61 -3.76 23.32
N PRO I 207 -37.79 -4.17 22.05
CA PRO I 207 -36.79 -3.88 21.03
C PRO I 207 -36.59 -2.39 20.81
N ALA I 208 -35.35 -2.01 20.54
CA ALA I 208 -35.01 -0.62 20.28
C ALA I 208 -35.46 -0.21 18.90
N LYS I 209 -35.51 1.12 18.69
CA LYS I 209 -35.89 1.65 17.39
C LYS I 209 -34.84 1.26 16.36
N VAL I 210 -35.31 1.00 15.14
CA VAL I 210 -34.43 0.49 14.10
C VAL I 210 -33.51 1.59 13.60
N ALA I 211 -32.22 1.26 13.53
CA ALA I 211 -31.21 2.10 12.91
C ALA I 211 -30.43 1.26 11.90
N THR I 212 -30.00 1.93 10.83
CA THR I 212 -29.34 1.24 9.74
C THR I 212 -27.97 0.73 10.16
N ARG I 213 -27.64 -0.49 9.74
CA ARG I 213 -26.33 -1.10 9.95
C ARG I 213 -25.95 -1.14 11.44
N THR I 214 -26.94 -1.47 12.28
CA THR I 214 -26.70 -1.59 13.70
C THR I 214 -27.28 -2.91 14.21
N SER I 215 -26.63 -3.45 15.23
CA SER I 215 -27.06 -4.68 15.85
C SER I 215 -28.30 -4.44 16.70
N ARG I 216 -28.88 -5.54 17.20
CA ARG I 216 -30.10 -5.47 17.98
C ARG I 216 -29.85 -4.75 19.29
N GLY I 217 -30.91 -4.14 19.82
CA GLY I 217 -30.83 -3.47 21.10
C GLY I 217 -32.18 -3.53 21.79
N TRP I 218 -32.14 -3.56 23.13
CA TRP I 218 -33.35 -3.57 23.93
C TRP I 218 -33.21 -2.55 25.06
N HIS I 219 -34.33 -1.93 25.43
CA HIS I 219 -34.33 -0.94 26.49
C HIS I 219 -35.66 -1.00 27.22
N THR I 220 -35.69 -0.49 28.45
CA THR I 220 -36.89 -0.54 29.26
C THR I 220 -37.70 0.75 29.19
N THR I 221 -37.04 1.88 29.46
CA THR I 221 -37.70 3.18 29.43
C THR I 221 -37.28 3.94 28.18
N ASP I 222 -38.24 4.67 27.60
CA ASP I 222 -37.97 5.45 26.40
C ASP I 222 -38.04 6.96 26.66
N LEU I 223 -38.69 7.39 27.74
CA LEU I 223 -38.85 8.82 28.03
C LEU I 223 -38.08 9.16 29.30
N LYS I 224 -37.26 10.19 29.22
CA LYS I 224 -36.55 10.67 30.41
C LYS I 224 -37.55 11.29 31.36
N TYR I 225 -37.40 11.01 32.65
CA TYR I 225 -38.31 11.55 33.65
C TYR I 225 -37.73 12.84 34.21
N ASN I 226 -38.55 13.89 34.25
CA ASN I 226 -38.14 15.18 34.76
C ASN I 226 -39.06 15.56 35.92
N PRO I 227 -38.56 16.32 36.90
CA PRO I 227 -39.36 16.63 38.07
C PRO I 227 -40.59 17.46 37.73
N SER I 228 -41.64 17.25 38.51
CA SER I 228 -42.85 18.04 38.38
C SER I 228 -42.55 19.49 38.78
N ARG I 229 -43.24 20.43 38.13
CA ARG I 229 -42.96 21.84 38.33
C ARG I 229 -43.36 22.29 39.73
N VAL I 230 -42.43 22.96 40.41
CA VAL I 230 -42.71 23.66 41.65
C VAL I 230 -42.05 25.03 41.55
N GLU I 231 -42.79 26.09 41.91
CA GLU I 231 -42.35 27.45 41.63
C GLU I 231 -41.05 27.77 42.39
N ALA I 232 -40.02 28.16 41.62
CA ALA I 232 -38.76 28.66 42.15
C ALA I 232 -38.11 27.68 43.13
N PHE I 233 -38.01 26.42 42.73
CA PHE I 233 -37.36 25.41 43.55
C PHE I 233 -36.53 24.49 42.66
N HIS I 234 -35.27 24.29 43.03
CA HIS I 234 -34.43 23.32 42.37
C HIS I 234 -34.94 21.92 42.69
N ARG I 235 -35.27 21.15 41.66
CA ARG I 235 -35.83 19.82 41.87
C ARG I 235 -35.07 18.80 41.03
N TYR I 236 -34.81 17.64 41.63
CA TYR I 236 -34.01 16.59 41.00
C TYR I 236 -34.93 15.48 40.53
N GLY I 237 -34.61 14.91 39.38
CA GLY I 237 -35.39 13.81 38.84
C GLY I 237 -34.53 12.73 38.25
N THR I 238 -34.86 11.47 38.54
CA THR I 238 -34.04 10.35 38.14
C THR I 238 -34.68 9.60 36.98
N THR I 239 -33.87 9.00 36.13
CA THR I 239 -34.35 8.18 35.04
C THR I 239 -33.38 7.02 34.85
N VAL I 240 -33.85 5.79 35.10
CA VAL I 240 -33.03 4.62 34.97
C VAL I 240 -33.53 3.79 33.80
N ASN I 241 -32.67 3.63 32.80
CA ASN I 241 -33.02 2.90 31.60
C ASN I 241 -32.09 1.70 31.46
N CYS I 242 -32.63 0.49 31.64
CA CYS I 242 -31.86 -0.73 31.51
C CYS I 242 -31.69 -1.10 30.03
N ILE I 243 -30.46 -1.08 29.54
CA ILE I 243 -30.17 -1.25 28.12
C ILE I 243 -29.35 -2.53 27.90
N VAL I 244 -29.65 -3.23 26.80
CA VAL I 244 -28.94 -4.44 26.40
C VAL I 244 -28.59 -4.30 24.92
N GLU I 245 -27.32 -4.49 24.57
CA GLU I 245 -26.88 -4.32 23.21
C GLU I 245 -25.98 -5.47 22.78
N GLU I 246 -26.35 -6.15 21.70
CA GLU I 246 -25.44 -7.10 21.09
C GLU I 246 -24.39 -6.33 20.30
N VAL I 247 -23.12 -6.64 20.53
CA VAL I 247 -22.03 -5.89 19.93
C VAL I 247 -20.97 -6.84 19.41
N ASP I 248 -20.11 -6.29 18.57
CA ASP I 248 -18.90 -6.99 18.15
C ASP I 248 -17.76 -6.65 19.08
N ALA I 249 -16.87 -7.62 19.28
CA ALA I 249 -15.71 -7.43 20.13
C ALA I 249 -14.49 -7.91 19.36
N ARG I 250 -13.40 -7.15 19.46
CA ARG I 250 -12.21 -7.39 18.69
C ARG I 250 -11.00 -7.46 19.59
N SER I 251 -10.10 -8.41 19.29
CA SER I 251 -8.88 -8.57 20.06
C SER I 251 -7.71 -8.75 19.12
N VAL I 252 -6.51 -8.37 19.58
CA VAL I 252 -5.29 -8.59 18.80
C VAL I 252 -4.26 -9.25 19.70
N TYR I 253 -3.20 -9.74 19.07
CA TYR I 253 -2.17 -10.46 19.79
C TYR I 253 -1.53 -9.55 20.82
N PRO I 254 -1.25 -10.02 22.05
CA PRO I 254 -1.40 -11.41 22.48
C PRO I 254 -2.76 -11.77 23.07
N TYR I 255 -3.81 -11.06 22.66
CA TYR I 255 -5.18 -11.38 23.07
C TYR I 255 -5.31 -11.39 24.58
N ASP I 256 -4.73 -10.37 25.24
CA ASP I 256 -4.88 -10.22 26.67
C ASP I 256 -5.89 -9.14 27.02
N GLU I 257 -6.45 -8.47 26.02
CA GLU I 257 -7.44 -7.43 26.22
C GLU I 257 -8.20 -7.25 24.91
N PHE I 258 -9.49 -6.96 25.03
CA PHE I 258 -10.33 -6.86 23.87
C PHE I 258 -11.24 -5.64 23.97
N VAL I 259 -11.77 -5.24 22.82
CA VAL I 259 -12.48 -3.99 22.67
C VAL I 259 -13.90 -4.31 22.25
N LEU I 260 -14.82 -3.41 22.61
CA LEU I 260 -16.19 -3.53 22.17
C LEU I 260 -16.46 -2.54 21.04
N ALA I 261 -17.58 -2.71 20.36
CA ALA I 261 -17.93 -1.84 19.26
C ALA I 261 -18.29 -0.44 19.74
N THR I 262 -18.49 -0.25 21.06
CA THR I 262 -18.80 1.06 21.60
C THR I 262 -17.56 1.87 21.95
N GLY I 263 -16.38 1.33 21.66
CA GLY I 263 -15.15 2.05 21.93
C GLY I 263 -14.67 1.90 23.37
N ASP I 264 -15.43 1.19 24.22
CA ASP I 264 -14.99 0.88 25.56
C ASP I 264 -14.06 -0.33 25.52
N PHE I 265 -13.12 -0.39 26.48
CA PHE I 265 -12.26 -1.55 26.55
C PHE I 265 -12.62 -2.40 27.74
N VAL I 266 -12.36 -3.71 27.58
CA VAL I 266 -12.43 -4.65 28.68
C VAL I 266 -11.04 -5.25 28.83
N TYR I 267 -10.42 -5.04 29.97
CA TYR I 267 -9.01 -5.36 30.18
C TYR I 267 -8.86 -6.78 30.70
N MET I 268 -9.28 -7.72 29.87
CA MET I 268 -9.21 -9.13 30.20
C MET I 268 -9.09 -9.88 28.89
N SER I 269 -8.38 -10.99 28.93
CA SER I 269 -8.27 -11.82 27.75
C SER I 269 -9.65 -12.35 27.40
N PRO I 270 -9.98 -12.46 26.10
CA PRO I 270 -11.27 -13.01 25.72
C PRO I 270 -11.43 -14.45 26.16
N PHE I 271 -10.31 -15.16 26.40
CA PHE I 271 -10.30 -16.56 26.67
C PHE I 271 -10.05 -16.89 28.14
N TYR I 272 -10.25 -15.92 29.03
CA TYR I 272 -10.18 -16.21 30.45
C TYR I 272 -11.29 -17.16 30.80
N GLY I 273 -10.99 -18.15 31.65
CA GLY I 273 -11.99 -19.15 31.98
C GLY I 273 -11.70 -19.91 33.26
N TYR I 274 -12.18 -21.16 33.31
CA TYR I 274 -12.02 -21.96 34.51
C TYR I 274 -11.35 -23.31 34.26
N ARG I 275 -11.20 -23.76 33.02
CA ARG I 275 -10.76 -25.12 32.78
C ARG I 275 -9.38 -25.18 32.13
N GLU I 276 -8.46 -25.92 32.75
CA GLU I 276 -7.20 -26.34 32.12
C GLU I 276 -6.38 -25.14 31.65
N GLY I 277 -5.96 -24.35 32.63
CA GLY I 277 -5.08 -23.22 32.39
C GLY I 277 -5.82 -22.02 31.78
N SER I 278 -7.14 -22.02 31.77
CA SER I 278 -7.89 -20.90 31.25
C SER I 278 -8.00 -19.78 32.28
N HIS I 279 -7.36 -19.94 33.43
CA HIS I 279 -7.31 -18.90 34.44
C HIS I 279 -5.94 -18.24 34.53
N THR I 280 -4.97 -18.69 33.74
CA THR I 280 -3.67 -18.05 33.68
C THR I 280 -3.63 -16.91 32.69
N GLU I 281 -4.68 -16.76 31.86
CA GLU I 281 -4.73 -15.66 30.90
C GLU I 281 -4.88 -14.34 31.63
N HIS I 282 -4.43 -13.27 30.99
CA HIS I 282 -4.30 -11.99 31.67
C HIS I 282 -5.66 -11.49 32.13
N THR I 283 -5.68 -10.93 33.34
CA THR I 283 -6.85 -10.25 33.86
C THR I 283 -6.36 -9.03 34.64
N SER I 284 -7.06 -7.92 34.47
CA SER I 284 -6.72 -6.69 35.15
C SER I 284 -7.72 -6.34 36.25
N TYR I 285 -8.82 -7.09 36.36
CA TYR I 285 -9.84 -6.80 37.32
C TYR I 285 -9.77 -7.78 38.49
N ALA I 286 -10.45 -7.39 39.58
CA ALA I 286 -10.53 -8.25 40.74
C ALA I 286 -11.25 -9.55 40.39
N ALA I 287 -10.91 -10.61 41.12
CA ALA I 287 -11.42 -11.92 40.78
C ALA I 287 -12.93 -12.01 41.02
N ASP I 288 -13.51 -11.14 41.85
CA ASP I 288 -14.93 -11.20 42.12
C ASP I 288 -15.78 -10.49 41.06
N ARG I 289 -15.13 -9.83 40.10
CA ARG I 289 -15.85 -9.18 39.02
C ARG I 289 -16.13 -10.14 37.87
N PHE I 290 -15.63 -11.36 37.91
CA PHE I 290 -15.75 -12.32 36.83
C PHE I 290 -16.64 -13.47 37.25
N LYS I 291 -17.41 -14.01 36.32
CA LYS I 291 -18.30 -15.12 36.59
C LYS I 291 -18.49 -15.90 35.31
N GLN I 292 -18.04 -17.15 35.28
CA GLN I 292 -18.21 -18.00 34.11
C GLN I 292 -19.33 -18.99 34.37
N VAL I 293 -20.50 -18.73 33.80
CA VAL I 293 -21.63 -19.64 33.93
C VAL I 293 -21.47 -20.76 32.92
N ASP I 294 -21.25 -21.97 33.41
CA ASP I 294 -21.06 -23.10 32.52
C ASP I 294 -22.41 -23.73 32.21
N GLY I 295 -22.64 -24.06 30.95
CA GLY I 295 -23.96 -24.52 30.55
C GLY I 295 -25.00 -23.40 30.67
N PHE I 296 -24.88 -22.41 29.79
CA PHE I 296 -25.76 -21.26 29.79
C PHE I 296 -26.79 -21.37 28.67
N TYR I 297 -28.06 -21.21 29.04
CA TYR I 297 -29.16 -21.27 28.08
C TYR I 297 -29.55 -19.85 27.68
N ALA I 298 -29.05 -19.41 26.53
CA ALA I 298 -29.37 -18.07 26.05
C ALA I 298 -30.84 -18.01 25.63
N ARG I 299 -31.55 -16.99 26.11
CA ARG I 299 -32.94 -16.76 25.75
C ARG I 299 -33.02 -15.45 24.96
N ASP I 300 -33.23 -15.56 23.65
CA ASP I 300 -33.38 -14.40 22.80
C ASP I 300 -34.53 -13.54 23.32
N LEU I 301 -34.27 -12.23 23.45
CA LEU I 301 -35.25 -11.32 24.02
C LEU I 301 -36.32 -10.89 23.01
N THR I 302 -36.16 -11.25 21.73
CA THR I 302 -37.16 -10.97 20.71
C THR I 302 -38.12 -12.15 20.54
N THR I 303 -37.58 -13.32 20.18
CA THR I 303 -38.41 -14.50 19.98
C THR I 303 -38.85 -15.13 21.30
N LYS I 304 -38.15 -14.82 22.39
CA LYS I 304 -38.45 -15.36 23.72
C LYS I 304 -38.45 -16.88 23.73
N ALA I 305 -37.47 -17.47 23.03
CA ALA I 305 -37.32 -18.92 22.95
C ALA I 305 -35.97 -19.31 23.54
N ARG I 306 -35.98 -20.33 24.40
CA ARG I 306 -34.77 -20.77 25.07
C ARG I 306 -33.96 -21.67 24.14
N ALA I 307 -32.67 -21.36 24.01
CA ALA I 307 -31.77 -22.18 23.20
C ALA I 307 -31.54 -23.52 23.90
N THR I 308 -31.63 -24.61 23.15
CA THR I 308 -31.48 -25.93 23.74
C THR I 308 -30.03 -26.27 24.08
N SER I 309 -29.11 -25.95 23.18
CA SER I 309 -27.71 -26.33 23.38
C SER I 309 -27.05 -25.35 24.35
N PRO I 310 -26.57 -25.79 25.52
CA PRO I 310 -25.90 -24.88 26.44
C PRO I 310 -24.53 -24.47 25.93
N THR I 311 -24.09 -23.29 26.38
CA THR I 311 -22.76 -22.78 26.07
C THR I 311 -22.13 -22.22 27.32
N THR I 312 -20.80 -22.10 27.31
CA THR I 312 -20.08 -21.53 28.44
C THR I 312 -20.02 -20.03 28.27
N ARG I 313 -20.57 -19.30 29.24
CA ARG I 313 -20.76 -17.86 29.13
C ARG I 313 -19.92 -17.14 30.17
N ASN I 314 -18.90 -16.42 29.73
CA ASN I 314 -18.17 -15.52 30.60
C ASN I 314 -18.97 -14.25 30.80
N LEU I 315 -18.94 -13.72 32.02
CA LEU I 315 -19.57 -12.46 32.34
C LEU I 315 -18.57 -11.65 33.16
N LEU I 316 -18.41 -10.38 32.80
CA LEU I 316 -17.53 -9.48 33.52
C LEU I 316 -18.27 -8.19 33.80
N THR I 317 -18.22 -7.73 35.06
CA THR I 317 -18.90 -6.52 35.49
C THR I 317 -17.86 -5.41 35.65
N THR I 318 -17.59 -4.71 34.56
CA THR I 318 -16.73 -3.55 34.57
C THR I 318 -17.41 -2.40 35.32
N PRO I 319 -16.66 -1.37 35.74
CA PRO I 319 -17.28 -0.30 36.51
C PRO I 319 -18.39 0.45 35.76
N LYS I 320 -18.44 0.35 34.43
CA LYS I 320 -19.41 1.07 33.63
C LYS I 320 -20.54 0.16 33.13
N PHE I 321 -20.21 -1.05 32.66
CA PHE I 321 -21.16 -1.92 32.01
C PHE I 321 -20.84 -3.36 32.39
N THR I 322 -21.59 -4.30 31.82
CA THR I 322 -21.35 -5.71 32.05
C THR I 322 -21.33 -6.45 30.73
N VAL I 323 -20.19 -7.03 30.38
CA VAL I 323 -20.06 -7.76 29.13
C VAL I 323 -20.31 -9.24 29.41
N ALA I 324 -20.81 -9.93 28.40
CA ALA I 324 -20.95 -11.36 28.44
C ALA I 324 -20.63 -11.93 27.05
N TRP I 325 -19.92 -13.04 27.02
CA TRP I 325 -19.58 -13.64 25.77
C TRP I 325 -19.35 -15.13 25.92
N ASP I 326 -19.62 -15.87 24.85
CA ASP I 326 -19.40 -17.30 24.87
C ASP I 326 -17.90 -17.59 25.00
N TRP I 327 -17.58 -18.62 25.78
CA TRP I 327 -16.20 -18.93 26.06
C TRP I 327 -15.69 -20.00 25.10
N VAL I 328 -14.51 -19.73 24.52
CA VAL I 328 -13.86 -20.73 23.67
C VAL I 328 -12.40 -20.81 24.09
N PRO I 329 -11.76 -21.98 23.97
CA PRO I 329 -10.34 -22.10 24.30
C PRO I 329 -9.48 -21.27 23.35
N LYS I 330 -8.38 -20.77 23.89
CA LYS I 330 -7.53 -19.86 23.14
C LYS I 330 -6.81 -20.60 22.03
N ARG I 331 -6.22 -21.76 22.34
CA ARG I 331 -5.29 -22.40 21.42
C ARG I 331 -5.92 -22.71 20.06
N PRO I 332 -7.11 -23.35 19.97
CA PRO I 332 -7.65 -23.65 18.64
C PRO I 332 -8.49 -22.55 18.00
N ALA I 333 -8.59 -21.37 18.64
CA ALA I 333 -9.42 -20.28 18.12
C ALA I 333 -8.60 -19.22 17.39
N VAL I 334 -7.45 -18.83 17.95
CA VAL I 334 -6.63 -17.79 17.35
C VAL I 334 -5.49 -18.45 16.59
N CYS I 335 -4.84 -17.63 15.76
CA CYS I 335 -3.66 -18.08 15.04
C CYS I 335 -2.82 -16.87 14.65
N THR I 336 -1.51 -17.04 14.58
CA THR I 336 -0.64 -15.96 14.15
C THR I 336 -0.34 -16.02 12.65
N MET I 337 -0.92 -16.98 11.93
CA MET I 337 -0.75 -17.08 10.49
C MET I 337 -2.11 -17.32 9.84
N THR I 338 -2.27 -16.79 8.62
CA THR I 338 -3.49 -16.95 7.87
C THR I 338 -3.20 -17.61 6.53
N LYS I 339 -3.98 -18.63 6.18
CA LYS I 339 -3.88 -19.20 4.85
C LYS I 339 -4.24 -18.13 3.81
N TRP I 340 -3.32 -17.87 2.89
CA TRP I 340 -3.49 -16.81 1.90
C TRP I 340 -3.76 -17.36 0.51
N GLN I 341 -3.01 -18.37 0.07
CA GLN I 341 -3.13 -18.85 -1.29
C GLN I 341 -3.10 -20.37 -1.35
N GLU I 342 -3.77 -20.92 -2.36
CA GLU I 342 -3.78 -22.35 -2.62
C GLU I 342 -3.25 -22.59 -4.03
N VAL I 343 -2.14 -23.31 -4.14
CA VAL I 343 -1.46 -23.46 -5.41
C VAL I 343 -1.51 -24.92 -5.85
N ASP I 344 -2.17 -25.16 -6.98
CA ASP I 344 -2.28 -26.50 -7.55
C ASP I 344 -0.91 -27.04 -7.96
N GLU I 345 -0.17 -26.24 -8.71
CA GLU I 345 1.12 -26.65 -9.25
C GLU I 345 2.18 -25.69 -8.74
N MET I 346 2.82 -26.07 -7.62
CA MET I 346 3.95 -25.35 -7.11
C MET I 346 5.20 -26.17 -7.41
N LEU I 347 5.86 -25.84 -8.51
CA LEU I 347 7.08 -26.56 -8.86
C LEU I 347 8.19 -26.17 -7.88
N ARG I 348 8.85 -27.18 -7.33
CA ARG I 348 9.92 -26.96 -6.37
C ARG I 348 11.23 -27.40 -6.99
N ALA I 349 12.24 -26.54 -6.90
CA ALA I 349 13.57 -26.87 -7.40
C ALA I 349 14.59 -26.57 -6.32
N GLU I 350 15.71 -27.28 -6.36
CA GLU I 350 16.84 -27.01 -5.49
C GLU I 350 17.98 -26.45 -6.33
N TYR I 351 18.64 -25.42 -5.80
CA TYR I 351 19.68 -24.73 -6.54
C TYR I 351 20.42 -23.80 -5.59
N GLY I 352 21.75 -23.86 -5.62
CA GLY I 352 22.57 -22.93 -4.86
C GLY I 352 22.29 -22.96 -3.35
N GLY I 353 22.02 -24.17 -2.86
CA GLY I 353 21.67 -24.36 -1.46
C GLY I 353 20.40 -23.62 -1.07
N SER I 354 19.42 -23.57 -1.99
CA SER I 354 18.15 -22.94 -1.70
C SER I 354 17.05 -23.62 -2.50
N PHE I 355 15.84 -23.58 -1.96
CA PHE I 355 14.66 -24.09 -2.65
C PHE I 355 13.94 -22.93 -3.31
N ARG I 356 13.63 -23.08 -4.60
CA ARG I 356 12.82 -22.12 -5.31
C ARG I 356 11.48 -22.76 -5.64
N PHE I 357 10.41 -22.16 -5.12
CA PHE I 357 9.05 -22.61 -5.36
C PHE I 357 8.40 -21.65 -6.37
N SER I 358 8.10 -22.16 -7.56
CA SER I 358 7.54 -21.35 -8.62
C SER I 358 6.11 -21.80 -8.90
N SER I 359 5.18 -20.83 -8.92
CA SER I 359 3.79 -21.07 -9.24
C SER I 359 3.45 -20.28 -10.48
N ASP I 360 3.13 -21.00 -11.56
CA ASP I 360 2.71 -20.40 -12.81
C ASP I 360 1.29 -19.85 -12.74
N ALA I 361 0.45 -20.40 -11.85
CA ALA I 361 -0.93 -19.97 -11.77
C ALA I 361 -1.00 -18.50 -11.33
N ILE I 362 -0.21 -18.15 -10.30
CA ILE I 362 -0.19 -16.79 -9.80
C ILE I 362 1.10 -16.07 -10.17
N SER I 363 2.01 -16.73 -10.88
CA SER I 363 3.25 -16.10 -11.35
C SER I 363 4.06 -15.59 -10.18
N THR I 364 4.48 -16.51 -9.29
CA THR I 364 5.17 -16.11 -8.09
C THR I 364 6.22 -17.15 -7.74
N THR I 365 7.42 -16.66 -7.42
CA THR I 365 8.52 -17.54 -7.04
C THR I 365 9.04 -17.12 -5.67
N PHE I 366 9.04 -18.07 -4.74
CA PHE I 366 9.57 -17.87 -3.41
C PHE I 366 10.92 -18.59 -3.29
N THR I 367 11.77 -18.04 -2.42
CA THR I 367 13.07 -18.62 -2.15
C THR I 367 13.16 -18.96 -0.66
N THR I 368 13.54 -20.20 -0.35
CA THR I 368 13.61 -20.68 1.01
C THR I 368 14.95 -21.36 1.26
N ASN I 369 15.35 -21.41 2.54
CA ASN I 369 16.51 -22.17 2.91
C ASN I 369 16.26 -23.66 2.72
N LEU I 370 17.34 -24.45 2.66
CA LEU I 370 17.20 -25.87 2.34
C LEU I 370 16.43 -26.61 3.44
N THR I 371 16.68 -26.25 4.70
CA THR I 371 16.08 -26.91 5.83
C THR I 371 14.59 -26.60 5.92
N GLN I 372 13.85 -27.49 6.57
CA GLN I 372 12.45 -27.22 6.84
C GLN I 372 12.33 -26.22 7.99
N TYR I 373 11.11 -25.74 8.22
CA TYR I 373 10.82 -24.79 9.26
C TYR I 373 10.15 -25.52 10.41
N SER I 374 10.74 -25.39 11.61
CA SER I 374 10.20 -26.04 12.80
C SER I 374 8.85 -25.42 13.14
N LEU I 375 7.77 -26.18 12.92
CA LEU I 375 6.44 -25.65 13.14
C LEU I 375 6.17 -25.29 14.61
N SER I 376 6.91 -25.91 15.53
CA SER I 376 6.79 -25.57 16.95
C SER I 376 7.27 -24.16 17.24
N ARG I 377 8.10 -23.59 16.36
CA ARG I 377 8.64 -22.25 16.58
C ARG I 377 7.58 -21.17 16.41
N VAL I 378 6.48 -21.49 15.71
CA VAL I 378 5.44 -20.50 15.47
C VAL I 378 4.58 -20.38 16.71
N ASP I 379 4.41 -19.14 17.19
CA ASP I 379 3.55 -18.90 18.33
C ASP I 379 2.10 -19.13 17.93
N LEU I 380 1.36 -19.87 18.75
CA LEU I 380 -0.05 -20.16 18.51
C LEU I 380 -0.26 -20.75 17.12
N GLY I 381 0.66 -21.65 16.74
CA GLY I 381 0.65 -22.24 15.42
C GLY I 381 -0.18 -23.52 15.33
N ASP I 382 -1.38 -23.51 15.93
CA ASP I 382 -2.23 -24.69 15.90
C ASP I 382 -3.13 -24.74 14.67
N CYS I 383 -3.27 -23.62 13.95
CA CYS I 383 -4.20 -23.59 12.83
C CYS I 383 -3.52 -24.00 11.53
N ILE I 384 -2.20 -23.81 11.43
CA ILE I 384 -1.50 -24.01 10.18
C ILE I 384 -1.62 -25.48 9.75
N GLY I 385 -1.38 -26.40 10.69
CA GLY I 385 -1.43 -27.81 10.35
C GLY I 385 -2.80 -28.22 9.83
N ARG I 386 -3.86 -27.83 10.56
CA ARG I 386 -5.21 -28.19 10.18
C ARG I 386 -5.57 -27.61 8.82
N ASP I 387 -5.31 -26.31 8.63
CA ASP I 387 -5.68 -25.66 7.38
C ASP I 387 -4.92 -26.26 6.21
N ALA I 388 -3.61 -26.46 6.38
CA ALA I 388 -2.79 -27.01 5.30
C ALA I 388 -3.26 -28.41 4.94
N ARG I 389 -3.53 -29.24 5.95
CA ARG I 389 -3.96 -30.60 5.67
C ARG I 389 -5.29 -30.62 4.94
N GLU I 390 -6.27 -29.85 5.41
CA GLU I 390 -7.58 -29.82 4.77
C GLU I 390 -7.48 -29.32 3.34
N ALA I 391 -6.74 -28.23 3.13
CA ALA I 391 -6.61 -27.64 1.80
C ALA I 391 -5.91 -28.61 0.84
N ILE I 392 -4.82 -29.23 1.31
CA ILE I 392 -4.08 -30.15 0.46
C ILE I 392 -4.95 -31.35 0.10
N ASP I 393 -5.68 -31.90 1.07
CA ASP I 393 -6.52 -33.04 0.78
C ASP I 393 -7.60 -32.70 -0.23
N ARG I 394 -8.28 -31.56 -0.02
CA ARG I 394 -9.32 -31.13 -0.95
C ARG I 394 -8.75 -30.98 -2.36
N MET I 395 -7.60 -30.32 -2.46
CA MET I 395 -7.03 -29.97 -3.74
C MET I 395 -6.50 -31.19 -4.48
N PHE I 396 -5.85 -32.10 -3.76
CA PHE I 396 -5.40 -33.35 -4.33
C PHE I 396 -6.58 -34.20 -4.82
N ALA I 397 -7.65 -34.27 -4.03
CA ALA I 397 -8.83 -35.00 -4.46
C ALA I 397 -9.44 -34.36 -5.71
N ARG I 398 -9.41 -33.02 -5.78
CA ARG I 398 -10.01 -32.32 -6.91
C ARG I 398 -9.22 -32.59 -8.19
N LYS I 399 -7.89 -32.61 -8.11
CA LYS I 399 -7.12 -32.66 -9.34
C LYS I 399 -6.30 -33.93 -9.53
N TYR I 400 -5.48 -34.32 -8.55
CA TYR I 400 -4.39 -35.24 -8.80
C TYR I 400 -4.69 -36.68 -8.33
N ASN I 401 -5.94 -37.00 -8.01
CA ASN I 401 -6.25 -38.31 -7.45
C ASN I 401 -5.95 -39.43 -8.45
N ALA I 402 -6.21 -39.18 -9.74
CA ALA I 402 -6.14 -40.22 -10.76
C ALA I 402 -4.75 -40.33 -11.41
N THR I 403 -3.83 -39.41 -11.13
CA THR I 403 -2.58 -39.39 -11.87
C THR I 403 -1.36 -39.38 -10.94
N HIS I 404 -1.50 -38.74 -9.78
CA HIS I 404 -0.40 -38.59 -8.86
C HIS I 404 -0.78 -39.16 -7.49
N ILE I 405 0.24 -39.35 -6.66
CA ILE I 405 0.08 -39.80 -5.29
C ILE I 405 0.93 -38.91 -4.39
N LYS I 406 0.47 -38.78 -3.13
CA LYS I 406 1.19 -37.99 -2.16
C LYS I 406 2.52 -38.66 -1.81
N VAL I 407 3.52 -37.84 -1.48
CA VAL I 407 4.83 -38.33 -1.10
C VAL I 407 5.17 -37.75 0.26
N GLY I 408 4.92 -38.53 1.30
CA GLY I 408 5.30 -38.13 2.64
C GLY I 408 4.35 -37.11 3.24
N GLN I 409 4.69 -36.73 4.48
CA GLN I 409 3.90 -35.75 5.20
C GLN I 409 4.15 -34.36 4.64
N PRO I 410 3.16 -33.46 4.68
CA PRO I 410 3.38 -32.08 4.25
C PRO I 410 4.53 -31.41 4.99
N GLN I 411 5.38 -30.72 4.23
CA GLN I 411 6.56 -30.05 4.76
C GLN I 411 6.30 -28.56 4.87
N TYR I 412 7.06 -27.89 5.74
CA TYR I 412 6.88 -26.47 5.97
C TYR I 412 8.20 -25.74 5.79
N TYR I 413 8.16 -24.68 4.97
CA TYR I 413 9.34 -23.87 4.70
C TYR I 413 9.00 -22.40 4.88
N LEU I 414 10.02 -21.60 5.21
CA LEU I 414 9.87 -20.17 5.37
C LEU I 414 10.55 -19.46 4.22
N ALA I 415 9.80 -18.58 3.54
CA ALA I 415 10.27 -17.88 2.36
C ALA I 415 10.47 -16.41 2.68
N THR I 416 11.51 -15.84 2.06
CA THR I 416 11.92 -14.47 2.32
C THR I 416 10.74 -13.52 2.21
N GLY I 417 10.70 -12.55 3.12
CA GLY I 417 9.52 -11.73 3.25
C GLY I 417 8.53 -12.25 4.27
N GLY I 418 8.73 -13.49 4.77
CA GLY I 418 7.90 -14.04 5.81
C GLY I 418 6.65 -14.76 5.29
N PHE I 419 6.85 -15.69 4.37
CA PHE I 419 5.74 -16.48 3.84
C PHE I 419 5.95 -17.94 4.21
N LEU I 420 4.95 -18.55 4.85
CA LEU I 420 5.06 -19.93 5.29
C LEU I 420 4.41 -20.82 4.25
N ILE I 421 5.22 -21.62 3.56
CA ILE I 421 4.72 -22.48 2.50
C ILE I 421 4.64 -23.90 3.05
N ALA I 422 3.44 -24.48 2.99
CA ALA I 422 3.23 -25.89 3.23
C ALA I 422 3.23 -26.59 1.87
N TYR I 423 4.19 -27.50 1.68
CA TYR I 423 4.37 -28.17 0.41
C TYR I 423 4.09 -29.66 0.57
N GLN I 424 3.23 -30.19 -0.30
CA GLN I 424 2.97 -31.62 -0.36
C GLN I 424 3.50 -32.15 -1.68
N PRO I 425 4.62 -32.88 -1.67
CA PRO I 425 5.16 -33.41 -2.92
C PRO I 425 4.25 -34.48 -3.52
N LEU I 426 4.26 -34.53 -4.87
CA LEU I 426 3.48 -35.50 -5.60
C LEU I 426 4.39 -36.29 -6.51
N LEU I 427 4.00 -37.55 -6.73
CA LEU I 427 4.67 -38.39 -7.71
C LEU I 427 3.64 -38.93 -8.69
N SER I 428 3.93 -38.84 -9.98
CA SER I 428 3.09 -39.46 -10.98
C SER I 428 3.16 -40.99 -10.83
N ASN I 429 2.14 -41.67 -11.36
CA ASN I 429 2.08 -43.12 -11.25
C ASN I 429 3.29 -43.78 -11.92
N THR I 430 3.91 -43.09 -12.88
CA THR I 430 5.10 -43.61 -13.55
C THR I 430 6.34 -43.57 -12.62
N VAL I 465 9.97 -19.84 20.17
CA VAL I 465 8.60 -19.27 20.01
C VAL I 465 8.72 -17.82 19.57
N GLU I 466 8.50 -17.59 18.27
CA GLU I 466 8.60 -16.25 17.70
C GLU I 466 7.47 -16.04 16.71
N ARG I 467 7.21 -14.76 16.42
CA ARG I 467 6.17 -14.37 15.49
C ARG I 467 6.82 -13.88 14.19
N ILE I 468 6.35 -14.41 13.06
CA ILE I 468 6.93 -14.11 11.77
C ILE I 468 6.27 -12.84 11.21
N LYS I 469 7.12 -11.90 10.78
CA LYS I 469 6.65 -10.66 10.17
C LYS I 469 6.67 -10.80 8.65
N THR I 470 5.57 -10.42 8.01
CA THR I 470 5.41 -10.61 6.58
C THR I 470 5.43 -9.26 5.87
N THR I 471 6.18 -9.19 4.77
CA THR I 471 6.21 -8.00 3.94
C THR I 471 4.84 -7.79 3.29
N SER I 472 4.54 -6.52 3.00
CA SER I 472 3.23 -6.15 2.47
C SER I 472 3.20 -6.15 0.93
N SER I 473 4.35 -6.40 0.28
CA SER I 473 4.41 -6.36 -1.18
C SER I 473 5.01 -7.67 -1.68
N ILE I 474 4.17 -8.48 -2.34
CA ILE I 474 4.59 -9.71 -2.98
C ILE I 474 5.31 -9.44 -4.29
N GLU I 475 5.29 -8.21 -4.78
CA GLU I 475 5.73 -7.91 -6.14
C GLU I 475 7.11 -8.45 -6.45
N PHE I 476 8.05 -8.31 -5.52
CA PHE I 476 9.40 -8.80 -5.75
C PHE I 476 9.39 -10.25 -6.22
N ALA I 477 8.65 -11.11 -5.51
CA ALA I 477 8.57 -12.51 -5.89
C ALA I 477 8.09 -12.66 -7.33
N ARG I 478 7.01 -11.96 -7.67
CA ARG I 478 6.53 -11.97 -9.03
C ARG I 478 7.65 -11.58 -9.99
N LEU I 479 8.33 -10.48 -9.70
CA LEU I 479 9.45 -10.07 -10.52
C LEU I 479 10.41 -11.24 -10.69
N GLN I 480 10.80 -11.86 -9.58
CA GLN I 480 11.73 -12.98 -9.65
C GLN I 480 11.24 -14.01 -10.68
N PHE I 481 9.98 -14.46 -10.51
CA PHE I 481 9.45 -15.43 -11.44
C PHE I 481 9.57 -14.92 -12.87
N THR I 482 9.10 -13.69 -13.10
CA THR I 482 9.23 -13.10 -14.42
C THR I 482 10.67 -13.15 -14.86
N TYR I 483 11.59 -12.62 -14.04
CA TYR I 483 12.97 -12.61 -14.44
C TYR I 483 13.49 -14.03 -14.63
N ASN I 484 13.01 -14.97 -13.82
CA ASN I 484 13.38 -16.35 -14.05
C ASN I 484 12.89 -16.78 -15.42
N HIS I 485 11.59 -16.63 -15.66
CA HIS I 485 10.97 -17.23 -16.83
C HIS I 485 11.68 -16.82 -18.11
N ILE I 486 11.63 -15.54 -18.44
CA ILE I 486 12.35 -15.00 -19.58
C ILE I 486 13.76 -15.55 -19.60
N GLN I 487 14.49 -15.37 -18.51
CA GLN I 487 15.90 -15.76 -18.48
C GLN I 487 16.02 -17.21 -18.93
N ARG I 488 15.27 -18.09 -18.25
CA ARG I 488 15.39 -19.50 -18.54
C ARG I 488 15.25 -19.70 -20.04
N HIS I 489 14.15 -19.18 -20.61
CA HIS I 489 13.90 -19.37 -22.02
C HIS I 489 15.08 -18.93 -22.86
N VAL I 490 15.55 -17.70 -22.65
CA VAL I 490 16.63 -17.23 -23.51
C VAL I 490 17.89 -18.04 -23.24
N ASN I 491 18.14 -18.37 -21.98
CA ASN I 491 19.32 -19.15 -21.64
C ASN I 491 19.22 -20.53 -22.26
N ASP I 492 18.01 -20.97 -22.58
CA ASP I 492 17.83 -22.13 -23.42
C ASP I 492 18.13 -21.78 -24.88
N MET I 493 17.35 -20.85 -25.44
CA MET I 493 17.33 -20.67 -26.88
C MET I 493 18.70 -20.28 -27.40
N LEU I 494 19.26 -19.22 -26.84
CA LEU I 494 20.60 -18.80 -27.24
C LEU I 494 21.59 -19.96 -27.13
N GLY I 495 21.52 -20.73 -26.08
CA GLY I 495 22.40 -21.88 -25.95
C GLY I 495 22.29 -22.83 -27.14
N ARG I 496 21.06 -23.16 -27.51
CA ARG I 496 20.83 -24.02 -28.71
C ARG I 496 21.50 -23.37 -29.92
N ILE I 497 21.33 -22.05 -30.10
CA ILE I 497 21.95 -21.37 -31.22
C ILE I 497 23.46 -21.60 -31.18
N ALA I 498 24.06 -21.44 -30.01
CA ALA I 498 25.49 -21.66 -29.87
C ALA I 498 25.85 -23.03 -30.44
N VAL I 499 25.19 -24.08 -29.96
CA VAL I 499 25.46 -25.41 -30.48
C VAL I 499 25.19 -25.44 -31.98
N ALA I 500 24.04 -24.90 -32.39
CA ALA I 500 23.71 -24.86 -33.79
C ALA I 500 24.78 -24.13 -34.59
N TRP I 501 25.33 -23.06 -34.01
CA TRP I 501 26.44 -22.38 -34.67
C TRP I 501 27.63 -23.32 -34.76
N CYS I 502 28.03 -23.91 -33.63
CA CYS I 502 29.22 -24.73 -33.55
C CYS I 502 29.24 -25.77 -34.68
N GLU I 503 28.28 -26.70 -34.64
CA GLU I 503 28.29 -27.79 -35.60
C GLU I 503 28.42 -27.24 -37.03
N LEU I 504 27.74 -26.12 -37.29
CA LEU I 504 27.78 -25.52 -38.60
C LEU I 504 29.22 -25.39 -39.06
N GLN I 505 30.05 -24.66 -38.30
CA GLN I 505 31.43 -24.52 -38.69
C GLN I 505 32.14 -25.88 -38.78
N ASN I 506 31.93 -26.75 -37.79
CA ASN I 506 32.54 -28.06 -37.85
C ASN I 506 32.13 -28.77 -39.14
N HIS I 507 30.88 -28.57 -39.53
CA HIS I 507 30.39 -29.10 -40.78
C HIS I 507 30.97 -28.33 -41.96
N GLU I 508 30.94 -27.00 -41.88
CA GLU I 508 31.41 -26.16 -42.99
C GLU I 508 32.83 -26.51 -43.40
N LEU I 509 33.66 -26.90 -42.43
CA LEU I 509 35.06 -27.17 -42.71
C LEU I 509 35.20 -28.20 -43.84
N THR I 510 34.28 -29.15 -43.91
CA THR I 510 34.42 -30.20 -44.90
C THR I 510 34.38 -29.62 -46.31
N LEU I 511 33.61 -28.55 -46.53
CA LEU I 511 33.64 -27.86 -47.80
C LEU I 511 35.00 -27.20 -48.04
N TRP I 512 35.53 -26.56 -47.01
CA TRP I 512 36.75 -25.77 -47.18
C TRP I 512 37.92 -26.67 -47.60
N ASN I 513 38.05 -27.85 -47.02
CA ASN I 513 39.12 -28.75 -47.38
C ASN I 513 39.09 -29.10 -48.86
N GLU I 514 37.93 -28.96 -49.51
CA GLU I 514 37.87 -29.12 -50.95
C GLU I 514 38.23 -27.83 -51.67
N ALA I 515 37.71 -26.70 -51.18
CA ALA I 515 37.91 -25.43 -51.86
C ALA I 515 39.39 -25.07 -51.96
N ARG I 516 40.17 -25.34 -50.91
CA ARG I 516 41.58 -25.02 -50.93
C ARG I 516 42.29 -25.79 -52.04
N LYS I 517 41.75 -26.95 -52.44
CA LYS I 517 42.36 -27.69 -53.55
C LYS I 517 42.05 -27.03 -54.89
N LEU I 518 40.91 -26.33 -55.00
CA LEU I 518 40.54 -25.71 -56.26
C LEU I 518 41.46 -24.52 -56.57
N ASN I 519 41.47 -23.52 -55.68
CA ASN I 519 42.41 -22.42 -55.77
C ASN I 519 42.86 -22.04 -54.36
N PRO I 520 44.06 -22.49 -53.96
CA PRO I 520 44.55 -22.14 -52.63
C PRO I 520 44.73 -20.65 -52.43
N ASN I 521 44.90 -19.89 -53.52
CA ASN I 521 45.12 -18.45 -53.43
C ASN I 521 43.97 -17.77 -52.69
N ALA I 522 42.76 -17.88 -53.25
CA ALA I 522 41.61 -17.18 -52.69
C ALA I 522 41.29 -17.69 -51.30
N ILE I 523 41.37 -19.01 -51.10
CA ILE I 523 41.02 -19.60 -49.82
C ILE I 523 41.96 -19.11 -48.73
N ALA I 524 43.26 -19.14 -49.01
CA ALA I 524 44.24 -18.67 -48.03
C ALA I 524 44.07 -17.16 -47.78
N SER I 525 43.81 -16.40 -48.84
CA SER I 525 43.63 -14.96 -48.70
C SER I 525 42.45 -14.66 -47.77
N ALA I 526 41.36 -15.41 -47.93
CA ALA I 526 40.17 -15.17 -47.13
C ALA I 526 40.39 -15.62 -45.68
N THR I 527 41.02 -16.79 -45.49
CA THR I 527 41.11 -17.34 -44.15
C THR I 527 42.18 -16.64 -43.30
N VAL I 528 43.28 -16.20 -43.91
CA VAL I 528 44.38 -15.61 -43.15
C VAL I 528 44.08 -14.17 -42.77
N GLY I 529 43.48 -13.41 -43.70
CA GLY I 529 43.16 -12.02 -43.47
C GLY I 529 43.96 -11.06 -44.35
N ARG I 530 44.95 -11.57 -45.11
CA ARG I 530 45.74 -10.73 -45.99
C ARG I 530 45.79 -11.36 -47.37
N ARG I 531 45.91 -10.51 -48.39
CA ARG I 531 46.05 -11.01 -49.76
C ARG I 531 47.38 -11.73 -49.90
N ALA I 532 47.31 -13.06 -49.98
CA ALA I 532 48.50 -13.88 -50.07
C ALA I 532 48.35 -14.86 -51.22
N SER I 533 49.50 -15.29 -51.74
CA SER I 533 49.57 -16.40 -52.69
C SER I 533 49.75 -17.69 -51.92
N ALA I 534 49.11 -18.74 -52.39
CA ALA I 534 49.23 -20.04 -51.77
C ALA I 534 49.53 -21.09 -52.82
N ARG I 535 50.20 -22.15 -52.38
CA ARG I 535 50.44 -23.30 -53.23
C ARG I 535 50.30 -24.55 -52.38
N MET I 536 49.58 -25.53 -52.93
CA MET I 536 49.27 -26.72 -52.17
C MET I 536 50.50 -27.64 -52.15
N LEU I 537 50.95 -27.98 -50.93
CA LEU I 537 52.21 -28.69 -50.75
C LEU I 537 51.99 -30.04 -50.07
N GLY I 538 51.02 -30.79 -50.58
CA GLY I 538 50.73 -32.10 -50.04
C GLY I 538 49.39 -32.12 -49.32
N ASP I 539 49.43 -32.17 -47.98
CA ASP I 539 48.23 -32.07 -47.17
C ASP I 539 48.11 -30.70 -46.51
N VAL I 540 48.98 -29.74 -46.90
CA VAL I 540 48.93 -28.40 -46.37
C VAL I 540 49.53 -27.46 -47.42
N MET I 541 49.12 -26.19 -47.36
CA MET I 541 49.52 -25.23 -48.38
C MET I 541 50.45 -24.18 -47.76
N ALA I 542 51.41 -23.73 -48.57
CA ALA I 542 52.31 -22.67 -48.18
C ALA I 542 51.82 -21.33 -48.73
N VAL I 543 52.01 -20.27 -47.94
CA VAL I 543 51.54 -18.95 -48.30
C VAL I 543 52.69 -17.95 -48.31
N SER I 544 52.46 -16.84 -49.02
CA SER I 544 53.43 -15.77 -49.12
C SER I 544 52.67 -14.47 -49.33
N THR I 545 53.03 -13.44 -48.57
CA THR I 545 52.35 -12.16 -48.65
C THR I 545 52.57 -11.52 -50.02
N CYS I 546 51.54 -10.79 -50.48
CA CYS I 546 51.59 -10.18 -51.81
C CYS I 546 51.73 -8.67 -51.69
N VAL I 547 52.62 -8.10 -52.52
CA VAL I 547 52.98 -6.69 -52.43
C VAL I 547 51.92 -5.88 -53.18
N PRO I 548 51.53 -4.71 -52.67
CA PRO I 548 50.55 -3.88 -53.36
C PRO I 548 51.11 -3.23 -54.62
N VAL I 549 50.20 -2.88 -55.54
CA VAL I 549 50.52 -2.12 -56.73
C VAL I 549 49.43 -1.09 -56.96
N ALA I 550 49.85 0.15 -57.25
CA ALA I 550 48.93 1.24 -57.48
C ALA I 550 48.15 0.99 -58.78
N PRO I 551 46.93 1.53 -58.90
CA PRO I 551 46.13 1.27 -60.09
C PRO I 551 46.60 2.01 -61.35
N ASP I 552 47.41 3.05 -61.18
CA ASP I 552 47.84 3.83 -62.33
C ASP I 552 49.06 3.21 -63.03
N ASN I 553 49.66 2.17 -62.44
CA ASN I 553 50.89 1.59 -62.97
C ASN I 553 50.61 0.33 -63.81
N VAL I 554 49.39 0.20 -64.32
CA VAL I 554 49.03 -0.97 -65.13
C VAL I 554 48.32 -0.48 -66.39
N ILE I 555 48.72 -1.04 -67.53
CA ILE I 555 48.13 -0.72 -68.82
C ILE I 555 47.68 -2.01 -69.47
N VAL I 556 46.47 -1.99 -70.02
CA VAL I 556 45.88 -3.15 -70.67
C VAL I 556 46.24 -3.12 -72.15
N GLN I 557 46.90 -4.20 -72.61
CA GLN I 557 47.17 -4.35 -74.03
C GLN I 557 45.87 -4.72 -74.76
N ASN I 558 45.73 -4.19 -75.98
CA ASN I 558 44.46 -4.27 -76.69
C ASN I 558 44.11 -5.73 -77.02
N SER I 559 45.10 -6.49 -77.51
CA SER I 559 44.84 -7.80 -78.09
C SER I 559 45.46 -8.92 -77.26
N MET I 560 44.67 -9.96 -77.01
CA MET I 560 45.19 -11.22 -76.52
C MET I 560 45.42 -12.23 -77.65
N ARG I 561 45.16 -11.83 -78.89
CA ARG I 561 45.53 -12.63 -80.05
C ARG I 561 47.04 -12.82 -80.09
N VAL I 562 47.45 -14.08 -80.33
CA VAL I 562 48.86 -14.40 -80.49
C VAL I 562 49.17 -14.42 -81.98
N SER I 563 49.97 -13.45 -82.43
CA SER I 563 50.30 -13.35 -83.85
C SER I 563 51.35 -14.38 -84.28
N SER I 564 52.11 -14.92 -83.31
CA SER I 564 53.18 -15.87 -83.60
C SER I 564 52.67 -17.31 -83.71
N ARG I 565 51.44 -17.57 -83.24
CA ARG I 565 50.87 -18.91 -83.28
C ARG I 565 49.37 -18.79 -83.55
N PRO I 566 48.93 -19.08 -84.79
CA PRO I 566 47.49 -19.06 -85.06
C PRO I 566 46.76 -20.16 -84.32
N GLY I 567 45.49 -19.90 -83.98
CA GLY I 567 44.67 -20.87 -83.30
C GLY I 567 44.88 -20.92 -81.79
N THR I 568 46.05 -20.51 -81.31
CA THR I 568 46.33 -20.49 -79.87
C THR I 568 46.48 -19.03 -79.44
N CYS I 569 45.84 -18.69 -78.32
CA CYS I 569 45.78 -17.30 -77.88
C CYS I 569 45.45 -17.25 -76.40
N TYR I 570 45.71 -16.08 -75.81
CA TYR I 570 45.63 -15.93 -74.37
C TYR I 570 44.19 -16.06 -73.90
N SER I 571 44.00 -16.64 -72.72
CA SER I 571 42.66 -16.74 -72.15
C SER I 571 42.41 -15.56 -71.24
N ARG I 572 43.46 -14.81 -70.91
CA ARG I 572 43.33 -13.65 -70.02
C ARG I 572 43.96 -12.40 -70.60
N PRO I 573 43.56 -11.22 -70.10
CA PRO I 573 44.10 -9.96 -70.64
C PRO I 573 45.57 -9.72 -70.33
N LEU I 574 46.36 -9.38 -71.34
CA LEU I 574 47.76 -9.07 -71.12
C LEU I 574 47.89 -7.63 -70.61
N VAL I 575 48.91 -7.41 -69.79
CA VAL I 575 49.12 -6.14 -69.12
C VAL I 575 50.59 -5.79 -69.12
N SER I 576 50.85 -4.49 -68.92
CA SER I 576 52.18 -3.97 -68.67
C SER I 576 52.14 -3.19 -67.36
N PHE I 577 53.01 -3.56 -66.42
CA PHE I 577 52.93 -3.03 -65.08
C PHE I 577 54.32 -2.65 -64.57
N ARG I 578 54.34 -1.74 -63.61
CA ARG I 578 55.56 -1.31 -62.93
C ARG I 578 55.27 -1.17 -61.45
N TYR I 579 56.21 -1.60 -60.61
CA TYR I 579 56.01 -1.56 -59.17
C TYR I 579 55.90 -0.12 -58.68
N GLU I 580 56.76 0.76 -59.20
CA GLU I 580 56.75 2.17 -58.85
C GLU I 580 56.41 3.00 -60.09
N ASP I 581 56.05 4.26 -59.86
CA ASP I 581 55.62 5.13 -60.95
C ASP I 581 56.72 5.34 -61.99
N GLN I 582 57.99 5.27 -61.57
CA GLN I 582 59.11 5.41 -62.50
C GLN I 582 59.79 4.07 -62.79
N GLY I 583 59.20 2.95 -62.34
CA GLY I 583 59.80 1.65 -62.52
C GLY I 583 59.73 1.18 -63.97
N PRO I 584 60.57 0.21 -64.34
CA PRO I 584 60.54 -0.31 -65.70
C PRO I 584 59.22 -1.01 -66.00
N LEU I 585 58.82 -0.97 -67.28
CA LEU I 585 57.60 -1.63 -67.71
C LEU I 585 57.86 -3.12 -67.91
N ILE I 586 57.09 -3.94 -67.19
CA ILE I 586 57.23 -5.38 -67.22
C ILE I 586 55.94 -5.97 -67.79
N GLU I 587 56.11 -6.86 -68.77
CA GLU I 587 54.97 -7.53 -69.38
C GLU I 587 54.46 -8.64 -68.47
N GLY I 588 53.16 -8.91 -68.57
CA GLY I 588 52.57 -9.98 -67.80
C GLY I 588 51.12 -10.16 -68.20
N GLN I 589 50.38 -10.92 -67.40
CA GLN I 589 48.96 -11.12 -67.66
C GLN I 589 48.18 -10.99 -66.36
N LEU I 590 46.94 -10.53 -66.48
CA LEU I 590 46.02 -10.43 -65.36
C LEU I 590 45.72 -11.83 -64.84
N GLY I 591 45.33 -11.91 -63.57
CA GLY I 591 44.97 -13.17 -62.97
C GLY I 591 43.57 -13.16 -62.39
N GLU I 592 43.39 -13.89 -61.30
CA GLU I 592 42.08 -14.01 -60.67
C GLU I 592 41.93 -12.95 -59.57
N ASN I 593 40.89 -12.12 -59.69
CA ASN I 593 40.56 -11.09 -58.72
C ASN I 593 41.75 -10.15 -58.49
N ASN I 594 42.16 -9.46 -59.56
CA ASN I 594 43.17 -8.41 -59.49
C ASN I 594 44.49 -8.95 -58.94
N GLU I 595 45.00 -10.00 -59.57
CA GLU I 595 46.34 -10.49 -59.30
C GLU I 595 47.11 -10.56 -60.61
N LEU I 596 48.43 -10.33 -60.52
CA LEU I 596 49.26 -10.19 -61.71
C LEU I 596 50.16 -11.40 -61.82
N ARG I 597 50.22 -11.97 -63.03
CA ARG I 597 51.07 -13.11 -63.31
C ARG I 597 52.26 -12.64 -64.14
N LEU I 598 53.46 -12.98 -63.67
CA LEU I 598 54.68 -12.62 -64.39
C LEU I 598 54.80 -13.43 -65.69
N THR I 599 54.32 -14.67 -65.68
CA THR I 599 54.42 -15.56 -66.83
C THR I 599 53.10 -15.55 -67.58
N ARG I 600 53.17 -15.27 -68.88
CA ARG I 600 51.99 -15.27 -69.74
C ARG I 600 51.76 -16.67 -70.31
N ASP I 601 51.38 -17.58 -69.42
CA ASP I 601 51.19 -18.98 -69.77
C ASP I 601 49.72 -19.36 -69.92
N ALA I 602 48.80 -18.40 -69.80
CA ALA I 602 47.37 -18.67 -69.91
C ALA I 602 47.00 -18.75 -71.39
N LEU I 603 47.45 -19.82 -72.05
CA LEU I 603 47.23 -20.01 -73.47
C LEU I 603 46.22 -21.13 -73.67
N GLU I 604 45.24 -20.86 -74.55
CA GLU I 604 44.20 -21.83 -74.88
C GLU I 604 43.96 -21.75 -76.38
N PRO I 605 43.38 -22.80 -76.98
CA PRO I 605 43.07 -22.73 -78.40
C PRO I 605 41.86 -21.83 -78.62
N CYS I 606 41.96 -20.97 -79.63
CA CYS I 606 41.00 -19.90 -79.81
C CYS I 606 39.65 -20.44 -80.24
N THR I 607 38.58 -19.72 -79.85
CA THR I 607 37.22 -20.13 -80.11
C THR I 607 36.46 -18.98 -80.74
N VAL I 608 35.62 -19.31 -81.73
CA VAL I 608 34.76 -18.32 -82.36
C VAL I 608 33.69 -17.89 -81.37
N GLY I 609 33.34 -16.60 -81.39
CA GLY I 609 32.37 -16.06 -80.46
C GLY I 609 33.00 -15.83 -79.10
N HIS I 610 34.18 -15.19 -79.09
CA HIS I 610 34.92 -14.93 -77.86
C HIS I 610 34.44 -13.62 -77.26
N ARG I 611 33.58 -13.72 -76.25
CA ARG I 611 33.06 -12.57 -75.53
C ARG I 611 33.34 -12.79 -74.06
N ARG I 612 34.25 -12.00 -73.49
CA ARG I 612 34.72 -12.29 -72.14
C ARG I 612 34.74 -11.03 -71.28
N TYR I 613 34.45 -11.26 -70.00
CA TYR I 613 34.46 -10.23 -68.97
C TYR I 613 35.57 -10.57 -67.97
N PHE I 614 36.36 -9.58 -67.60
CA PHE I 614 37.45 -9.82 -66.67
C PHE I 614 37.45 -8.74 -65.60
N ILE I 615 37.64 -9.14 -64.34
CA ILE I 615 37.68 -8.18 -63.26
C ILE I 615 38.93 -7.31 -63.41
N PHE I 616 38.77 -6.00 -63.19
CA PHE I 616 39.86 -5.06 -63.32
C PHE I 616 39.54 -3.83 -62.49
N GLY I 617 40.47 -3.46 -61.59
CA GLY I 617 40.25 -2.34 -60.71
C GLY I 617 38.99 -2.56 -59.87
N GLY I 618 38.10 -1.57 -59.85
CA GLY I 618 36.83 -1.72 -59.18
C GLY I 618 35.70 -2.23 -60.08
N GLY I 619 36.00 -2.46 -61.37
CA GLY I 619 34.97 -2.84 -62.31
C GLY I 619 35.39 -4.00 -63.20
N TYR I 620 34.93 -3.99 -64.45
CA TYR I 620 35.24 -5.05 -65.39
C TYR I 620 35.83 -4.45 -66.66
N VAL I 621 36.42 -5.33 -67.46
CA VAL I 621 36.88 -5.01 -68.80
C VAL I 621 36.33 -6.10 -69.73
N TYR I 622 35.76 -5.67 -70.85
CA TYR I 622 35.06 -6.56 -71.75
C TYR I 622 35.84 -6.64 -73.06
N PHE I 623 36.07 -7.89 -73.50
CA PHE I 623 36.78 -8.18 -74.73
C PHE I 623 35.85 -8.92 -75.68
N GLU I 624 35.98 -8.55 -76.97
CA GLU I 624 35.14 -9.17 -78.04
C GLU I 624 36.06 -9.79 -79.11
N GLU I 625 36.08 -11.11 -79.21
CA GLU I 625 36.87 -11.87 -80.19
C GLU I 625 38.37 -11.63 -79.97
N TYR I 626 38.80 -11.84 -78.72
CA TYR I 626 40.20 -11.76 -78.33
C TYR I 626 40.77 -10.36 -78.56
N ALA I 627 39.91 -9.35 -78.47
CA ALA I 627 40.34 -7.96 -78.59
C ALA I 627 39.59 -7.12 -77.58
N TYR I 628 40.27 -6.11 -77.04
CA TYR I 628 39.66 -5.21 -76.08
C TYR I 628 38.44 -4.52 -76.70
N SER I 629 37.36 -4.47 -75.93
CA SER I 629 36.16 -3.76 -76.34
C SER I 629 35.95 -2.50 -75.50
N HIS I 630 35.83 -2.64 -74.18
CA HIS I 630 35.65 -1.46 -73.35
C HIS I 630 35.72 -1.81 -71.87
N GLN I 631 36.19 -0.83 -71.08
CA GLN I 631 36.06 -0.89 -69.64
C GLN I 631 34.60 -0.70 -69.25
N LEU I 632 34.28 -1.04 -68.00
CA LEU I 632 32.92 -0.99 -67.52
C LEU I 632 32.91 -0.87 -66.01
N SER I 633 31.98 -0.05 -65.51
CA SER I 633 31.73 0.03 -64.08
C SER I 633 31.09 -1.27 -63.58
N ARG I 634 31.37 -1.63 -62.34
CA ARG I 634 30.80 -2.83 -61.76
C ARG I 634 29.28 -2.73 -61.64
N ALA I 635 28.78 -1.51 -61.38
CA ALA I 635 27.35 -1.28 -61.20
C ALA I 635 26.56 -1.56 -62.49
N ASP I 636 27.23 -1.62 -63.64
CA ASP I 636 26.54 -1.89 -64.89
C ASP I 636 26.06 -3.34 -64.99
N VAL I 637 26.72 -4.26 -64.27
CA VAL I 637 26.38 -5.67 -64.30
C VAL I 637 25.44 -5.96 -63.13
N THR I 638 24.26 -6.49 -63.47
CA THR I 638 23.24 -6.77 -62.46
C THR I 638 23.77 -7.80 -61.46
N THR I 639 23.30 -7.67 -60.22
CA THR I 639 23.83 -8.44 -59.11
C THR I 639 22.78 -9.44 -58.62
N VAL I 640 23.21 -10.68 -58.45
CA VAL I 640 22.46 -11.68 -57.72
C VAL I 640 23.13 -11.87 -56.37
N SER I 641 22.31 -11.88 -55.31
CA SER I 641 22.85 -11.87 -53.96
C SER I 641 22.91 -13.29 -53.41
N THR I 642 24.10 -13.71 -52.97
CA THR I 642 24.27 -15.01 -52.35
C THR I 642 24.15 -14.94 -50.83
N PHE I 643 23.87 -13.74 -50.30
CA PHE I 643 23.80 -13.55 -48.86
C PHE I 643 22.38 -13.80 -48.35
N ILE I 644 22.29 -14.51 -47.21
CA ILE I 644 21.00 -14.79 -46.63
C ILE I 644 20.72 -13.71 -45.60
N ASP I 645 19.70 -12.88 -45.84
CA ASP I 645 19.53 -11.67 -45.04
C ASP I 645 18.97 -12.03 -43.67
N LEU I 646 19.53 -11.41 -42.62
CA LEU I 646 18.95 -11.50 -41.28
C LEU I 646 18.85 -10.11 -40.67
N ASN I 647 17.62 -9.60 -40.55
CA ASN I 647 17.38 -8.25 -40.09
C ASN I 647 17.20 -8.29 -38.58
N ILE I 648 18.22 -7.83 -37.84
CA ILE I 648 18.18 -7.83 -36.39
C ILE I 648 17.79 -6.42 -35.97
N THR I 649 16.58 -6.30 -35.39
CA THR I 649 16.14 -5.05 -34.81
C THR I 649 16.30 -5.10 -33.30
N MET I 650 16.53 -3.94 -32.72
CA MET I 650 17.04 -3.92 -31.37
C MET I 650 15.91 -3.58 -30.40
N LEU I 651 16.09 -3.92 -29.13
CA LEU I 651 15.12 -3.50 -28.13
C LEU I 651 15.29 -1.99 -27.89
N GLU I 652 14.15 -1.32 -27.75
CA GLU I 652 14.17 0.11 -27.50
C GLU I 652 14.26 0.38 -26.00
N ASP I 653 14.99 1.42 -25.65
CA ASP I 653 15.06 1.86 -24.28
C ASP I 653 13.68 2.36 -23.87
N HIS I 654 13.28 2.03 -22.64
CA HIS I 654 11.93 2.30 -22.18
C HIS I 654 11.95 2.99 -20.83
N GLU I 655 10.99 3.88 -20.60
CA GLU I 655 10.90 4.63 -19.36
C GLU I 655 9.63 4.23 -18.61
N PHE I 656 9.79 3.89 -17.33
CA PHE I 656 8.66 3.62 -16.48
C PHE I 656 8.42 4.83 -15.58
N VAL I 657 7.23 5.41 -15.68
CA VAL I 657 6.84 6.49 -14.80
C VAL I 657 6.32 5.90 -13.51
N PRO I 658 6.41 6.64 -12.38
CA PRO I 658 5.81 6.17 -11.14
C PRO I 658 4.28 6.19 -11.24
N LEU I 659 3.69 4.99 -11.17
CA LEU I 659 2.25 4.84 -11.35
C LEU I 659 1.70 4.03 -10.19
N GLU I 660 0.57 4.50 -9.65
CA GLU I 660 -0.09 3.80 -8.56
C GLU I 660 -1.58 4.16 -8.60
N VAL I 661 -2.44 3.21 -8.22
CA VAL I 661 -3.88 3.44 -8.26
C VAL I 661 -4.30 4.49 -7.23
N TYR I 662 -3.83 4.33 -6.00
CA TYR I 662 -4.16 5.26 -4.93
C TYR I 662 -2.90 5.64 -4.19
N THR I 663 -2.76 6.93 -3.89
CA THR I 663 -1.65 7.41 -3.09
C THR I 663 -1.92 7.21 -1.60
N ARG I 664 -0.92 7.53 -0.79
CA ARG I 664 -1.09 7.54 0.66
C ARG I 664 -2.17 8.55 1.05
N HIS I 665 -2.14 9.73 0.41
CA HIS I 665 -3.11 10.77 0.73
C HIS I 665 -4.52 10.30 0.39
N GLU I 666 -4.69 9.66 -0.76
CA GLU I 666 -6.01 9.19 -1.15
C GLU I 666 -6.53 8.13 -0.17
N ILE I 667 -5.67 7.18 0.20
CA ILE I 667 -6.11 6.13 1.13
C ILE I 667 -6.45 6.72 2.49
N LYS I 668 -5.61 7.64 2.96
CA LYS I 668 -5.86 8.24 4.27
C LYS I 668 -7.14 9.08 4.26
N ASP I 669 -7.39 9.78 3.14
CA ASP I 669 -8.59 10.60 3.03
C ASP I 669 -9.84 9.78 2.75
N SER I 670 -9.69 8.53 2.30
CA SER I 670 -10.84 7.67 2.07
C SER I 670 -11.64 7.43 3.35
N GLY I 671 -10.96 7.55 4.50
CA GLY I 671 -11.63 7.51 5.79
C GLY I 671 -12.64 8.64 5.93
N LEU I 672 -13.86 8.34 6.33
CA LEU I 672 -14.88 9.36 6.53
C LEU I 672 -14.42 10.37 7.59
N LEU I 673 -13.83 9.88 8.71
CA LEU I 673 -13.43 10.76 9.78
C LEU I 673 -11.98 10.47 10.15
N ASP I 674 -11.26 11.55 10.48
CA ASP I 674 -9.91 11.47 11.00
C ASP I 674 -9.94 11.91 12.45
N TYR I 675 -9.50 11.02 13.35
CA TYR I 675 -9.52 11.36 14.77
C TYR I 675 -8.60 12.55 15.07
N THR I 676 -7.45 12.58 14.41
CA THR I 676 -6.48 13.62 14.65
C THR I 676 -7.05 14.99 14.32
N GLU I 677 -7.59 15.12 13.11
CA GLU I 677 -8.12 16.41 12.66
C GLU I 677 -9.31 16.82 13.51
N VAL I 678 -10.19 15.88 13.83
CA VAL I 678 -11.35 16.19 14.64
C VAL I 678 -10.93 16.68 16.03
N GLN I 679 -9.99 16.00 16.66
CA GLN I 679 -9.50 16.43 17.96
C GLN I 679 -8.81 17.78 17.87
N ARG I 680 -8.05 18.00 16.80
CA ARG I 680 -7.34 19.26 16.64
C ARG I 680 -8.31 20.42 16.53
N ARG I 681 -9.39 20.22 15.78
CA ARG I 681 -10.39 21.27 15.61
C ARG I 681 -11.21 21.47 16.87
N ASN I 682 -11.48 20.38 17.58
CA ASN I 682 -12.34 20.49 18.75
C ASN I 682 -11.60 21.09 19.95
N GLN I 683 -10.31 20.83 20.10
CA GLN I 683 -9.60 21.33 21.26
C GLN I 683 -9.18 22.80 21.10
N LEU I 684 -9.33 23.34 19.89
CA LEU I 684 -9.13 24.77 19.66
C LEU I 684 -10.41 25.59 19.97
N HIS I 685 -11.45 24.93 20.47
CA HIS I 685 -12.71 25.59 20.69
C HIS I 685 -12.56 26.71 21.71
N ASP I 686 -11.83 26.45 22.79
CA ASP I 686 -11.68 27.45 23.84
C ASP I 686 -10.79 28.61 23.40
N LEU I 687 -9.74 28.32 22.64
CA LEU I 687 -8.85 29.39 22.19
C LEU I 687 -9.57 30.32 21.21
N ARG I 688 -10.60 29.84 20.55
CA ARG I 688 -11.31 30.66 19.56
C ARG I 688 -12.52 31.35 20.17
N PHE I 689 -13.46 30.55 20.70
CA PHE I 689 -14.74 31.07 21.13
C PHE I 689 -14.79 31.33 22.63
N ALA I 690 -13.64 31.58 23.26
CA ALA I 690 -13.60 31.91 24.66
C ALA I 690 -12.30 32.65 24.97
N ASP I 691 -12.30 33.33 26.12
CA ASP I 691 -11.14 34.08 26.58
C ASP I 691 -10.55 33.36 27.77
N ILE I 692 -9.42 32.68 27.56
CA ILE I 692 -8.85 31.81 28.56
C ILE I 692 -8.26 32.62 29.70
N ASP I 693 -7.55 33.69 29.37
CA ASP I 693 -6.66 34.36 30.31
C ASP I 693 -7.42 35.27 31.27
N THR I 694 -8.54 35.84 30.80
CA THR I 694 -9.23 36.83 31.61
C THR I 694 -9.78 36.21 32.89
N VAL I 695 -9.62 36.93 34.00
CA VAL I 695 -10.20 36.56 35.29
C VAL I 695 -11.08 37.70 35.78
N ILE I 696 -12.35 37.38 36.07
CA ILE I 696 -13.31 38.34 36.58
C ILE I 696 -13.53 38.07 38.06
N ARG I 697 -13.30 39.11 38.87
CA ARG I 697 -13.49 39.01 40.31
C ARG I 697 -14.37 40.15 40.81
N ALA I 698 -15.38 39.80 41.61
CA ALA I 698 -16.23 40.78 42.24
C ALA I 698 -16.57 40.36 43.67
#